data_2L8K
#
_entry.id   2L8K
#
_entity_poly.entity_id   1
_entity_poly.type   'polypeptide(L)'
_entity_poly.pdbx_seq_one_letter_code
;GLTATLAALTDDDFQFLSDVLDCRAVRSAMNLRAALTSFQVAQYRNILNASLQVDRDAARSRRLMAKLADFAVEQEVTAG
DRVVVIDGLDRMAHFKDDLVLVPLTTKVVGGSRCTICDVVKEE
;
_entity_poly.pdbx_strand_id   A
#
# COMPACT_ATOMS: atom_id res chain seq x y z
N GLY A 1 -14.55 10.71 -1.19
CA GLY A 1 -15.52 9.85 -0.42
C GLY A 1 -15.36 10.01 1.07
N LEU A 2 -14.18 9.66 1.59
CA LEU A 2 -13.89 9.74 3.02
C LEU A 2 -15.08 9.28 3.88
N THR A 3 -15.96 10.22 4.21
CA THR A 3 -17.13 9.90 5.02
C THR A 3 -18.24 9.31 4.16
N ALA A 4 -18.47 9.92 3.00
CA ALA A 4 -19.49 9.46 2.08
C ALA A 4 -19.30 7.97 1.76
N THR A 5 -18.06 7.51 1.87
CA THR A 5 -17.73 6.12 1.61
C THR A 5 -17.66 5.32 2.91
N LEU A 6 -16.95 5.87 3.89
CA LEU A 6 -16.80 5.22 5.19
C LEU A 6 -16.05 3.89 5.06
N ALA A 7 -16.79 2.83 4.71
CA ALA A 7 -16.19 1.51 4.57
C ALA A 7 -16.52 0.89 3.21
N ALA A 8 -17.68 1.25 2.66
CA ALA A 8 -18.10 0.71 1.37
C ALA A 8 -17.42 1.47 0.22
N LEU A 9 -16.17 1.13 -0.04
CA LEU A 9 -15.41 1.78 -1.10
C LEU A 9 -15.89 1.32 -2.47
N THR A 10 -15.72 2.18 -3.47
CA THR A 10 -16.14 1.86 -4.83
C THR A 10 -14.98 1.28 -5.63
N ASP A 11 -15.25 0.92 -6.88
CA ASP A 11 -14.23 0.35 -7.75
C ASP A 11 -13.03 1.30 -7.89
N ASP A 12 -13.30 2.60 -7.75
CA ASP A 12 -12.26 3.61 -7.86
C ASP A 12 -11.25 3.47 -6.72
N ASP A 13 -11.75 3.31 -5.50
CA ASP A 13 -10.89 3.17 -4.33
C ASP A 13 -10.17 1.82 -4.34
N PHE A 14 -10.93 0.76 -4.58
CA PHE A 14 -10.36 -0.59 -4.62
C PHE A 14 -9.29 -0.69 -5.69
N GLN A 15 -9.38 0.14 -6.72
CA GLN A 15 -8.40 0.14 -7.80
C GLN A 15 -7.05 0.57 -7.24
N PHE A 16 -7.10 1.45 -6.25
CA PHE A 16 -5.90 1.94 -5.61
C PHE A 16 -5.27 0.84 -4.77
N LEU A 17 -6.12 0.04 -4.13
CA LEU A 17 -5.65 -1.06 -3.29
C LEU A 17 -5.01 -2.14 -4.15
N SER A 18 -5.63 -2.45 -5.28
CA SER A 18 -5.11 -3.46 -6.20
C SER A 18 -3.68 -3.13 -6.58
N ASP A 19 -3.37 -1.84 -6.66
CA ASP A 19 -2.03 -1.38 -7.00
C ASP A 19 -1.11 -1.51 -5.80
N VAL A 20 -1.64 -1.21 -4.62
CA VAL A 20 -0.86 -1.30 -3.39
C VAL A 20 -0.39 -2.74 -3.17
N LEU A 21 -1.36 -3.66 -3.17
CA LEU A 21 -1.05 -5.07 -3.00
C LEU A 21 -0.13 -5.54 -4.11
N ASP A 22 -0.22 -4.88 -5.26
CA ASP A 22 0.61 -5.23 -6.41
C ASP A 22 2.05 -4.77 -6.18
N CYS A 23 2.22 -3.71 -5.38
CA CYS A 23 3.55 -3.19 -5.08
C CYS A 23 4.50 -4.30 -4.65
N ARG A 24 5.80 -4.06 -4.81
CA ARG A 24 6.81 -5.05 -4.44
C ARG A 24 7.33 -4.80 -3.03
N ALA A 25 7.30 -3.54 -2.60
CA ALA A 25 7.77 -3.17 -1.28
C ALA A 25 6.65 -2.59 -0.43
N VAL A 26 6.63 -2.96 0.84
CA VAL A 26 5.62 -2.46 1.77
C VAL A 26 6.26 -2.14 3.12
N ARG A 27 6.38 -0.85 3.43
CA ARG A 27 6.99 -0.42 4.69
C ARG A 27 6.38 0.89 5.17
N SER A 28 6.93 1.41 6.26
CA SER A 28 6.44 2.66 6.84
C SER A 28 7.46 3.79 6.65
N ALA A 29 6.97 4.98 6.32
CA ALA A 29 7.85 6.12 6.13
C ALA A 29 8.63 6.43 7.41
N MET A 30 7.93 6.43 8.54
CA MET A 30 8.56 6.69 9.83
C MET A 30 9.76 5.75 10.04
N ASN A 31 9.71 4.60 9.39
CA ASN A 31 10.78 3.60 9.50
C ASN A 31 10.70 2.61 8.34
N LEU A 32 11.17 3.04 7.17
CA LEU A 32 11.15 2.19 5.98
C LEU A 32 12.17 1.07 6.08
N ARG A 33 13.32 1.35 6.70
CA ARG A 33 14.38 0.36 6.84
C ARG A 33 14.11 -0.59 8.00
N ALA A 34 13.15 -0.25 8.85
CA ALA A 34 12.82 -1.09 9.99
C ALA A 34 11.31 -1.26 10.15
N ALA A 35 10.86 -2.51 10.24
CA ALA A 35 9.45 -2.80 10.39
C ALA A 35 8.94 -2.32 11.75
N LEU A 36 7.64 -2.49 11.99
CA LEU A 36 7.04 -2.05 13.25
C LEU A 36 6.96 -3.21 14.24
N THR A 37 6.14 -4.20 13.90
CA THR A 37 5.96 -5.38 14.75
C THR A 37 5.04 -6.39 14.09
N SER A 38 5.06 -7.62 14.59
CA SER A 38 4.22 -8.68 14.04
C SER A 38 2.75 -8.27 14.08
N PHE A 39 2.35 -7.70 15.21
CA PHE A 39 0.96 -7.24 15.39
C PHE A 39 0.71 -5.97 14.60
N GLN A 40 1.73 -5.11 14.51
CA GLN A 40 1.62 -3.86 13.80
C GLN A 40 1.31 -4.09 12.31
N VAL A 41 2.17 -4.85 11.65
CA VAL A 41 1.99 -5.15 10.24
C VAL A 41 0.63 -5.79 9.99
N ALA A 42 0.26 -6.73 10.86
CA ALA A 42 -1.02 -7.41 10.74
C ALA A 42 -2.18 -6.44 10.95
N GLN A 43 -1.97 -5.47 11.84
CA GLN A 43 -2.98 -4.47 12.12
C GLN A 43 -3.39 -3.72 10.86
N TYR A 44 -2.39 -3.16 10.18
CA TYR A 44 -2.64 -2.43 8.93
C TYR A 44 -3.25 -3.35 7.89
N ARG A 45 -2.84 -4.61 7.93
CA ARG A 45 -3.34 -5.61 6.99
C ARG A 45 -4.83 -5.83 7.18
N ASN A 46 -5.26 -5.80 8.44
CA ASN A 46 -6.67 -6.00 8.77
C ASN A 46 -7.51 -4.81 8.29
N ILE A 47 -6.90 -3.64 8.26
CA ILE A 47 -7.60 -2.44 7.82
C ILE A 47 -8.10 -2.60 6.39
N LEU A 48 -7.18 -2.81 5.46
CA LEU A 48 -7.55 -2.99 4.06
C LEU A 48 -8.31 -4.30 3.88
N ASN A 49 -7.81 -5.36 4.51
CA ASN A 49 -8.44 -6.67 4.40
C ASN A 49 -9.91 -6.61 4.80
N ALA A 50 -10.22 -5.75 5.76
CA ALA A 50 -11.60 -5.58 6.22
C ALA A 50 -12.43 -4.84 5.19
N SER A 51 -11.78 -4.00 4.40
CA SER A 51 -12.47 -3.23 3.37
C SER A 51 -12.98 -4.16 2.27
N LEU A 52 -12.23 -5.22 2.02
CA LEU A 52 -12.57 -6.20 0.98
C LEU A 52 -13.90 -6.89 1.30
N GLN A 53 -13.99 -7.52 2.46
CA GLN A 53 -15.21 -8.23 2.87
C GLN A 53 -16.43 -7.32 2.77
N VAL A 54 -16.39 -6.22 3.52
CA VAL A 54 -17.49 -5.26 3.54
C VAL A 54 -17.85 -4.79 2.12
N ASP A 55 -16.89 -4.90 1.20
CA ASP A 55 -17.10 -4.48 -0.18
C ASP A 55 -18.41 -5.05 -0.73
N ARG A 56 -18.87 -4.50 -1.84
CA ARG A 56 -20.10 -4.96 -2.47
C ARG A 56 -19.83 -6.12 -3.43
N ASP A 57 -18.67 -6.10 -4.07
CA ASP A 57 -18.30 -7.16 -5.00
C ASP A 57 -17.53 -8.27 -4.30
N ALA A 58 -18.24 -9.34 -3.95
CA ALA A 58 -17.63 -10.48 -3.28
C ALA A 58 -16.63 -11.19 -4.18
N ALA A 59 -16.88 -11.15 -5.49
CA ALA A 59 -16.00 -11.79 -6.46
C ALA A 59 -14.67 -11.06 -6.56
N ARG A 60 -14.73 -9.74 -6.68
CA ARG A 60 -13.53 -8.92 -6.79
C ARG A 60 -12.70 -8.99 -5.50
N SER A 61 -13.40 -8.96 -4.36
CA SER A 61 -12.73 -9.02 -3.07
C SER A 61 -11.82 -10.25 -2.97
N ARG A 62 -12.24 -11.34 -3.59
CA ARG A 62 -11.46 -12.58 -3.58
C ARG A 62 -10.09 -12.37 -4.22
N ARG A 63 -10.07 -11.66 -5.34
CA ARG A 63 -8.82 -11.39 -6.05
C ARG A 63 -7.84 -10.63 -5.17
N LEU A 64 -8.29 -9.49 -4.64
CA LEU A 64 -7.44 -8.67 -3.78
C LEU A 64 -7.22 -9.35 -2.43
N MET A 65 -8.22 -10.08 -1.97
CA MET A 65 -8.12 -10.79 -0.68
C MET A 65 -6.89 -11.68 -0.65
N ALA A 66 -6.57 -12.29 -1.78
CA ALA A 66 -5.41 -13.16 -1.86
C ALA A 66 -4.13 -12.33 -2.03
N LYS A 67 -4.25 -11.20 -2.71
CA LYS A 67 -3.12 -10.32 -2.92
C LYS A 67 -2.68 -9.70 -1.59
N LEU A 68 -3.63 -9.51 -0.69
CA LEU A 68 -3.35 -8.93 0.61
C LEU A 68 -2.71 -9.96 1.52
N ALA A 69 -3.04 -11.23 1.30
CA ALA A 69 -2.48 -12.32 2.09
C ALA A 69 -0.95 -12.30 2.07
N ASP A 70 -0.39 -11.70 1.02
CA ASP A 70 1.05 -11.61 0.88
C ASP A 70 1.56 -10.20 1.23
N PHE A 71 0.72 -9.43 1.91
CA PHE A 71 1.08 -8.07 2.31
C PHE A 71 2.44 -8.05 3.01
N ALA A 72 3.33 -7.20 2.52
CA ALA A 72 4.67 -7.07 3.11
C ALA A 72 5.44 -8.38 2.98
N VAL A 73 5.39 -8.98 1.80
CA VAL A 73 6.09 -10.23 1.55
C VAL A 73 7.47 -9.98 0.95
N GLU A 74 8.40 -10.91 1.18
CA GLU A 74 9.75 -10.78 0.68
C GLU A 74 9.79 -10.95 -0.83
N GLN A 75 10.09 -9.87 -1.55
CA GLN A 75 10.17 -9.90 -3.00
C GLN A 75 11.16 -8.88 -3.52
N GLU A 76 11.69 -9.14 -4.72
CA GLU A 76 12.66 -8.23 -5.33
C GLU A 76 11.97 -7.09 -6.06
N VAL A 77 12.30 -5.87 -5.69
CA VAL A 77 11.72 -4.68 -6.32
C VAL A 77 12.42 -4.36 -7.62
N THR A 78 11.74 -3.61 -8.49
CA THR A 78 12.30 -3.25 -9.77
C THR A 78 11.71 -1.94 -10.29
N ALA A 79 12.38 -1.33 -11.26
CA ALA A 79 11.90 -0.09 -11.84
C ALA A 79 10.58 -0.32 -12.55
N GLY A 80 9.73 0.70 -12.53
CA GLY A 80 8.43 0.57 -13.15
C GLY A 80 7.37 0.18 -12.14
N ASP A 81 7.80 -0.57 -11.13
CA ASP A 81 6.90 -1.01 -10.08
C ASP A 81 6.63 0.16 -9.12
N ARG A 82 6.21 -0.14 -7.89
CA ARG A 82 5.94 0.91 -6.92
C ARG A 82 6.07 0.39 -5.49
N VAL A 83 6.46 1.29 -4.60
CA VAL A 83 6.60 0.96 -3.19
C VAL A 83 5.51 1.64 -2.38
N VAL A 84 4.67 0.84 -1.73
CA VAL A 84 3.58 1.37 -0.93
C VAL A 84 3.99 1.55 0.52
N VAL A 85 3.97 2.79 0.99
CA VAL A 85 4.35 3.10 2.36
C VAL A 85 3.11 3.23 3.25
N ILE A 86 3.12 2.54 4.38
CA ILE A 86 2.00 2.57 5.32
C ILE A 86 1.84 3.93 5.98
N ASP A 87 2.88 4.77 5.89
CA ASP A 87 2.83 6.10 6.48
C ASP A 87 2.64 7.15 5.39
N GLY A 88 3.39 7.02 4.31
CA GLY A 88 3.28 7.95 3.21
C GLY A 88 4.63 8.37 2.66
N LEU A 89 4.63 9.36 1.77
CA LEU A 89 5.86 9.86 1.18
C LEU A 89 5.56 11.02 0.23
N ASP A 90 5.89 12.23 0.65
CA ASP A 90 5.65 13.42 -0.16
C ASP A 90 6.89 13.81 -0.96
N ARG A 91 8.05 13.40 -0.48
CA ARG A 91 9.31 13.72 -1.17
C ARG A 91 10.00 12.46 -1.66
N MET A 92 10.85 12.61 -2.67
CA MET A 92 11.58 11.49 -3.25
C MET A 92 12.57 10.92 -2.23
N ALA A 93 12.73 9.61 -2.24
CA ALA A 93 13.65 8.95 -1.32
C ALA A 93 14.25 7.69 -1.92
N HIS A 94 15.54 7.46 -1.63
CA HIS A 94 16.24 6.29 -2.14
C HIS A 94 15.72 5.01 -1.49
N PHE A 95 15.83 3.90 -2.21
CA PHE A 95 15.36 2.62 -1.71
C PHE A 95 16.49 1.61 -1.61
N LYS A 96 17.43 1.63 -2.56
CA LYS A 96 18.54 0.69 -2.56
C LYS A 96 19.45 0.91 -3.76
N ASP A 97 20.68 0.40 -3.66
CA ASP A 97 21.67 0.52 -4.74
C ASP A 97 21.69 1.94 -5.32
N ASP A 98 20.82 2.20 -6.28
CA ASP A 98 20.73 3.52 -6.90
C ASP A 98 19.30 3.82 -7.36
N LEU A 99 18.34 3.06 -6.83
CA LEU A 99 16.94 3.26 -7.19
C LEU A 99 16.28 4.23 -6.22
N VAL A 100 15.64 5.26 -6.78
CA VAL A 100 14.97 6.27 -5.96
C VAL A 100 13.46 6.18 -6.10
N LEU A 101 12.76 6.41 -4.99
CA LEU A 101 11.30 6.36 -4.99
C LEU A 101 10.71 7.76 -5.05
N VAL A 102 9.86 8.02 -6.04
CA VAL A 102 9.24 9.32 -6.20
C VAL A 102 7.74 9.25 -5.89
N PRO A 103 7.20 10.24 -5.16
CA PRO A 103 5.77 10.28 -4.82
C PRO A 103 4.88 10.04 -6.03
N LEU A 104 4.01 9.04 -5.93
CA LEU A 104 3.11 8.70 -7.03
C LEU A 104 1.64 8.87 -6.64
N THR A 105 1.24 8.27 -5.52
CA THR A 105 -0.15 8.38 -5.07
C THR A 105 -0.28 8.22 -3.56
N THR A 106 -0.95 9.17 -2.94
CA THR A 106 -1.17 9.15 -1.49
C THR A 106 -2.67 9.06 -1.17
N LYS A 107 -3.03 8.02 -0.42
CA LYS A 107 -4.43 7.82 -0.05
C LYS A 107 -4.55 7.41 1.42
N VAL A 108 -5.54 7.98 2.11
CA VAL A 108 -5.76 7.67 3.52
C VAL A 108 -6.97 6.76 3.69
N VAL A 109 -6.72 5.56 4.24
CA VAL A 109 -7.79 4.60 4.46
C VAL A 109 -7.89 4.22 5.93
N GLY A 110 -9.10 4.33 6.48
CA GLY A 110 -9.30 4.00 7.88
C GLY A 110 -8.45 4.85 8.81
N GLY A 111 -8.13 6.06 8.37
CA GLY A 111 -7.31 6.95 9.18
C GLY A 111 -5.84 6.61 9.12
N SER A 112 -5.40 6.10 7.97
CA SER A 112 -4.01 5.72 7.78
C SER A 112 -3.50 6.16 6.42
N ARG A 113 -2.46 6.99 6.42
CA ARG A 113 -1.88 7.49 5.17
C ARG A 113 -1.23 6.36 4.39
N CYS A 114 -1.40 6.38 3.07
CA CYS A 114 -0.83 5.36 2.21
C CYS A 114 -0.30 5.96 0.91
N THR A 115 1.01 6.19 0.86
CA THR A 115 1.63 6.78 -0.32
C THR A 115 2.34 5.71 -1.15
N ILE A 116 2.27 5.87 -2.46
CA ILE A 116 2.91 4.95 -3.39
C ILE A 116 3.91 5.72 -4.25
N CYS A 117 5.07 5.15 -4.50
CA CYS A 117 6.10 5.82 -5.29
C CYS A 117 6.68 4.94 -6.38
N ASP A 118 6.91 5.54 -7.54
CA ASP A 118 7.49 4.82 -8.67
C ASP A 118 8.98 4.60 -8.43
N VAL A 119 9.46 3.41 -8.76
CA VAL A 119 10.87 3.09 -8.56
C VAL A 119 11.68 3.50 -9.78
N VAL A 120 12.39 4.62 -9.66
CA VAL A 120 13.20 5.14 -10.74
C VAL A 120 14.67 5.23 -10.35
N LYS A 121 15.55 4.90 -11.29
CA LYS A 121 16.98 4.94 -11.04
C LYS A 121 17.50 6.37 -11.01
N GLU A 122 18.19 6.71 -9.93
CA GLU A 122 18.75 8.06 -9.78
C GLU A 122 19.86 8.30 -10.78
N GLU A 123 19.56 9.12 -11.80
CA GLU A 123 20.54 9.44 -12.83
C GLU A 123 20.26 10.80 -13.45
N GLY A 1 -21.62 -1.35 6.54
CA GLY A 1 -20.15 -1.42 6.34
C GLY A 1 -19.38 -0.90 7.54
N LEU A 2 -18.99 0.36 7.48
CA LEU A 2 -18.23 0.99 8.56
C LEU A 2 -17.83 2.41 8.18
N THR A 3 -16.96 3.01 8.99
CA THR A 3 -16.49 4.36 8.72
C THR A 3 -15.61 4.39 7.48
N ALA A 4 -14.58 3.54 7.46
CA ALA A 4 -13.69 3.46 6.32
C ALA A 4 -14.47 3.14 5.05
N THR A 5 -15.56 2.41 5.22
CA THR A 5 -16.43 2.04 4.11
C THR A 5 -17.17 3.26 3.59
N LEU A 6 -17.85 3.96 4.50
CA LEU A 6 -18.61 5.16 4.17
C LEU A 6 -19.55 4.91 2.99
N ALA A 7 -20.75 4.41 3.29
CA ALA A 7 -21.75 4.14 2.26
C ALA A 7 -21.18 3.30 1.12
N ALA A 8 -20.29 2.36 1.46
CA ALA A 8 -19.68 1.50 0.46
C ALA A 8 -18.72 2.28 -0.41
N LEU A 9 -17.42 2.05 -0.22
CA LEU A 9 -16.41 2.74 -1.01
C LEU A 9 -16.60 2.49 -2.50
N THR A 10 -16.24 3.49 -3.30
CA THR A 10 -16.38 3.39 -4.76
C THR A 10 -15.21 2.62 -5.36
N ASP A 11 -15.28 2.37 -6.66
CA ASP A 11 -14.23 1.64 -7.36
C ASP A 11 -12.89 2.35 -7.22
N ASP A 12 -12.94 3.68 -7.08
CA ASP A 12 -11.72 4.47 -6.95
C ASP A 12 -10.90 4.03 -5.75
N ASP A 13 -11.58 3.81 -4.62
CA ASP A 13 -10.91 3.39 -3.40
C ASP A 13 -10.31 2.00 -3.57
N PHE A 14 -11.12 1.06 -4.04
CA PHE A 14 -10.67 -0.32 -4.25
C PHE A 14 -9.58 -0.37 -5.32
N GLN A 15 -9.60 0.61 -6.22
CA GLN A 15 -8.60 0.67 -7.28
C GLN A 15 -7.26 1.07 -6.69
N PHE A 16 -7.30 1.93 -5.68
CA PHE A 16 -6.10 2.37 -5.01
C PHE A 16 -5.38 1.18 -4.38
N LEU A 17 -6.17 0.24 -3.87
CA LEU A 17 -5.62 -0.95 -3.24
C LEU A 17 -4.99 -1.85 -4.29
N SER A 18 -5.58 -1.86 -5.49
CA SER A 18 -5.05 -2.67 -6.57
C SER A 18 -3.57 -2.33 -6.80
N ASP A 19 -3.25 -1.05 -6.59
CA ASP A 19 -1.88 -0.58 -6.73
C ASP A 19 -1.03 -0.97 -5.54
N VAL A 20 -1.55 -0.73 -4.33
CA VAL A 20 -0.80 -1.07 -3.11
C VAL A 20 -0.55 -2.56 -3.05
N LEU A 21 -1.58 -3.34 -3.33
CA LEU A 21 -1.45 -4.79 -3.33
C LEU A 21 -0.52 -5.22 -4.46
N ASP A 22 -0.39 -4.35 -5.47
CA ASP A 22 0.47 -4.63 -6.61
C ASP A 22 1.93 -4.39 -6.24
N CYS A 23 2.19 -3.38 -5.42
CA CYS A 23 3.54 -3.07 -4.98
C CYS A 23 4.32 -4.33 -4.61
N ARG A 24 5.64 -4.27 -4.73
CA ARG A 24 6.50 -5.41 -4.40
C ARG A 24 6.85 -5.42 -2.92
N ALA A 25 7.27 -4.27 -2.40
CA ALA A 25 7.65 -4.16 -1.00
C ALA A 25 6.73 -3.21 -0.25
N VAL A 26 6.39 -3.57 0.98
CA VAL A 26 5.53 -2.74 1.82
C VAL A 26 6.23 -2.37 3.12
N ARG A 27 6.64 -1.11 3.23
CA ARG A 27 7.32 -0.64 4.43
C ARG A 27 6.70 0.63 4.97
N SER A 28 7.30 1.19 6.01
CA SER A 28 6.81 2.42 6.62
C SER A 28 7.73 3.59 6.33
N ALA A 29 7.16 4.78 6.20
CA ALA A 29 7.94 5.98 5.91
C ALA A 29 8.76 6.39 7.14
N MET A 30 8.10 6.42 8.29
CA MET A 30 8.78 6.79 9.54
C MET A 30 10.00 5.90 9.76
N ASN A 31 9.96 4.70 9.18
CA ASN A 31 11.06 3.76 9.31
C ASN A 31 11.09 2.79 8.12
N LEU A 32 11.52 3.29 6.97
CA LEU A 32 11.58 2.48 5.76
C LEU A 32 12.75 1.51 5.81
N ARG A 33 13.71 1.77 6.69
CA ARG A 33 14.89 0.92 6.82
C ARG A 33 14.60 -0.32 7.69
N ALA A 34 13.37 -0.44 8.17
CA ALA A 34 13.01 -1.58 9.01
C ALA A 34 11.49 -1.65 9.24
N ALA A 35 11.01 -2.86 9.54
CA ALA A 35 9.58 -3.07 9.78
C ALA A 35 9.20 -2.62 11.18
N LEU A 36 7.91 -2.73 11.50
CA LEU A 36 7.44 -2.34 12.82
C LEU A 36 7.32 -3.55 13.73
N THR A 37 6.39 -4.44 13.42
CA THR A 37 6.18 -5.65 14.20
C THR A 37 5.19 -6.57 13.49
N SER A 38 5.33 -7.87 13.72
CA SER A 38 4.43 -8.86 13.11
C SER A 38 2.98 -8.46 13.34
N PHE A 39 2.66 -8.07 14.56
CA PHE A 39 1.31 -7.65 14.92
C PHE A 39 1.03 -6.26 14.37
N GLN A 40 2.06 -5.41 14.34
CA GLN A 40 1.91 -4.05 13.85
C GLN A 40 1.40 -4.05 12.41
N VAL A 41 2.14 -4.69 11.51
CA VAL A 41 1.76 -4.75 10.11
C VAL A 41 0.39 -5.40 9.96
N ALA A 42 0.08 -6.32 10.86
CA ALA A 42 -1.21 -7.01 10.85
C ALA A 42 -2.36 -6.04 11.07
N GLN A 43 -2.13 -5.06 11.96
CA GLN A 43 -3.15 -4.07 12.26
C GLN A 43 -3.58 -3.34 10.99
N TYR A 44 -2.61 -2.75 10.29
CA TYR A 44 -2.89 -2.04 9.04
C TYR A 44 -3.40 -3.00 7.98
N ARG A 45 -2.88 -4.23 8.03
CA ARG A 45 -3.28 -5.25 7.08
C ARG A 45 -4.76 -5.59 7.21
N ASN A 46 -5.26 -5.52 8.44
CA ASN A 46 -6.67 -5.81 8.72
C ASN A 46 -7.57 -4.69 8.23
N ILE A 47 -7.11 -3.44 8.40
CA ILE A 47 -7.88 -2.28 7.97
C ILE A 47 -8.30 -2.41 6.52
N LEU A 48 -7.33 -2.50 5.62
CA LEU A 48 -7.62 -2.65 4.19
C LEU A 48 -8.46 -3.89 3.94
N ASN A 49 -8.01 -5.01 4.49
CA ASN A 49 -8.71 -6.28 4.33
C ASN A 49 -10.17 -6.15 4.77
N ALA A 50 -10.41 -5.26 5.73
CA ALA A 50 -11.76 -5.04 6.25
C ALA A 50 -12.64 -4.38 5.20
N SER A 51 -12.01 -3.60 4.32
CA SER A 51 -12.74 -2.90 3.26
C SER A 51 -13.26 -3.88 2.22
N LEU A 52 -12.51 -4.96 1.99
CA LEU A 52 -12.89 -5.97 1.00
C LEU A 52 -14.15 -6.73 1.41
N GLN A 53 -14.13 -7.33 2.60
CA GLN A 53 -15.26 -8.10 3.10
C GLN A 53 -16.55 -7.29 3.09
N VAL A 54 -16.43 -5.97 3.09
CA VAL A 54 -17.61 -5.10 3.09
C VAL A 54 -17.99 -4.67 1.68
N ASP A 55 -17.56 -5.46 0.68
CA ASP A 55 -17.86 -5.16 -0.71
C ASP A 55 -18.98 -6.07 -1.22
N ARG A 56 -19.71 -5.60 -2.22
CA ARG A 56 -20.81 -6.38 -2.80
C ARG A 56 -20.28 -7.46 -3.74
N ASP A 57 -19.20 -7.14 -4.45
CA ASP A 57 -18.60 -8.08 -5.38
C ASP A 57 -17.70 -9.08 -4.65
N ALA A 58 -18.23 -10.26 -4.39
CA ALA A 58 -17.48 -11.31 -3.70
C ALA A 58 -16.31 -11.80 -4.55
N ALA A 59 -16.54 -11.90 -5.85
CA ALA A 59 -15.51 -12.35 -6.78
C ALA A 59 -14.30 -11.42 -6.75
N ARG A 60 -14.56 -10.13 -6.88
CA ARG A 60 -13.49 -9.13 -6.86
C ARG A 60 -12.79 -9.09 -5.51
N SER A 61 -13.55 -9.33 -4.45
CA SER A 61 -13.00 -9.34 -3.10
C SER A 61 -11.93 -10.39 -2.95
N ARG A 62 -12.24 -11.61 -3.38
CA ARG A 62 -11.30 -12.73 -3.30
C ARG A 62 -9.96 -12.36 -3.91
N ARG A 63 -9.99 -11.57 -4.99
CA ARG A 63 -8.78 -11.15 -5.67
C ARG A 63 -7.92 -10.28 -4.75
N LEU A 64 -8.55 -9.29 -4.13
CA LEU A 64 -7.85 -8.38 -3.22
C LEU A 64 -7.45 -9.11 -1.94
N MET A 65 -8.37 -9.90 -1.41
CA MET A 65 -8.13 -10.65 -0.18
C MET A 65 -6.90 -11.54 -0.33
N ALA A 66 -6.73 -12.11 -1.52
CA ALA A 66 -5.59 -12.97 -1.79
C ALA A 66 -4.35 -12.14 -2.07
N LYS A 67 -4.56 -10.96 -2.66
CA LYS A 67 -3.47 -10.07 -2.99
C LYS A 67 -2.87 -9.47 -1.71
N LEU A 68 -3.72 -9.27 -0.72
CA LEU A 68 -3.28 -8.72 0.56
C LEU A 68 -2.56 -9.78 1.40
N ALA A 69 -2.88 -11.04 1.13
CA ALA A 69 -2.27 -12.15 1.86
C ALA A 69 -0.74 -12.10 1.75
N ASP A 70 -0.23 -11.42 0.73
CA ASP A 70 1.21 -11.31 0.52
C ASP A 70 1.73 -9.92 0.87
N PHE A 71 0.94 -9.15 1.61
CA PHE A 71 1.35 -7.80 2.01
C PHE A 71 2.64 -7.84 2.81
N ALA A 72 3.55 -6.93 2.48
CA ALA A 72 4.83 -6.85 3.17
C ALA A 72 5.61 -8.16 3.04
N VAL A 73 5.42 -8.84 1.91
CA VAL A 73 6.11 -10.11 1.68
C VAL A 73 7.55 -9.88 1.27
N GLU A 74 8.41 -10.85 1.57
CA GLU A 74 9.83 -10.75 1.25
C GLU A 74 10.05 -10.84 -0.26
N GLN A 75 10.11 -9.68 -0.91
CA GLN A 75 10.32 -9.64 -2.36
C GLN A 75 11.26 -8.50 -2.73
N GLU A 76 11.87 -8.59 -3.91
CA GLU A 76 12.79 -7.57 -4.38
C GLU A 76 12.08 -6.61 -5.34
N VAL A 77 12.17 -5.32 -5.05
CA VAL A 77 11.55 -4.31 -5.89
C VAL A 77 12.44 -3.99 -7.09
N THR A 78 11.84 -3.39 -8.11
CA THR A 78 12.59 -3.06 -9.32
C THR A 78 12.00 -1.84 -10.01
N ALA A 79 12.78 -1.24 -10.91
CA ALA A 79 12.31 -0.07 -11.64
C ALA A 79 11.07 -0.42 -12.46
N GLY A 80 10.18 0.54 -12.59
CA GLY A 80 8.94 0.30 -13.31
C GLY A 80 7.83 -0.10 -12.35
N ASP A 81 8.21 -0.77 -11.27
CA ASP A 81 7.25 -1.20 -10.26
C ASP A 81 6.99 -0.05 -9.29
N ARG A 82 6.52 -0.36 -8.09
CA ARG A 82 6.24 0.68 -7.11
C ARG A 82 6.45 0.17 -5.68
N VAL A 83 6.49 1.10 -4.74
CA VAL A 83 6.67 0.77 -3.33
C VAL A 83 5.65 1.52 -2.49
N VAL A 84 4.85 0.77 -1.74
CA VAL A 84 3.82 1.38 -0.90
C VAL A 84 4.34 1.62 0.52
N VAL A 85 4.11 2.83 1.02
CA VAL A 85 4.55 3.21 2.36
C VAL A 85 3.35 3.33 3.30
N ILE A 86 3.36 2.55 4.38
CA ILE A 86 2.27 2.55 5.35
C ILE A 86 2.05 3.93 5.97
N ASP A 87 3.06 4.79 5.91
CA ASP A 87 2.95 6.13 6.48
C ASP A 87 2.70 7.15 5.37
N GLY A 88 3.44 7.04 4.28
CA GLY A 88 3.26 7.94 3.17
C GLY A 88 4.58 8.44 2.60
N LEU A 89 4.51 9.42 1.71
CA LEU A 89 5.70 10.00 1.10
C LEU A 89 5.32 11.14 0.15
N ASP A 90 6.29 12.01 -0.13
CA ASP A 90 6.05 13.14 -1.02
C ASP A 90 7.38 13.70 -1.54
N ARG A 91 8.29 12.82 -1.92
CA ARG A 91 9.59 13.24 -2.44
C ARG A 91 10.41 12.03 -2.87
N MET A 92 11.39 12.27 -3.74
CA MET A 92 12.26 11.20 -4.21
C MET A 92 13.07 10.62 -3.06
N ALA A 93 12.86 9.33 -2.78
CA ALA A 93 13.56 8.69 -1.68
C ALA A 93 14.26 7.41 -2.13
N HIS A 94 15.57 7.33 -1.87
CA HIS A 94 16.36 6.15 -2.24
C HIS A 94 15.77 4.89 -1.64
N PHE A 95 15.95 3.77 -2.34
CA PHE A 95 15.42 2.49 -1.88
C PHE A 95 16.51 1.42 -1.84
N LYS A 96 17.50 1.55 -2.74
CA LYS A 96 18.59 0.57 -2.80
C LYS A 96 19.57 0.93 -3.90
N ASP A 97 20.86 0.59 -3.68
CA ASP A 97 21.90 0.87 -4.66
C ASP A 97 21.80 2.30 -5.20
N ASP A 98 21.04 2.48 -6.28
CA ASP A 98 20.87 3.80 -6.87
C ASP A 98 19.44 4.00 -7.35
N LEU A 99 18.53 3.13 -6.89
CA LEU A 99 17.13 3.23 -7.27
C LEU A 99 16.34 3.94 -6.18
N VAL A 100 15.64 5.00 -6.54
CA VAL A 100 14.85 5.76 -5.57
C VAL A 100 13.36 5.58 -5.79
N LEU A 101 12.58 6.22 -4.92
CA LEU A 101 11.13 6.17 -4.99
C LEU A 101 10.56 7.57 -5.14
N VAL A 102 9.78 7.78 -6.19
CA VAL A 102 9.18 9.08 -6.44
C VAL A 102 7.70 9.08 -6.10
N PRO A 103 7.20 10.14 -5.42
CA PRO A 103 5.79 10.25 -5.06
C PRO A 103 4.87 9.92 -6.23
N LEU A 104 3.99 8.94 -6.04
CA LEU A 104 3.09 8.52 -7.09
C LEU A 104 1.63 8.71 -6.68
N THR A 105 1.27 8.20 -5.51
CA THR A 105 -0.11 8.32 -5.03
C THR A 105 -0.20 8.14 -3.52
N THR A 106 -0.76 9.13 -2.85
CA THR A 106 -0.92 9.09 -1.40
C THR A 106 -2.39 9.14 -1.02
N LYS A 107 -2.89 8.05 -0.45
CA LYS A 107 -4.29 7.97 -0.05
C LYS A 107 -4.41 7.35 1.35
N VAL A 108 -5.44 7.78 2.09
CA VAL A 108 -5.66 7.26 3.44
C VAL A 108 -6.87 6.34 3.47
N VAL A 109 -6.69 5.15 4.04
CA VAL A 109 -7.76 4.17 4.14
C VAL A 109 -7.91 3.66 5.57
N GLY A 110 -9.06 3.94 6.17
CA GLY A 110 -9.32 3.51 7.54
C GLY A 110 -8.64 4.38 8.58
N GLY A 111 -7.97 5.44 8.12
CA GLY A 111 -7.30 6.33 9.03
C GLY A 111 -5.79 6.14 9.04
N SER A 112 -5.25 5.68 7.92
CA SER A 112 -3.81 5.45 7.80
C SER A 112 -3.31 5.88 6.42
N ARG A 113 -2.39 6.83 6.41
CA ARG A 113 -1.82 7.34 5.17
C ARG A 113 -1.16 6.22 4.37
N CYS A 114 -1.32 6.25 3.06
CA CYS A 114 -0.74 5.24 2.19
C CYS A 114 -0.20 5.87 0.91
N THR A 115 1.12 6.01 0.82
CA THR A 115 1.74 6.61 -0.36
C THR A 115 2.50 5.55 -1.16
N ILE A 116 2.43 5.66 -2.49
CA ILE A 116 3.13 4.74 -3.37
C ILE A 116 4.05 5.53 -4.27
N CYS A 117 5.22 4.97 -4.54
CA CYS A 117 6.19 5.67 -5.36
C CYS A 117 6.83 4.77 -6.41
N ASP A 118 6.99 5.32 -7.62
CA ASP A 118 7.62 4.59 -8.71
C ASP A 118 9.11 4.43 -8.44
N VAL A 119 9.64 3.25 -8.74
CA VAL A 119 11.05 2.98 -8.52
C VAL A 119 11.88 3.42 -9.73
N VAL A 120 12.72 4.42 -9.54
CA VAL A 120 13.54 4.93 -10.64
C VAL A 120 14.99 5.10 -10.22
N LYS A 121 15.90 4.95 -11.17
CA LYS A 121 17.32 5.09 -10.90
C LYS A 121 17.71 6.54 -10.71
N GLU A 122 18.69 6.79 -9.84
CA GLU A 122 19.16 8.14 -9.57
C GLU A 122 19.85 8.74 -10.80
N GLU A 123 19.40 9.94 -11.18
CA GLU A 123 19.97 10.62 -12.34
C GLU A 123 19.90 12.14 -12.16
N GLY A 1 -13.45 1.40 9.90
CA GLY A 1 -13.91 2.57 9.12
C GLY A 1 -15.05 3.32 9.79
N LEU A 2 -15.15 4.61 9.53
CA LEU A 2 -16.21 5.43 10.12
C LEU A 2 -16.37 6.75 9.35
N THR A 3 -17.57 6.98 8.84
CA THR A 3 -17.88 8.18 8.08
C THR A 3 -17.02 8.28 6.82
N ALA A 4 -15.76 8.65 6.99
CA ALA A 4 -14.83 8.77 5.87
C ALA A 4 -14.84 7.51 5.00
N THR A 5 -15.05 6.36 5.64
CA THR A 5 -15.09 5.09 4.94
C THR A 5 -16.46 4.87 4.27
N LEU A 6 -17.49 5.45 4.86
CA LEU A 6 -18.85 5.33 4.33
C LEU A 6 -19.29 3.88 4.31
N ALA A 7 -20.56 3.66 4.00
CA ALA A 7 -21.11 2.30 3.94
C ALA A 7 -20.50 1.51 2.79
N ALA A 8 -20.17 2.21 1.72
CA ALA A 8 -19.58 1.57 0.54
C ALA A 8 -18.62 2.52 -0.17
N LEU A 9 -17.35 2.14 -0.24
CA LEU A 9 -16.34 2.96 -0.91
C LEU A 9 -16.49 2.89 -2.42
N THR A 10 -15.95 3.89 -3.10
CA THR A 10 -16.03 3.95 -4.56
C THR A 10 -15.02 2.99 -5.19
N ASP A 11 -15.07 2.89 -6.52
CA ASP A 11 -14.16 2.01 -7.25
C ASP A 11 -12.71 2.44 -7.05
N ASP A 12 -12.50 3.74 -6.90
CA ASP A 12 -11.16 4.27 -6.71
C ASP A 12 -10.52 3.70 -5.44
N ASP A 13 -11.36 3.41 -4.45
CA ASP A 13 -10.87 2.86 -3.19
C ASP A 13 -10.33 1.45 -3.39
N PHE A 14 -11.13 0.60 -4.01
CA PHE A 14 -10.74 -0.78 -4.26
C PHE A 14 -9.65 -0.85 -5.32
N GLN A 15 -9.61 0.15 -6.20
CA GLN A 15 -8.61 0.21 -7.25
C GLN A 15 -7.27 0.59 -6.66
N PHE A 16 -7.31 1.43 -5.63
CA PHE A 16 -6.11 1.87 -4.95
C PHE A 16 -5.39 0.67 -4.34
N LEU A 17 -6.17 -0.28 -3.83
CA LEU A 17 -5.62 -1.48 -3.22
C LEU A 17 -4.94 -2.36 -4.26
N SER A 18 -5.50 -2.35 -5.47
CA SER A 18 -4.91 -3.14 -6.55
C SER A 18 -3.45 -2.74 -6.75
N ASP A 19 -3.19 -1.45 -6.56
CA ASP A 19 -1.84 -0.91 -6.68
C ASP A 19 -1.00 -1.24 -5.45
N VAL A 20 -1.56 -1.00 -4.26
CA VAL A 20 -0.82 -1.27 -3.03
C VAL A 20 -0.53 -2.76 -2.90
N LEU A 21 -1.44 -3.58 -3.40
CA LEU A 21 -1.27 -5.03 -3.38
C LEU A 21 -0.34 -5.45 -4.50
N ASP A 22 -0.10 -4.53 -5.44
CA ASP A 22 0.77 -4.81 -6.58
C ASP A 22 2.20 -4.35 -6.29
N CYS A 23 2.35 -3.39 -5.37
CA CYS A 23 3.67 -2.87 -5.02
C CYS A 23 4.66 -4.02 -4.77
N ARG A 24 5.93 -3.67 -4.62
CA ARG A 24 6.97 -4.67 -4.39
C ARG A 24 7.47 -4.62 -2.94
N ALA A 25 7.42 -3.43 -2.34
CA ALA A 25 7.87 -3.26 -0.97
C ALA A 25 6.84 -2.51 -0.13
N VAL A 26 6.73 -2.90 1.14
CA VAL A 26 5.80 -2.26 2.06
C VAL A 26 6.49 -1.94 3.38
N ARG A 27 6.65 -0.65 3.66
CA ARG A 27 7.32 -0.22 4.89
C ARG A 27 6.92 1.21 5.25
N SER A 28 6.67 1.43 6.54
CA SER A 28 6.29 2.75 7.03
C SER A 28 7.46 3.72 6.96
N ALA A 29 7.17 4.98 6.63
CA ALA A 29 8.21 6.00 6.52
C ALA A 29 8.97 6.15 7.84
N MET A 30 8.23 6.13 8.95
CA MET A 30 8.84 6.27 10.27
C MET A 30 9.98 5.27 10.46
N ASN A 31 9.87 4.13 9.78
CA ASN A 31 10.88 3.09 9.86
C ASN A 31 10.90 2.26 8.58
N LEU A 32 11.28 2.89 7.47
CA LEU A 32 11.34 2.20 6.19
C LEU A 32 12.37 1.08 6.19
N ARG A 33 13.29 1.12 7.15
CA ARG A 33 14.33 0.10 7.24
C ARG A 33 14.00 -0.95 8.30
N ALA A 34 12.76 -0.96 8.79
CA ALA A 34 12.36 -1.93 9.80
C ALA A 34 10.84 -2.02 9.91
N ALA A 35 10.34 -3.24 10.12
CA ALA A 35 8.91 -3.47 10.25
C ALA A 35 8.43 -3.11 11.66
N LEU A 36 7.12 -3.23 11.88
CA LEU A 36 6.54 -2.92 13.18
C LEU A 36 6.51 -4.15 14.08
N THR A 37 5.68 -5.12 13.70
CA THR A 37 5.56 -6.36 14.47
C THR A 37 4.71 -7.37 13.70
N SER A 38 4.74 -8.62 14.16
CA SER A 38 3.97 -9.68 13.53
C SER A 38 2.48 -9.33 13.48
N PHE A 39 1.93 -8.99 14.64
CA PHE A 39 0.52 -8.62 14.74
C PHE A 39 0.29 -7.22 14.17
N GLN A 40 1.28 -6.35 14.36
CA GLN A 40 1.18 -4.97 13.87
C GLN A 40 0.89 -4.94 12.37
N VAL A 41 1.71 -5.64 11.60
CA VAL A 41 1.53 -5.70 10.16
C VAL A 41 0.12 -6.18 9.80
N ALA A 42 -0.34 -7.19 10.52
CA ALA A 42 -1.67 -7.75 10.29
C ALA A 42 -2.75 -6.72 10.62
N GLN A 43 -2.50 -5.93 11.66
CA GLN A 43 -3.44 -4.89 12.07
C GLN A 43 -3.74 -3.94 10.92
N TYR A 44 -2.67 -3.49 10.26
CA TYR A 44 -2.81 -2.58 9.13
C TYR A 44 -3.45 -3.31 7.95
N ARG A 45 -3.05 -4.56 7.75
CA ARG A 45 -3.59 -5.36 6.66
C ARG A 45 -5.09 -5.59 6.88
N ASN A 46 -5.50 -5.66 8.13
CA ASN A 46 -6.91 -5.87 8.47
C ASN A 46 -7.73 -4.64 8.08
N ILE A 47 -7.12 -3.47 8.18
CA ILE A 47 -7.81 -2.22 7.83
C ILE A 47 -8.27 -2.26 6.38
N LEU A 48 -7.32 -2.39 5.46
CA LEU A 48 -7.63 -2.43 4.05
C LEU A 48 -8.46 -3.67 3.73
N ASN A 49 -8.05 -4.80 4.30
CA ASN A 49 -8.76 -6.07 4.09
C ASN A 49 -10.24 -5.91 4.40
N ALA A 50 -10.55 -5.02 5.35
CA ALA A 50 -11.92 -4.77 5.75
C ALA A 50 -12.65 -3.91 4.72
N SER A 51 -11.90 -3.09 4.00
CA SER A 51 -12.47 -2.20 2.99
C SER A 51 -12.92 -2.95 1.74
N LEU A 52 -12.19 -3.99 1.37
CA LEU A 52 -12.51 -4.77 0.18
C LEU A 52 -13.72 -5.68 0.38
N GLN A 53 -13.68 -6.50 1.43
CA GLN A 53 -14.77 -7.43 1.72
C GLN A 53 -16.14 -6.78 1.64
N VAL A 54 -16.20 -5.47 1.84
CA VAL A 54 -17.46 -4.74 1.78
C VAL A 54 -17.74 -4.21 0.38
N ASP A 55 -17.12 -4.83 -0.63
CA ASP A 55 -17.31 -4.41 -2.02
C ASP A 55 -18.61 -4.98 -2.57
N ARG A 56 -19.03 -4.48 -3.73
CA ARG A 56 -20.26 -4.94 -4.37
C ARG A 56 -20.10 -6.37 -4.88
N ASP A 57 -18.89 -6.70 -5.34
CA ASP A 57 -18.60 -8.03 -5.86
C ASP A 57 -17.74 -8.83 -4.89
N ALA A 58 -18.34 -9.84 -4.27
CA ALA A 58 -17.62 -10.68 -3.31
C ALA A 58 -16.53 -11.49 -4.00
N ALA A 59 -16.78 -11.89 -5.24
CA ALA A 59 -15.82 -12.67 -6.00
C ALA A 59 -14.50 -11.92 -6.15
N ARG A 60 -14.59 -10.63 -6.48
CA ARG A 60 -13.40 -9.80 -6.65
C ARG A 60 -12.72 -9.55 -5.32
N SER A 61 -13.52 -9.47 -4.25
CA SER A 61 -12.98 -9.24 -2.91
C SER A 61 -12.05 -10.36 -2.49
N ARG A 62 -12.41 -11.59 -2.86
CA ARG A 62 -11.61 -12.75 -2.51
C ARG A 62 -10.20 -12.64 -3.10
N ARG A 63 -10.12 -12.13 -4.33
CA ARG A 63 -8.84 -11.97 -5.01
C ARG A 63 -7.92 -11.06 -4.22
N LEU A 64 -8.48 -9.98 -3.65
CA LEU A 64 -7.71 -9.03 -2.87
C LEU A 64 -7.26 -9.65 -1.56
N MET A 65 -8.13 -10.48 -0.96
CA MET A 65 -7.82 -11.12 0.30
C MET A 65 -6.57 -11.99 0.17
N ALA A 66 -6.40 -12.60 -0.99
CA ALA A 66 -5.23 -13.45 -1.25
C ALA A 66 -4.01 -12.60 -1.56
N LYS A 67 -4.26 -11.47 -2.22
CA LYS A 67 -3.18 -10.55 -2.58
C LYS A 67 -2.58 -9.92 -1.33
N LEU A 68 -3.43 -9.74 -0.31
CA LEU A 68 -2.99 -9.15 0.94
C LEU A 68 -2.20 -10.17 1.77
N ALA A 69 -2.51 -11.46 1.56
CA ALA A 69 -1.82 -12.52 2.28
C ALA A 69 -0.31 -12.44 2.08
N ASP A 70 0.10 -11.82 0.97
CA ASP A 70 1.51 -11.68 0.66
C ASP A 70 1.99 -10.24 0.90
N PHE A 71 1.20 -9.48 1.65
CA PHE A 71 1.55 -8.10 1.96
C PHE A 71 2.87 -8.01 2.71
N ALA A 72 3.76 -7.15 2.24
CA ALA A 72 5.07 -6.98 2.87
C ALA A 72 5.87 -8.28 2.83
N VAL A 73 6.24 -8.70 1.63
CA VAL A 73 7.01 -9.93 1.45
C VAL A 73 8.48 -9.61 1.16
N GLU A 74 9.36 -10.56 1.47
CA GLU A 74 10.78 -10.40 1.24
C GLU A 74 11.12 -10.58 -0.24
N GLN A 75 11.08 -9.47 -0.98
CA GLN A 75 11.38 -9.51 -2.41
C GLN A 75 12.15 -8.26 -2.82
N GLU A 76 12.84 -8.34 -3.97
CA GLU A 76 13.61 -7.22 -4.47
C GLU A 76 12.76 -6.33 -5.37
N VAL A 77 12.70 -5.05 -5.04
CA VAL A 77 11.93 -4.10 -5.83
C VAL A 77 12.71 -3.64 -7.05
N THR A 78 12.00 -3.47 -8.15
CA THR A 78 12.62 -3.05 -9.40
C THR A 78 12.00 -1.75 -9.92
N ALA A 79 12.72 -1.08 -10.82
CA ALA A 79 12.22 0.16 -11.39
C ALA A 79 10.95 -0.10 -12.17
N GLY A 80 10.07 0.89 -12.22
CA GLY A 80 8.81 0.73 -12.90
C GLY A 80 7.73 0.27 -11.96
N ASP A 81 8.13 -0.51 -10.94
CA ASP A 81 7.21 -1.01 -9.93
C ASP A 81 6.84 0.12 -8.98
N ARG A 82 6.38 -0.22 -7.78
CA ARG A 82 6.00 0.79 -6.80
C ARG A 82 6.21 0.29 -5.38
N VAL A 83 6.35 1.23 -4.46
CA VAL A 83 6.54 0.92 -3.05
C VAL A 83 5.51 1.64 -2.19
N VAL A 84 4.71 0.87 -1.47
CA VAL A 84 3.68 1.45 -0.61
C VAL A 84 4.19 1.66 0.81
N VAL A 85 4.21 2.92 1.25
CA VAL A 85 4.67 3.23 2.59
C VAL A 85 3.49 3.30 3.56
N ILE A 86 3.64 2.66 4.71
CA ILE A 86 2.58 2.63 5.70
C ILE A 86 2.34 4.02 6.32
N ASP A 87 3.32 4.91 6.16
CA ASP A 87 3.20 6.26 6.70
C ASP A 87 2.92 7.24 5.57
N GLY A 88 3.64 7.10 4.46
CA GLY A 88 3.43 7.97 3.32
C GLY A 88 4.75 8.42 2.70
N LEU A 89 4.65 9.34 1.74
CA LEU A 89 5.83 9.88 1.06
C LEU A 89 5.42 10.95 0.05
N ASP A 90 6.16 12.04 0.02
CA ASP A 90 5.86 13.14 -0.91
C ASP A 90 7.13 13.73 -1.50
N ARG A 91 8.03 12.87 -1.98
CA ARG A 91 9.28 13.32 -2.58
C ARG A 91 10.12 12.14 -3.06
N MET A 92 11.06 12.41 -3.95
CA MET A 92 11.93 11.37 -4.48
C MET A 92 12.85 10.84 -3.40
N ALA A 93 12.81 9.54 -3.17
CA ALA A 93 13.64 8.92 -2.14
C ALA A 93 14.34 7.66 -2.63
N HIS A 94 15.66 7.63 -2.48
CA HIS A 94 16.45 6.47 -2.89
C HIS A 94 16.01 5.21 -2.16
N PHE A 95 16.07 4.08 -2.85
CA PHE A 95 15.69 2.81 -2.27
C PHE A 95 16.83 1.78 -2.36
N LYS A 96 17.70 1.93 -3.35
CA LYS A 96 18.82 1.01 -3.51
C LYS A 96 19.67 1.39 -4.72
N ASP A 97 20.98 1.19 -4.60
CA ASP A 97 21.92 1.51 -5.68
C ASP A 97 21.67 2.91 -6.24
N ASP A 98 20.81 3.01 -7.24
CA ASP A 98 20.48 4.30 -7.84
C ASP A 98 18.99 4.40 -8.16
N LEU A 99 18.20 3.46 -7.64
CA LEU A 99 16.76 3.48 -7.87
C LEU A 99 16.06 4.19 -6.72
N VAL A 100 15.31 5.24 -7.05
CA VAL A 100 14.60 6.00 -6.04
C VAL A 100 13.10 5.80 -6.15
N LEU A 101 12.39 6.39 -5.19
CA LEU A 101 10.94 6.29 -5.15
C LEU A 101 10.32 7.67 -5.29
N VAL A 102 9.46 7.86 -6.28
CA VAL A 102 8.81 9.14 -6.50
C VAL A 102 7.35 9.08 -6.08
N PRO A 103 6.86 10.11 -5.36
CA PRO A 103 5.48 10.17 -4.91
C PRO A 103 4.50 9.84 -6.05
N LEU A 104 3.66 8.84 -5.83
CA LEU A 104 2.71 8.43 -6.85
C LEU A 104 1.27 8.60 -6.39
N THR A 105 0.94 8.06 -5.21
CA THR A 105 -0.42 8.17 -4.70
C THR A 105 -0.48 8.05 -3.19
N THR A 106 -1.14 9.02 -2.55
CA THR A 106 -1.28 9.03 -1.10
C THR A 106 -2.76 8.94 -0.71
N LYS A 107 -3.17 7.76 -0.24
CA LYS A 107 -4.56 7.55 0.16
C LYS A 107 -4.64 7.12 1.62
N VAL A 108 -5.43 7.83 2.40
CA VAL A 108 -5.61 7.51 3.82
C VAL A 108 -6.58 6.35 3.99
N VAL A 109 -6.23 5.43 4.89
CA VAL A 109 -7.08 4.29 5.16
C VAL A 109 -7.19 4.01 6.66
N GLY A 110 -8.40 4.11 7.18
CA GLY A 110 -8.62 3.87 8.60
C GLY A 110 -7.81 4.80 9.47
N GLY A 111 -7.78 6.07 9.11
CA GLY A 111 -7.03 7.05 9.89
C GLY A 111 -5.53 6.85 9.77
N SER A 112 -5.09 6.27 8.66
CA SER A 112 -3.67 6.02 8.43
C SER A 112 -3.28 6.43 7.01
N ARG A 113 -2.09 7.02 6.88
CA ARG A 113 -1.60 7.45 5.57
C ARG A 113 -0.98 6.28 4.81
N CYS A 114 -1.23 6.25 3.51
CA CYS A 114 -0.69 5.19 2.66
C CYS A 114 -0.25 5.76 1.31
N THR A 115 1.03 6.09 1.20
CA THR A 115 1.56 6.65 -0.04
C THR A 115 2.29 5.59 -0.85
N ILE A 116 2.17 5.69 -2.18
CA ILE A 116 2.85 4.77 -3.08
C ILE A 116 3.75 5.56 -4.02
N CYS A 117 4.95 5.06 -4.26
CA CYS A 117 5.89 5.76 -5.12
C CYS A 117 6.47 4.88 -6.22
N ASP A 118 6.64 5.46 -7.40
CA ASP A 118 7.20 4.73 -8.53
C ASP A 118 8.71 4.57 -8.34
N VAL A 119 9.23 3.41 -8.73
CA VAL A 119 10.65 3.14 -8.60
C VAL A 119 11.38 3.50 -9.88
N VAL A 120 12.19 4.56 -9.81
CA VAL A 120 12.93 5.01 -10.99
C VAL A 120 14.40 5.26 -10.66
N LYS A 121 15.26 5.09 -11.66
CA LYS A 121 16.69 5.28 -11.49
C LYS A 121 17.03 6.77 -11.39
N GLU A 122 18.09 7.08 -10.67
CA GLU A 122 18.53 8.46 -10.49
C GLU A 122 19.09 9.02 -11.79
N GLU A 123 18.32 9.87 -12.47
CA GLU A 123 18.74 10.47 -13.72
C GLU A 123 18.53 11.98 -13.70
N GLY A 1 -20.01 4.51 9.31
CA GLY A 1 -18.91 4.95 8.41
C GLY A 1 -18.34 6.30 8.81
N LEU A 2 -19.14 7.11 9.46
CA LEU A 2 -18.71 8.44 9.89
C LEU A 2 -18.28 9.29 8.71
N THR A 3 -18.00 10.57 8.97
CA THR A 3 -17.58 11.49 7.91
C THR A 3 -16.42 10.91 7.11
N ALA A 4 -15.53 10.20 7.81
CA ALA A 4 -14.38 9.58 7.18
C ALA A 4 -14.78 8.74 5.97
N THR A 5 -16.02 8.25 5.99
CA THR A 5 -16.52 7.43 4.90
C THR A 5 -16.48 8.19 3.58
N LEU A 6 -16.46 9.52 3.67
CA LEU A 6 -16.41 10.37 2.49
C LEU A 6 -17.65 10.16 1.61
N ALA A 7 -18.76 9.85 2.25
CA ALA A 7 -20.02 9.62 1.54
C ALA A 7 -19.88 8.47 0.55
N ALA A 8 -19.57 7.28 1.06
CA ALA A 8 -19.41 6.10 0.23
C ALA A 8 -18.13 6.18 -0.60
N LEU A 9 -17.16 5.35 -0.27
CA LEU A 9 -15.89 5.33 -0.98
C LEU A 9 -16.11 5.07 -2.47
N THR A 10 -15.35 5.79 -3.30
CA THR A 10 -15.46 5.65 -4.74
C THR A 10 -14.68 4.42 -5.23
N ASP A 11 -14.78 4.14 -6.52
CA ASP A 11 -14.10 3.00 -7.11
C ASP A 11 -12.59 3.13 -6.94
N ASP A 12 -12.10 4.37 -6.90
CA ASP A 12 -10.68 4.63 -6.74
C ASP A 12 -10.15 4.00 -5.45
N ASP A 13 -11.01 3.93 -4.45
CA ASP A 13 -10.63 3.35 -3.16
C ASP A 13 -10.29 1.87 -3.31
N PHE A 14 -11.20 1.12 -3.92
CA PHE A 14 -10.99 -0.31 -4.12
C PHE A 14 -9.96 -0.56 -5.22
N GLN A 15 -9.84 0.37 -6.15
CA GLN A 15 -8.87 0.25 -7.23
C GLN A 15 -7.48 0.55 -6.70
N PHE A 16 -7.40 1.49 -5.78
CA PHE A 16 -6.13 1.87 -5.18
C PHE A 16 -5.55 0.70 -4.41
N LEU A 17 -6.43 -0.07 -3.77
CA LEU A 17 -6.01 -1.23 -3.00
C LEU A 17 -5.35 -2.27 -3.91
N SER A 18 -5.89 -2.43 -5.12
CA SER A 18 -5.32 -3.38 -6.07
C SER A 18 -3.87 -3.02 -6.31
N ASP A 19 -3.58 -1.72 -6.27
CA ASP A 19 -2.24 -1.21 -6.46
C ASP A 19 -1.38 -1.39 -5.22
N VAL A 20 -1.91 -0.99 -4.05
CA VAL A 20 -1.16 -1.10 -2.81
C VAL A 20 -0.68 -2.53 -2.57
N LEU A 21 -1.45 -3.50 -3.07
CA LEU A 21 -1.10 -4.91 -2.92
C LEU A 21 -0.15 -5.35 -4.03
N ASP A 22 -0.35 -4.80 -5.22
CA ASP A 22 0.50 -5.13 -6.37
C ASP A 22 1.95 -4.76 -6.09
N CYS A 23 2.17 -3.86 -5.13
CA CYS A 23 3.51 -3.42 -4.78
C CYS A 23 4.40 -4.60 -4.41
N ARG A 24 5.70 -4.38 -4.41
CA ARG A 24 6.66 -5.42 -4.08
C ARG A 24 7.13 -5.32 -2.64
N ALA A 25 7.19 -4.09 -2.13
CA ALA A 25 7.62 -3.85 -0.76
C ALA A 25 6.61 -3.01 0.01
N VAL A 26 6.47 -3.30 1.30
CA VAL A 26 5.55 -2.57 2.16
C VAL A 26 6.22 -2.15 3.46
N ARG A 27 6.50 -0.87 3.59
CA ARG A 27 7.16 -0.34 4.78
C ARG A 27 6.56 1.00 5.19
N SER A 28 7.15 1.61 6.21
CA SER A 28 6.68 2.90 6.72
C SER A 28 7.70 4.00 6.42
N ALA A 29 7.20 5.20 6.14
CA ALA A 29 8.07 6.33 5.85
C ALA A 29 8.88 6.70 7.08
N MET A 30 8.24 6.70 8.24
CA MET A 30 8.90 7.03 9.50
C MET A 30 10.08 6.09 9.74
N ASN A 31 10.00 4.88 9.19
CA ASN A 31 11.06 3.90 9.35
C ASN A 31 11.06 2.92 8.18
N LEU A 32 11.47 3.40 7.01
CA LEU A 32 11.51 2.58 5.81
C LEU A 32 12.66 1.56 5.89
N ARG A 33 13.61 1.81 6.79
CA ARG A 33 14.75 0.92 6.96
C ARG A 33 14.37 -0.35 7.72
N ALA A 34 13.36 -0.24 8.58
CA ALA A 34 12.91 -1.38 9.37
C ALA A 34 11.39 -1.40 9.53
N ALA A 35 10.81 -2.60 9.53
CA ALA A 35 9.37 -2.76 9.67
C ALA A 35 8.96 -2.66 11.12
N LEU A 36 7.66 -2.74 11.38
CA LEU A 36 7.14 -2.66 12.74
C LEU A 36 7.15 -4.01 13.42
N THR A 37 6.31 -4.92 12.91
CA THR A 37 6.23 -6.27 13.46
C THR A 37 5.13 -7.06 12.76
N SER A 38 5.14 -8.38 12.94
CA SER A 38 4.15 -9.25 12.33
C SER A 38 2.74 -8.80 12.69
N PHE A 39 2.52 -8.50 13.97
CA PHE A 39 1.23 -8.05 14.45
C PHE A 39 0.98 -6.60 14.03
N GLN A 40 2.04 -5.80 14.01
CA GLN A 40 1.94 -4.41 13.63
C GLN A 40 1.41 -4.26 12.20
N VAL A 41 1.98 -5.04 11.29
CA VAL A 41 1.57 -5.00 9.90
C VAL A 41 0.18 -5.62 9.71
N ALA A 42 -0.08 -6.69 10.45
CA ALA A 42 -1.37 -7.37 10.37
C ALA A 42 -2.51 -6.44 10.76
N GLN A 43 -2.28 -5.65 11.80
CA GLN A 43 -3.29 -4.71 12.28
C GLN A 43 -3.71 -3.76 11.16
N TYR A 44 -2.74 -3.33 10.36
CA TYR A 44 -3.00 -2.43 9.25
C TYR A 44 -3.66 -3.18 8.10
N ARG A 45 -3.22 -4.42 7.87
CA ARG A 45 -3.77 -5.25 6.81
C ARG A 45 -5.27 -5.46 7.01
N ASN A 46 -5.65 -5.80 8.24
CA ASN A 46 -7.05 -6.04 8.57
C ASN A 46 -7.89 -4.78 8.36
N ILE A 47 -7.30 -3.62 8.59
CA ILE A 47 -8.01 -2.35 8.43
C ILE A 47 -8.54 -2.20 7.01
N LEU A 48 -7.65 -2.18 6.02
CA LEU A 48 -8.06 -2.05 4.64
C LEU A 48 -8.78 -3.30 4.17
N ASN A 49 -8.30 -4.46 4.62
CA ASN A 49 -8.92 -5.73 4.26
C ASN A 49 -10.38 -5.72 4.68
N ALA A 50 -10.66 -5.04 5.78
CA ALA A 50 -12.02 -4.92 6.29
C ALA A 50 -12.84 -4.01 5.39
N SER A 51 -12.15 -3.09 4.72
CA SER A 51 -12.79 -2.14 3.81
C SER A 51 -13.28 -2.82 2.54
N LEU A 52 -12.48 -3.74 2.00
CA LEU A 52 -12.85 -4.45 0.80
C LEU A 52 -13.89 -5.52 1.08
N GLN A 53 -13.92 -5.97 2.33
CA GLN A 53 -14.84 -6.99 2.78
C GLN A 53 -16.27 -6.68 2.36
N VAL A 54 -16.65 -5.44 2.57
CA VAL A 54 -17.99 -4.99 2.25
C VAL A 54 -18.13 -4.52 0.81
N ASP A 55 -17.21 -4.97 -0.05
CA ASP A 55 -17.25 -4.58 -1.47
C ASP A 55 -18.37 -5.30 -2.19
N ARG A 56 -19.05 -4.58 -3.08
CA ARG A 56 -20.16 -5.14 -3.85
C ARG A 56 -19.67 -6.26 -4.76
N ASP A 57 -18.43 -6.16 -5.22
CA ASP A 57 -17.84 -7.17 -6.09
C ASP A 57 -17.12 -8.24 -5.28
N ALA A 58 -17.77 -9.38 -5.10
CA ALA A 58 -17.19 -10.49 -4.35
C ALA A 58 -15.98 -11.07 -5.08
N ALA A 59 -16.07 -11.16 -6.40
CA ALA A 59 -14.99 -11.71 -7.20
C ALA A 59 -13.72 -10.89 -7.02
N ARG A 60 -13.83 -9.57 -7.17
CA ARG A 60 -12.69 -8.67 -7.03
C ARG A 60 -12.23 -8.62 -5.58
N SER A 61 -13.18 -8.72 -4.65
CA SER A 61 -12.87 -8.68 -3.22
C SER A 61 -11.91 -9.80 -2.84
N ARG A 62 -12.23 -11.02 -3.26
CA ARG A 62 -11.39 -12.17 -2.96
C ARG A 62 -9.96 -11.96 -3.47
N ARG A 63 -9.84 -11.29 -4.61
CA ARG A 63 -8.54 -11.01 -5.20
C ARG A 63 -7.68 -10.19 -4.24
N LEU A 64 -8.28 -9.18 -3.63
CA LEU A 64 -7.57 -8.32 -2.70
C LEU A 64 -7.25 -9.07 -1.40
N MET A 65 -8.15 -9.97 -1.01
CA MET A 65 -7.96 -10.76 0.20
C MET A 65 -6.77 -11.68 0.07
N ALA A 66 -6.51 -12.15 -1.15
CA ALA A 66 -5.38 -13.04 -1.39
C ALA A 66 -4.09 -12.25 -1.51
N LYS A 67 -4.17 -11.10 -2.15
CA LYS A 67 -3.01 -10.24 -2.32
C LYS A 67 -2.67 -9.54 -1.01
N LEU A 68 -3.71 -9.15 -0.28
CA LEU A 68 -3.52 -8.47 1.00
C LEU A 68 -3.14 -9.48 2.09
N ALA A 69 -3.44 -10.76 1.85
CA ALA A 69 -3.13 -11.81 2.81
C ALA A 69 -1.65 -11.80 3.16
N ASP A 70 -0.82 -11.32 2.24
CA ASP A 70 0.62 -11.26 2.46
C ASP A 70 1.07 -9.81 2.62
N PHE A 71 0.42 -8.91 1.89
CA PHE A 71 0.74 -7.48 1.93
C PHE A 71 2.25 -7.24 1.80
N ALA A 72 2.96 -7.29 2.92
CA ALA A 72 4.40 -7.07 2.92
C ALA A 72 5.16 -8.38 2.67
N VAL A 73 5.39 -8.68 1.40
CA VAL A 73 6.10 -9.90 1.03
C VAL A 73 7.54 -9.61 0.64
N GLU A 74 8.45 -10.48 1.06
CA GLU A 74 9.87 -10.31 0.75
C GLU A 74 10.14 -10.58 -0.72
N GLN A 75 10.05 -9.54 -1.54
CA GLN A 75 10.28 -9.65 -2.98
C GLN A 75 11.19 -8.54 -3.47
N GLU A 76 12.10 -8.88 -4.37
CA GLU A 76 13.03 -7.90 -4.93
C GLU A 76 12.28 -6.85 -5.74
N VAL A 77 12.44 -5.58 -5.37
CA VAL A 77 11.78 -4.50 -6.07
C VAL A 77 12.55 -4.11 -7.32
N THR A 78 11.86 -3.53 -8.28
CA THR A 78 12.48 -3.15 -9.54
C THR A 78 11.88 -1.87 -10.10
N ALA A 79 12.60 -1.24 -11.03
CA ALA A 79 12.13 -0.01 -11.65
C ALA A 79 10.85 -0.28 -12.44
N GLY A 80 9.99 0.71 -12.53
CA GLY A 80 8.74 0.56 -13.24
C GLY A 80 7.63 0.16 -12.30
N ASP A 81 7.99 -0.56 -11.24
CA ASP A 81 7.01 -0.98 -10.24
C ASP A 81 6.76 0.15 -9.25
N ARG A 82 6.25 -0.17 -8.08
CA ARG A 82 5.97 0.85 -7.07
C ARG A 82 6.13 0.31 -5.65
N VAL A 83 6.39 1.21 -4.72
CA VAL A 83 6.55 0.83 -3.32
C VAL A 83 5.52 1.57 -2.46
N VAL A 84 4.78 0.83 -1.65
CA VAL A 84 3.77 1.41 -0.79
C VAL A 84 4.32 1.74 0.59
N VAL A 85 4.01 2.93 1.07
CA VAL A 85 4.46 3.37 2.39
C VAL A 85 3.27 3.60 3.32
N ILE A 86 3.16 2.76 4.34
CA ILE A 86 2.06 2.84 5.30
C ILE A 86 1.95 4.23 5.92
N ASP A 87 3.03 4.99 5.90
CA ASP A 87 3.04 6.34 6.45
C ASP A 87 2.78 7.35 5.34
N GLY A 88 3.45 7.15 4.21
CA GLY A 88 3.27 8.04 3.07
C GLY A 88 4.59 8.41 2.42
N LEU A 89 4.52 9.32 1.46
CA LEU A 89 5.72 9.78 0.75
C LEU A 89 5.37 10.85 -0.27
N ASP A 90 5.93 12.04 -0.09
CA ASP A 90 5.66 13.15 -1.01
C ASP A 90 6.95 13.75 -1.56
N ARG A 91 7.90 12.88 -1.90
CA ARG A 91 9.17 13.32 -2.45
C ARG A 91 10.06 12.13 -2.82
N MET A 92 10.97 12.36 -3.77
CA MET A 92 11.88 11.31 -4.21
C MET A 92 12.69 10.77 -3.04
N ALA A 93 12.66 9.45 -2.86
CA ALA A 93 13.39 8.84 -1.75
C ALA A 93 14.09 7.54 -2.16
N HIS A 94 15.39 7.48 -1.90
CA HIS A 94 16.17 6.29 -2.24
C HIS A 94 15.57 5.04 -1.61
N PHE A 95 15.74 3.91 -2.29
CA PHE A 95 15.21 2.64 -1.81
C PHE A 95 16.28 1.56 -1.80
N LYS A 96 17.27 1.67 -2.69
CA LYS A 96 18.35 0.68 -2.76
C LYS A 96 19.35 1.03 -3.85
N ASP A 97 20.62 0.75 -3.59
CA ASP A 97 21.69 1.04 -4.55
C ASP A 97 21.58 2.46 -5.10
N ASP A 98 20.83 2.62 -6.19
CA ASP A 98 20.65 3.94 -6.80
C ASP A 98 19.21 4.13 -7.27
N LEU A 99 18.31 3.26 -6.80
CA LEU A 99 16.91 3.35 -7.17
C LEU A 99 16.12 4.08 -6.09
N VAL A 100 15.41 5.13 -6.48
CA VAL A 100 14.63 5.90 -5.53
C VAL A 100 13.14 5.70 -5.74
N LEU A 101 12.36 6.34 -4.88
CA LEU A 101 10.91 6.26 -4.94
C LEU A 101 10.31 7.66 -5.09
N VAL A 102 9.52 7.84 -6.13
CA VAL A 102 8.90 9.13 -6.38
C VAL A 102 7.41 9.08 -6.05
N PRO A 103 6.90 10.11 -5.34
CA PRO A 103 5.48 10.18 -4.98
C PRO A 103 4.57 9.87 -6.16
N LEU A 104 3.71 8.87 -5.99
CA LEU A 104 2.81 8.45 -7.06
C LEU A 104 1.35 8.59 -6.64
N THR A 105 0.99 8.01 -5.49
CA THR A 105 -0.38 8.07 -5.00
C THR A 105 -0.45 7.93 -3.49
N THR A 106 -1.07 8.93 -2.85
CA THR A 106 -1.23 8.93 -1.40
C THR A 106 -2.71 8.88 -1.03
N LYS A 107 -3.12 7.75 -0.46
CA LYS A 107 -4.51 7.57 -0.05
C LYS A 107 -4.60 7.03 1.37
N VAL A 108 -5.23 7.80 2.26
CA VAL A 108 -5.39 7.39 3.65
C VAL A 108 -6.49 6.34 3.80
N VAL A 109 -6.11 5.17 4.31
CA VAL A 109 -7.07 4.08 4.50
C VAL A 109 -7.23 3.74 5.98
N GLY A 110 -8.46 3.84 6.48
CA GLY A 110 -8.72 3.54 7.87
C GLY A 110 -8.15 4.59 8.80
N GLY A 111 -6.83 4.70 8.84
CA GLY A 111 -6.18 5.68 9.70
C GLY A 111 -4.68 5.71 9.51
N SER A 112 -4.23 5.50 8.28
CA SER A 112 -2.81 5.51 7.97
C SER A 112 -2.56 5.96 6.53
N ARG A 113 -1.74 6.98 6.36
CA ARG A 113 -1.42 7.50 5.04
C ARG A 113 -0.67 6.46 4.21
N CYS A 114 -1.32 5.96 3.16
CA CYS A 114 -0.71 4.96 2.30
C CYS A 114 -0.27 5.57 0.98
N THR A 115 1.00 5.97 0.91
CA THR A 115 1.55 6.56 -0.31
C THR A 115 2.27 5.52 -1.14
N ILE A 116 2.13 5.64 -2.46
CA ILE A 116 2.79 4.73 -3.38
C ILE A 116 3.76 5.52 -4.25
N CYS A 117 4.94 4.95 -4.52
CA CYS A 117 5.94 5.66 -5.32
C CYS A 117 6.58 4.78 -6.37
N ASP A 118 6.78 5.35 -7.55
CA ASP A 118 7.42 4.63 -8.65
C ASP A 118 8.91 4.47 -8.37
N VAL A 119 9.45 3.29 -8.67
CA VAL A 119 10.85 3.03 -8.44
C VAL A 119 11.68 3.44 -9.66
N VAL A 120 12.50 4.47 -9.49
CA VAL A 120 13.32 4.97 -10.59
C VAL A 120 14.77 5.14 -10.16
N LYS A 121 15.68 4.92 -11.11
CA LYS A 121 17.10 5.04 -10.84
C LYS A 121 17.53 6.50 -10.72
N GLU A 122 18.58 6.75 -9.95
CA GLU A 122 19.08 8.11 -9.76
C GLU A 122 20.06 8.49 -10.87
N GLU A 123 20.05 9.77 -11.23
CA GLU A 123 20.94 10.26 -12.28
C GLU A 123 21.75 11.46 -11.78
N GLY A 1 -16.24 10.76 -3.81
CA GLY A 1 -16.30 10.54 -2.33
C GLY A 1 -14.98 10.87 -1.65
N LEU A 2 -13.99 10.00 -1.84
CA LEU A 2 -12.68 10.20 -1.24
C LEU A 2 -12.78 10.22 0.29
N THR A 3 -11.63 10.33 0.93
CA THR A 3 -11.56 10.36 2.40
C THR A 3 -12.62 11.30 2.98
N ALA A 4 -12.83 12.42 2.32
CA ALA A 4 -13.80 13.41 2.77
C ALA A 4 -15.19 12.80 2.94
N THR A 5 -15.44 11.69 2.26
CA THR A 5 -16.74 11.01 2.34
C THR A 5 -16.96 10.44 3.74
N LEU A 6 -15.95 9.76 4.26
CA LEU A 6 -16.03 9.16 5.58
C LEU A 6 -17.16 8.13 5.67
N ALA A 7 -17.01 7.16 6.56
CA ALA A 7 -18.01 6.13 6.74
C ALA A 7 -18.26 5.34 5.45
N ALA A 8 -17.30 5.40 4.53
CA ALA A 8 -17.42 4.68 3.26
C ALA A 8 -16.28 5.05 2.32
N LEU A 9 -16.06 4.20 1.32
CA LEU A 9 -15.00 4.43 0.33
C LEU A 9 -15.50 4.18 -1.08
N THR A 10 -15.19 5.10 -1.99
CA THR A 10 -15.62 4.97 -3.38
C THR A 10 -14.89 3.83 -4.07
N ASP A 11 -15.28 3.55 -5.31
CA ASP A 11 -14.66 2.49 -6.09
C ASP A 11 -13.17 2.76 -6.29
N ASP A 12 -12.81 4.04 -6.35
CA ASP A 12 -11.42 4.44 -6.54
C ASP A 12 -10.54 3.89 -5.43
N ASP A 13 -11.12 3.75 -4.24
CA ASP A 13 -10.39 3.23 -3.08
C ASP A 13 -10.02 1.77 -3.30
N PHE A 14 -11.01 0.95 -3.64
CA PHE A 14 -10.79 -0.47 -3.87
C PHE A 14 -9.78 -0.68 -5.00
N GLN A 15 -9.70 0.28 -5.91
CA GLN A 15 -8.78 0.21 -7.02
C GLN A 15 -7.36 0.46 -6.53
N PHE A 16 -7.25 1.31 -5.52
CA PHE A 16 -5.95 1.63 -4.93
C PHE A 16 -5.34 0.37 -4.31
N LEU A 17 -6.20 -0.45 -3.71
CA LEU A 17 -5.74 -1.69 -3.09
C LEU A 17 -5.12 -2.61 -4.14
N SER A 18 -5.74 -2.66 -5.31
CA SER A 18 -5.21 -3.49 -6.39
C SER A 18 -3.75 -3.11 -6.65
N ASP A 19 -3.46 -1.83 -6.48
CA ASP A 19 -2.12 -1.30 -6.68
C ASP A 19 -1.21 -1.64 -5.50
N VAL A 20 -1.71 -1.42 -4.28
CA VAL A 20 -0.91 -1.69 -3.09
C VAL A 20 -0.51 -3.17 -3.04
N LEU A 21 -1.47 -4.04 -3.30
CA LEU A 21 -1.20 -5.47 -3.31
C LEU A 21 -0.27 -5.81 -4.47
N ASP A 22 -0.19 -4.90 -5.45
CA ASP A 22 0.65 -5.09 -6.61
C ASP A 22 2.09 -4.68 -6.31
N CYS A 23 2.26 -3.73 -5.39
CA CYS A 23 3.58 -3.25 -5.01
C CYS A 23 4.55 -4.40 -4.78
N ARG A 24 5.82 -4.08 -4.62
CA ARG A 24 6.84 -5.10 -4.40
C ARG A 24 7.24 -5.17 -2.92
N ALA A 25 7.58 -4.03 -2.35
CA ALA A 25 7.98 -3.97 -0.94
C ALA A 25 7.00 -3.14 -0.12
N VAL A 26 6.71 -3.62 1.08
CA VAL A 26 5.79 -2.91 1.98
C VAL A 26 6.50 -2.46 3.25
N ARG A 27 6.75 -1.17 3.37
CA ARG A 27 7.43 -0.62 4.53
C ARG A 27 6.73 0.65 5.02
N SER A 28 7.19 1.17 6.15
CA SER A 28 6.61 2.39 6.71
C SER A 28 7.60 3.55 6.66
N ALA A 29 7.08 4.76 6.56
CA ALA A 29 7.91 5.95 6.50
C ALA A 29 8.67 6.14 7.81
N MET A 30 7.95 6.04 8.92
CA MET A 30 8.54 6.19 10.24
C MET A 30 9.73 5.23 10.41
N ASN A 31 9.69 4.13 9.68
CA ASN A 31 10.76 3.13 9.74
C ASN A 31 10.74 2.26 8.49
N LEU A 32 11.22 2.82 7.38
CA LEU A 32 11.25 2.10 6.11
C LEU A 32 12.39 1.07 6.08
N ARG A 33 13.36 1.23 6.97
CA ARG A 33 14.49 0.32 7.03
C ARG A 33 14.21 -0.87 7.96
N ALA A 34 12.94 -1.05 8.34
CA ALA A 34 12.57 -2.15 9.21
C ALA A 34 11.06 -2.16 9.47
N ALA A 35 10.47 -3.35 9.49
CA ALA A 35 9.04 -3.49 9.73
C ALA A 35 8.69 -3.11 11.17
N LEU A 36 7.40 -3.16 11.48
CA LEU A 36 6.94 -2.80 12.82
C LEU A 36 6.89 -4.04 13.72
N THR A 37 5.99 -4.96 13.40
CA THR A 37 5.84 -6.19 14.17
C THR A 37 4.88 -7.15 13.46
N SER A 38 4.96 -8.43 13.82
CA SER A 38 4.10 -9.43 13.22
C SER A 38 2.63 -9.05 13.40
N PHE A 39 2.28 -8.64 14.61
CA PHE A 39 0.92 -8.24 14.92
C PHE A 39 0.62 -6.87 14.34
N GLN A 40 1.64 -6.00 14.32
CA GLN A 40 1.50 -4.66 13.79
C GLN A 40 1.04 -4.69 12.32
N VAL A 41 1.82 -5.36 11.49
CA VAL A 41 1.50 -5.46 10.07
C VAL A 41 0.10 -6.04 9.87
N ALA A 42 -0.29 -6.97 10.74
CA ALA A 42 -1.59 -7.60 10.66
C ALA A 42 -2.70 -6.58 10.90
N GLN A 43 -2.46 -5.66 11.83
CA GLN A 43 -3.43 -4.63 12.16
C GLN A 43 -3.80 -3.83 10.91
N TYR A 44 -2.77 -3.46 10.16
CA TYR A 44 -2.97 -2.69 8.92
C TYR A 44 -3.65 -3.56 7.86
N ARG A 45 -3.26 -4.83 7.82
CA ARG A 45 -3.83 -5.77 6.86
C ARG A 45 -5.33 -5.94 7.08
N ASN A 46 -5.75 -5.84 8.35
CA ASN A 46 -7.15 -5.99 8.70
C ASN A 46 -7.95 -4.77 8.28
N ILE A 47 -7.28 -3.62 8.21
CA ILE A 47 -7.94 -2.38 7.82
C ILE A 47 -8.47 -2.47 6.39
N LEU A 48 -7.57 -2.67 5.44
CA LEU A 48 -7.96 -2.79 4.04
C LEU A 48 -8.78 -4.04 3.80
N ASN A 49 -8.43 -5.11 4.52
CA ASN A 49 -9.14 -6.38 4.40
C ASN A 49 -10.60 -6.22 4.79
N ALA A 50 -10.85 -5.37 5.78
CA ALA A 50 -12.21 -5.13 6.25
C ALA A 50 -13.02 -4.34 5.22
N SER A 51 -12.31 -3.55 4.41
CA SER A 51 -12.97 -2.76 3.37
C SER A 51 -13.53 -3.65 2.28
N LEU A 52 -12.85 -4.77 2.02
CA LEU A 52 -13.26 -5.72 1.00
C LEU A 52 -14.64 -6.32 1.28
N GLN A 53 -14.77 -6.93 2.46
CA GLN A 53 -16.03 -7.56 2.86
C GLN A 53 -17.23 -6.63 2.67
N VAL A 54 -16.97 -5.32 2.71
CA VAL A 54 -18.04 -4.34 2.55
C VAL A 54 -18.02 -3.71 1.17
N ASP A 55 -17.41 -4.40 0.21
CA ASP A 55 -17.32 -3.91 -1.16
C ASP A 55 -18.54 -4.33 -1.96
N ARG A 56 -18.75 -3.70 -3.11
CA ARG A 56 -19.89 -4.00 -3.97
C ARG A 56 -19.62 -5.25 -4.80
N ASP A 57 -18.35 -5.48 -5.13
CA ASP A 57 -17.97 -6.64 -5.92
C ASP A 57 -17.35 -7.72 -5.04
N ALA A 58 -18.16 -8.72 -4.70
CA ALA A 58 -17.70 -9.82 -3.85
C ALA A 58 -16.63 -10.65 -4.56
N ALA A 59 -16.88 -10.96 -5.83
CA ALA A 59 -15.94 -11.74 -6.63
C ALA A 59 -14.59 -11.04 -6.73
N ARG A 60 -14.62 -9.71 -6.81
CA ARG A 60 -13.41 -8.92 -6.92
C ARG A 60 -12.67 -8.88 -5.58
N SER A 61 -13.43 -8.92 -4.49
CA SER A 61 -12.85 -8.88 -3.15
C SER A 61 -11.92 -10.07 -2.93
N ARG A 62 -12.31 -11.24 -3.43
CA ARG A 62 -11.51 -12.44 -3.30
C ARG A 62 -10.08 -12.22 -3.77
N ARG A 63 -9.93 -11.43 -4.82
CA ARG A 63 -8.61 -11.13 -5.37
C ARG A 63 -7.75 -10.39 -4.35
N LEU A 64 -8.32 -9.35 -3.74
CA LEU A 64 -7.60 -8.57 -2.74
C LEU A 64 -7.40 -9.38 -1.47
N MET A 65 -8.38 -10.22 -1.14
CA MET A 65 -8.32 -11.05 0.06
C MET A 65 -7.18 -12.05 -0.03
N ALA A 66 -6.90 -12.54 -1.23
CA ALA A 66 -5.82 -13.49 -1.44
C ALA A 66 -4.48 -12.78 -1.50
N LYS A 67 -4.46 -11.63 -2.17
CA LYS A 67 -3.24 -10.85 -2.29
C LYS A 67 -2.90 -10.18 -0.97
N LEU A 68 -3.93 -9.81 -0.22
CA LEU A 68 -3.75 -9.17 1.08
C LEU A 68 -3.36 -10.20 2.14
N ALA A 69 -3.62 -11.47 1.85
CA ALA A 69 -3.28 -12.55 2.78
C ALA A 69 -1.80 -12.50 3.15
N ASP A 70 -0.98 -11.95 2.25
CA ASP A 70 0.45 -11.85 2.49
C ASP A 70 0.86 -10.39 2.67
N PHE A 71 0.18 -9.50 1.95
CA PHE A 71 0.45 -8.06 2.02
C PHE A 71 1.95 -7.76 1.90
N ALA A 72 2.68 -7.84 3.01
CA ALA A 72 4.11 -7.56 3.01
C ALA A 72 4.90 -8.84 2.77
N VAL A 73 5.17 -9.13 1.51
CA VAL A 73 5.92 -10.32 1.13
C VAL A 73 7.35 -9.97 0.72
N GLU A 74 8.25 -10.93 0.86
CA GLU A 74 9.65 -10.72 0.51
C GLU A 74 9.82 -10.69 -1.01
N GLN A 75 9.72 -9.50 -1.59
CA GLN A 75 9.87 -9.34 -3.04
C GLN A 75 10.93 -8.30 -3.37
N GLU A 76 11.73 -8.59 -4.39
CA GLU A 76 12.78 -7.67 -4.81
C GLU A 76 12.20 -6.48 -5.57
N VAL A 77 12.43 -5.28 -5.04
CA VAL A 77 11.93 -4.07 -5.66
C VAL A 77 12.95 -3.47 -6.61
N THR A 78 12.47 -2.99 -7.76
CA THR A 78 13.34 -2.39 -8.78
C THR A 78 12.62 -1.26 -9.49
N ALA A 79 13.11 -0.90 -10.67
CA ALA A 79 12.50 0.15 -11.46
C ALA A 79 11.25 -0.37 -12.15
N GLY A 80 10.24 0.49 -12.25
CA GLY A 80 8.98 0.10 -12.86
C GLY A 80 7.97 -0.29 -11.81
N ASP A 81 8.45 -0.83 -10.70
CA ASP A 81 7.59 -1.23 -9.60
C ASP A 81 7.28 -0.02 -8.72
N ARG A 82 6.89 -0.26 -7.47
CA ARG A 82 6.57 0.83 -6.56
C ARG A 82 6.72 0.41 -5.10
N VAL A 83 6.93 1.38 -4.24
CA VAL A 83 7.07 1.13 -2.81
C VAL A 83 5.94 1.79 -2.03
N VAL A 84 5.18 0.99 -1.29
CA VAL A 84 4.07 1.50 -0.51
C VAL A 84 4.51 1.81 0.92
N VAL A 85 4.38 3.08 1.30
CA VAL A 85 4.77 3.51 2.63
C VAL A 85 3.56 3.59 3.56
N ILE A 86 3.60 2.85 4.65
CA ILE A 86 2.49 2.84 5.61
C ILE A 86 2.19 4.25 6.13
N ASP A 87 3.15 5.15 5.99
CA ASP A 87 2.97 6.52 6.43
C ASP A 87 2.68 7.42 5.22
N GLY A 88 3.44 7.20 4.15
CA GLY A 88 3.26 7.96 2.93
C GLY A 88 4.58 8.42 2.34
N LEU A 89 4.51 9.28 1.32
CA LEU A 89 5.71 9.79 0.66
C LEU A 89 5.35 10.79 -0.43
N ASP A 90 5.68 12.06 -0.20
CA ASP A 90 5.39 13.11 -1.16
C ASP A 90 6.66 13.82 -1.62
N ARG A 91 7.64 13.04 -2.05
CA ARG A 91 8.91 13.60 -2.51
C ARG A 91 9.86 12.49 -3.00
N MET A 92 10.78 12.87 -3.87
CA MET A 92 11.75 11.93 -4.40
C MET A 92 12.70 11.44 -3.31
N ALA A 93 12.69 10.15 -3.04
CA ALA A 93 13.54 9.57 -2.01
C ALA A 93 14.24 8.30 -2.49
N HIS A 94 15.55 8.27 -2.38
CA HIS A 94 16.33 7.10 -2.80
C HIS A 94 15.86 5.83 -2.09
N PHE A 95 16.04 4.71 -2.75
CA PHE A 95 15.64 3.42 -2.20
C PHE A 95 16.82 2.46 -2.11
N LYS A 96 17.81 2.64 -2.97
CA LYS A 96 19.00 1.78 -2.99
C LYS A 96 19.97 2.21 -4.07
N ASP A 97 21.26 2.01 -3.83
CA ASP A 97 22.29 2.38 -4.79
C ASP A 97 22.09 3.81 -5.30
N ASP A 98 21.34 3.96 -6.39
CA ASP A 98 21.08 5.28 -6.95
C ASP A 98 19.63 5.41 -7.42
N LEU A 99 18.82 4.38 -7.17
CA LEU A 99 17.41 4.42 -7.55
C LEU A 99 16.59 5.11 -6.48
N VAL A 100 15.64 5.94 -6.90
CA VAL A 100 14.82 6.66 -5.95
C VAL A 100 13.34 6.37 -6.12
N LEU A 101 12.56 6.86 -5.17
CA LEU A 101 11.12 6.68 -5.16
C LEU A 101 10.43 8.03 -5.34
N VAL A 102 9.58 8.14 -6.37
CA VAL A 102 8.87 9.38 -6.64
C VAL A 102 7.39 9.24 -6.33
N PRO A 103 6.79 10.25 -5.67
CA PRO A 103 5.37 10.24 -5.33
C PRO A 103 4.50 9.85 -6.52
N LEU A 104 3.72 8.80 -6.35
CA LEU A 104 2.85 8.32 -7.43
C LEU A 104 1.40 8.25 -6.98
N THR A 105 1.17 7.83 -5.74
CA THR A 105 -0.17 7.71 -5.20
C THR A 105 -0.17 7.88 -3.69
N THR A 106 -1.28 8.39 -3.15
CA THR A 106 -1.39 8.60 -1.72
C THR A 106 -2.85 8.42 -1.27
N LYS A 107 -3.11 7.30 -0.59
CA LYS A 107 -4.45 7.01 -0.11
C LYS A 107 -4.43 6.62 1.38
N VAL A 108 -5.34 7.19 2.15
CA VAL A 108 -5.42 6.90 3.58
C VAL A 108 -6.54 5.91 3.88
N VAL A 109 -6.28 5.01 4.82
CA VAL A 109 -7.26 4.00 5.20
C VAL A 109 -7.23 3.73 6.70
N GLY A 110 -8.33 4.06 7.38
CA GLY A 110 -8.41 3.86 8.81
C GLY A 110 -7.53 4.82 9.58
N GLY A 111 -7.32 6.00 9.03
CA GLY A 111 -6.50 7.00 9.68
C GLY A 111 -5.02 6.83 9.38
N SER A 112 -4.69 5.89 8.50
CA SER A 112 -3.31 5.64 8.14
C SER A 112 -3.06 5.94 6.66
N ARG A 113 -2.11 6.83 6.39
CA ARG A 113 -1.79 7.21 5.02
C ARG A 113 -1.10 6.07 4.29
N CYS A 114 -1.31 6.00 2.98
CA CYS A 114 -0.69 4.95 2.16
C CYS A 114 -0.24 5.52 0.83
N THR A 115 1.01 5.93 0.75
CA THR A 115 1.55 6.49 -0.48
C THR A 115 2.44 5.49 -1.20
N ILE A 116 2.38 5.52 -2.53
CA ILE A 116 3.22 4.64 -3.35
C ILE A 116 4.08 5.47 -4.27
N CYS A 117 5.30 5.04 -4.47
CA CYS A 117 6.23 5.79 -5.32
C CYS A 117 6.93 4.91 -6.34
N ASP A 118 6.97 5.37 -7.58
CA ASP A 118 7.64 4.65 -8.65
C ASP A 118 9.15 4.67 -8.44
N VAL A 119 9.79 3.53 -8.63
CA VAL A 119 11.23 3.42 -8.46
C VAL A 119 11.95 3.82 -9.74
N VAL A 120 12.68 4.92 -9.70
CA VAL A 120 13.39 5.40 -10.87
C VAL A 120 14.85 5.71 -10.55
N LYS A 121 15.72 5.47 -11.53
CA LYS A 121 17.15 5.71 -11.36
C LYS A 121 17.46 7.20 -11.40
N GLU A 122 18.31 7.65 -10.50
CA GLU A 122 18.70 9.05 -10.43
C GLU A 122 19.79 9.37 -11.44
N GLU A 123 19.52 10.34 -12.31
CA GLU A 123 20.47 10.74 -13.33
C GLU A 123 20.36 12.23 -13.63
N GLY A 1 -18.87 0.51 2.42
CA GLY A 1 -19.62 0.12 3.64
C GLY A 1 -20.53 1.23 4.15
N LEU A 2 -20.63 1.35 5.47
CA LEU A 2 -21.47 2.36 6.09
C LEU A 2 -20.72 3.09 7.20
N THR A 3 -20.44 4.37 6.96
CA THR A 3 -19.73 5.19 7.95
C THR A 3 -18.29 4.70 8.13
N ALA A 4 -18.14 3.49 8.64
CA ALA A 4 -16.81 2.91 8.87
C ALA A 4 -15.89 3.12 7.67
N THR A 5 -16.49 3.18 6.48
CA THR A 5 -15.73 3.37 5.25
C THR A 5 -14.96 4.68 5.30
N LEU A 6 -15.54 5.68 5.95
CA LEU A 6 -14.92 7.00 6.07
C LEU A 6 -14.70 7.63 4.70
N ALA A 7 -15.43 8.71 4.41
CA ALA A 7 -15.32 9.40 3.14
C ALA A 7 -16.06 8.63 2.05
N ALA A 8 -16.83 9.35 1.25
CA ALA A 8 -17.59 8.75 0.18
C ALA A 8 -16.67 8.42 -0.98
N LEU A 9 -15.86 7.37 -0.80
CA LEU A 9 -14.91 6.94 -1.81
C LEU A 9 -15.62 6.24 -2.97
N THR A 10 -15.11 6.45 -4.18
CA THR A 10 -15.69 5.85 -5.37
C THR A 10 -14.93 4.60 -5.78
N ASP A 11 -15.36 3.98 -6.89
CA ASP A 11 -14.71 2.77 -7.39
C ASP A 11 -13.21 2.98 -7.56
N ASP A 12 -12.82 4.22 -7.84
CA ASP A 12 -11.42 4.56 -8.03
C ASP A 12 -10.60 4.22 -6.79
N ASP A 13 -11.24 4.31 -5.62
CA ASP A 13 -10.58 4.01 -4.36
C ASP A 13 -10.06 2.58 -4.35
N PHE A 14 -10.92 1.62 -4.69
CA PHE A 14 -10.55 0.22 -4.73
C PHE A 14 -9.43 -0.03 -5.75
N GLN A 15 -9.38 0.83 -6.76
CA GLN A 15 -8.35 0.71 -7.79
C GLN A 15 -6.99 1.06 -7.20
N PHE A 16 -7.01 2.00 -6.26
CA PHE A 16 -5.78 2.42 -5.60
C PHE A 16 -5.19 1.25 -4.83
N LEU A 17 -6.07 0.43 -4.25
CA LEU A 17 -5.64 -0.73 -3.49
C LEU A 17 -5.02 -1.78 -4.43
N SER A 18 -5.56 -1.87 -5.64
CA SER A 18 -5.06 -2.82 -6.62
C SER A 18 -3.56 -2.61 -6.83
N ASP A 19 -3.15 -1.35 -6.79
CA ASP A 19 -1.73 -1.00 -6.97
C ASP A 19 -0.95 -1.30 -5.70
N VAL A 20 -1.55 -1.01 -4.54
CA VAL A 20 -0.91 -1.27 -3.27
C VAL A 20 -0.60 -2.74 -3.12
N LEU A 21 -1.61 -3.57 -3.32
CA LEU A 21 -1.43 -5.02 -3.22
C LEU A 21 -0.43 -5.49 -4.27
N ASP A 22 -0.22 -4.67 -5.30
CA ASP A 22 0.71 -4.99 -6.37
C ASP A 22 2.14 -4.61 -5.98
N CYS A 23 2.27 -3.69 -5.02
CA CYS A 23 3.59 -3.25 -4.57
C CYS A 23 4.54 -4.43 -4.36
N ARG A 24 5.83 -4.15 -4.30
CA ARG A 24 6.83 -5.19 -4.10
C ARG A 24 7.32 -5.22 -2.66
N ALA A 25 7.31 -4.06 -2.01
CA ALA A 25 7.76 -3.97 -0.62
C ALA A 25 6.92 -2.98 0.17
N VAL A 26 6.68 -3.28 1.43
CA VAL A 26 5.89 -2.41 2.30
C VAL A 26 6.70 -1.98 3.52
N ARG A 27 6.75 -0.67 3.75
CA ARG A 27 7.50 -0.14 4.89
C ARG A 27 6.83 1.13 5.41
N SER A 28 7.47 1.75 6.39
CA SER A 28 6.94 2.99 6.98
C SER A 28 7.88 4.16 6.71
N ALA A 29 7.29 5.31 6.39
CA ALA A 29 8.08 6.50 6.11
C ALA A 29 8.82 6.97 7.36
N MET A 30 8.10 6.99 8.49
CA MET A 30 8.69 7.40 9.76
C MET A 30 9.90 6.53 10.09
N ASN A 31 9.91 5.31 9.57
CA ASN A 31 11.01 4.38 9.81
C ASN A 31 11.16 3.40 8.64
N LEU A 32 11.54 3.93 7.49
CA LEU A 32 11.71 3.12 6.29
C LEU A 32 12.94 2.22 6.40
N ARG A 33 13.85 2.56 7.32
CA ARG A 33 15.06 1.78 7.53
C ARG A 33 14.77 0.49 8.32
N ALA A 34 13.52 0.32 8.76
CA ALA A 34 13.15 -0.86 9.52
C ALA A 34 11.64 -0.95 9.70
N ALA A 35 11.10 -2.14 9.51
CA ALA A 35 9.66 -2.37 9.66
C ALA A 35 9.24 -2.25 11.12
N LEU A 36 7.94 -2.38 11.38
CA LEU A 36 7.43 -2.28 12.75
C LEU A 36 7.47 -3.63 13.45
N THR A 37 6.66 -4.55 12.97
CA THR A 37 6.60 -5.90 13.54
C THR A 37 5.63 -6.77 12.75
N SER A 38 5.90 -8.08 12.73
CA SER A 38 5.04 -9.02 12.01
C SER A 38 3.58 -8.81 12.36
N PHE A 39 3.32 -8.58 13.64
CA PHE A 39 1.97 -8.35 14.11
C PHE A 39 1.50 -6.93 13.73
N GLN A 40 2.45 -5.99 13.75
CA GLN A 40 2.14 -4.61 13.41
C GLN A 40 1.60 -4.50 11.99
N VAL A 41 2.40 -4.95 11.02
CA VAL A 41 1.98 -4.89 9.62
C VAL A 41 0.73 -5.72 9.39
N ALA A 42 0.65 -6.86 10.07
CA ALA A 42 -0.50 -7.75 9.94
C ALA A 42 -1.79 -7.02 10.31
N GLN A 43 -1.77 -6.35 11.45
CA GLN A 43 -2.94 -5.60 11.90
C GLN A 43 -3.34 -4.57 10.85
N TYR A 44 -2.35 -3.99 10.19
CA TYR A 44 -2.58 -3.01 9.14
C TYR A 44 -3.16 -3.69 7.91
N ARG A 45 -2.70 -4.92 7.66
CA ARG A 45 -3.16 -5.70 6.53
C ARG A 45 -4.66 -5.98 6.64
N ASN A 46 -5.11 -6.23 7.87
CA ASN A 46 -6.51 -6.52 8.14
C ASN A 46 -7.37 -5.28 7.86
N ILE A 47 -6.81 -4.11 8.15
CA ILE A 47 -7.53 -2.85 7.93
C ILE A 47 -8.01 -2.75 6.49
N LEU A 48 -7.06 -2.77 5.55
CA LEU A 48 -7.41 -2.70 4.14
C LEU A 48 -8.27 -3.89 3.76
N ASN A 49 -7.94 -5.04 4.34
CA ASN A 49 -8.69 -6.27 4.09
C ASN A 49 -10.15 -6.08 4.46
N ALA A 50 -10.39 -5.31 5.52
CA ALA A 50 -11.74 -5.04 5.98
C ALA A 50 -12.50 -4.22 4.94
N SER A 51 -11.75 -3.45 4.15
CA SER A 51 -12.35 -2.62 3.11
C SER A 51 -12.94 -3.49 2.01
N LEU A 52 -12.30 -4.63 1.77
CA LEU A 52 -12.76 -5.57 0.75
C LEU A 52 -13.98 -6.33 1.24
N GLN A 53 -14.12 -6.41 2.55
CA GLN A 53 -15.22 -7.11 3.18
C GLN A 53 -16.56 -6.44 2.92
N VAL A 54 -16.68 -5.22 3.42
CA VAL A 54 -17.91 -4.47 3.28
C VAL A 54 -18.26 -4.24 1.81
N ASP A 55 -17.26 -4.36 0.93
CA ASP A 55 -17.46 -4.17 -0.50
C ASP A 55 -18.69 -4.92 -1.00
N ARG A 56 -19.36 -4.38 -2.01
CA ARG A 56 -20.54 -5.01 -2.58
C ARG A 56 -20.19 -6.34 -3.24
N ASP A 57 -19.54 -6.27 -4.39
CA ASP A 57 -19.15 -7.46 -5.13
C ASP A 57 -18.25 -8.36 -4.27
N ALA A 58 -18.86 -9.34 -3.62
CA ALA A 58 -18.12 -10.27 -2.78
C ALA A 58 -17.18 -11.14 -3.61
N ALA A 59 -17.56 -11.42 -4.85
CA ALA A 59 -16.75 -12.24 -5.74
C ALA A 59 -15.46 -11.53 -6.11
N ARG A 60 -15.58 -10.28 -6.55
CA ARG A 60 -14.42 -9.48 -6.94
C ARG A 60 -13.57 -9.14 -5.73
N SER A 61 -14.22 -8.98 -4.58
CA SER A 61 -13.51 -8.65 -3.35
C SER A 61 -12.43 -9.68 -3.03
N ARG A 62 -12.78 -10.95 -3.18
CA ARG A 62 -11.84 -12.04 -2.91
C ARG A 62 -10.53 -11.85 -3.68
N ARG A 63 -10.63 -11.28 -4.87
CA ARG A 63 -9.45 -11.04 -5.70
C ARG A 63 -8.43 -10.19 -4.96
N LEU A 64 -8.90 -9.10 -4.36
CA LEU A 64 -8.02 -8.20 -3.61
C LEU A 64 -7.54 -8.87 -2.32
N MET A 65 -8.41 -9.69 -1.73
CA MET A 65 -8.08 -10.38 -0.50
C MET A 65 -6.89 -11.32 -0.69
N ALA A 66 -6.75 -11.83 -1.92
CA ALA A 66 -5.65 -12.72 -2.24
C ALA A 66 -4.37 -11.94 -2.47
N LYS A 67 -4.52 -10.76 -3.05
CA LYS A 67 -3.37 -9.90 -3.32
C LYS A 67 -2.80 -9.35 -2.02
N LEU A 68 -3.68 -9.19 -1.03
CA LEU A 68 -3.27 -8.68 0.28
C LEU A 68 -2.57 -9.76 1.08
N ALA A 69 -2.89 -11.03 0.77
CA ALA A 69 -2.30 -12.16 1.47
C ALA A 69 -0.77 -12.12 1.39
N ASP A 70 -0.26 -11.56 0.30
CA ASP A 70 1.18 -11.45 0.09
C ASP A 70 1.69 -10.07 0.50
N PHE A 71 0.89 -9.33 1.26
CA PHE A 71 1.27 -8.00 1.71
C PHE A 71 2.37 -8.06 2.76
N ALA A 72 3.32 -7.14 2.66
CA ALA A 72 4.42 -7.07 3.60
C ALA A 72 5.25 -8.37 3.59
N VAL A 73 5.31 -9.02 2.44
CA VAL A 73 6.06 -10.26 2.32
C VAL A 73 7.41 -10.01 1.65
N GLU A 74 8.37 -10.89 1.91
CA GLU A 74 9.70 -10.75 1.35
C GLU A 74 9.69 -11.00 -0.16
N GLN A 75 9.56 -9.92 -0.92
CA GLN A 75 9.54 -10.02 -2.38
C GLN A 75 10.64 -9.16 -2.99
N GLU A 76 11.16 -9.59 -4.14
CA GLU A 76 12.21 -8.86 -4.82
C GLU A 76 11.65 -7.65 -5.55
N VAL A 77 12.13 -6.47 -5.19
CA VAL A 77 11.69 -5.23 -5.81
C VAL A 77 12.40 -4.99 -7.14
N THR A 78 11.79 -4.19 -7.99
CA THR A 78 12.36 -3.90 -9.30
C THR A 78 11.87 -2.56 -9.83
N ALA A 79 12.61 -1.99 -10.77
CA ALA A 79 12.22 -0.72 -11.36
C ALA A 79 10.91 -0.86 -12.11
N GLY A 80 10.14 0.21 -12.16
CA GLY A 80 8.85 0.16 -12.82
C GLY A 80 7.75 -0.17 -11.84
N ASP A 81 8.10 -0.95 -10.81
CA ASP A 81 7.15 -1.32 -9.78
C ASP A 81 6.85 -0.11 -8.90
N ARG A 82 6.37 -0.35 -7.68
CA ARG A 82 6.06 0.74 -6.77
C ARG A 82 6.29 0.36 -5.31
N VAL A 83 6.56 1.36 -4.49
CA VAL A 83 6.80 1.14 -3.06
C VAL A 83 5.70 1.81 -2.24
N VAL A 84 4.98 1.01 -1.46
CA VAL A 84 3.90 1.54 -0.63
C VAL A 84 4.37 1.82 0.79
N VAL A 85 4.11 3.04 1.25
CA VAL A 85 4.51 3.45 2.60
C VAL A 85 3.27 3.62 3.49
N ILE A 86 3.32 3.02 4.67
CA ILE A 86 2.20 3.11 5.61
C ILE A 86 2.05 4.51 6.20
N ASP A 87 3.04 5.36 5.97
CA ASP A 87 2.99 6.73 6.48
C ASP A 87 2.77 7.71 5.33
N GLY A 88 3.51 7.50 4.24
CA GLY A 88 3.38 8.36 3.07
C GLY A 88 4.72 8.76 2.50
N LEU A 89 4.70 9.62 1.48
CA LEU A 89 5.92 10.10 0.84
C LEU A 89 5.59 11.11 -0.25
N ASP A 90 5.88 12.38 0.03
CA ASP A 90 5.61 13.46 -0.92
C ASP A 90 6.87 13.85 -1.68
N ARG A 91 8.02 13.62 -1.06
CA ARG A 91 9.30 13.96 -1.68
C ARG A 91 10.01 12.71 -2.19
N MET A 92 10.84 12.89 -3.21
CA MET A 92 11.58 11.78 -3.80
C MET A 92 12.65 11.28 -2.84
N ALA A 93 12.75 9.96 -2.71
CA ALA A 93 13.74 9.36 -1.81
C ALA A 93 14.26 8.04 -2.38
N HIS A 94 15.51 7.71 -2.06
CA HIS A 94 16.11 6.47 -2.53
C HIS A 94 15.73 5.30 -1.63
N PHE A 95 15.71 4.11 -2.21
CA PHE A 95 15.35 2.90 -1.47
C PHE A 95 16.58 2.02 -1.26
N LYS A 96 17.51 2.06 -2.21
CA LYS A 96 18.73 1.24 -2.11
C LYS A 96 19.61 1.46 -3.33
N ASP A 97 20.91 1.22 -3.16
CA ASP A 97 21.88 1.39 -4.24
C ASP A 97 21.65 2.69 -4.99
N ASP A 98 20.80 2.67 -6.01
CA ASP A 98 20.50 3.87 -6.78
C ASP A 98 19.02 3.95 -7.17
N LEU A 99 18.22 3.01 -6.68
CA LEU A 99 16.80 3.02 -6.97
C LEU A 99 16.10 4.10 -6.17
N VAL A 100 15.48 5.06 -6.85
CA VAL A 100 14.81 6.15 -6.19
C VAL A 100 13.29 6.04 -6.33
N LEU A 101 12.58 6.30 -5.24
CA LEU A 101 11.13 6.24 -5.24
C LEU A 101 10.53 7.63 -5.43
N VAL A 102 9.70 7.79 -6.45
CA VAL A 102 9.07 9.08 -6.72
C VAL A 102 7.58 9.04 -6.37
N PRO A 103 7.07 10.11 -5.72
CA PRO A 103 5.67 10.20 -5.34
C PRO A 103 4.73 9.81 -6.47
N LEU A 104 3.88 8.82 -6.22
CA LEU A 104 2.94 8.34 -7.23
C LEU A 104 1.49 8.53 -6.79
N THR A 105 1.16 8.07 -5.59
CA THR A 105 -0.20 8.17 -5.08
C THR A 105 -0.24 8.18 -3.56
N THR A 106 -0.90 9.20 -3.00
CA THR A 106 -1.03 9.35 -1.56
C THR A 106 -2.50 9.33 -1.14
N LYS A 107 -2.93 8.20 -0.58
CA LYS A 107 -4.32 8.06 -0.14
C LYS A 107 -4.38 7.51 1.29
N VAL A 108 -5.39 7.93 2.03
CA VAL A 108 -5.57 7.49 3.41
C VAL A 108 -6.71 6.48 3.52
N VAL A 109 -6.51 5.47 4.36
CA VAL A 109 -7.52 4.44 4.56
C VAL A 109 -7.56 3.99 6.02
N GLY A 110 -8.76 3.96 6.59
CA GLY A 110 -8.91 3.55 7.97
C GLY A 110 -8.49 4.63 8.94
N GLY A 111 -7.21 5.01 8.89
CA GLY A 111 -6.70 6.03 9.78
C GLY A 111 -5.19 6.18 9.70
N SER A 112 -4.67 6.12 8.49
CA SER A 112 -3.23 6.25 8.27
C SER A 112 -2.91 6.56 6.81
N ARG A 113 -2.05 7.54 6.59
CA ARG A 113 -1.66 7.93 5.24
C ARG A 113 -0.98 6.77 4.51
N CYS A 114 -1.21 6.69 3.20
CA CYS A 114 -0.62 5.63 2.39
C CYS A 114 -0.15 6.16 1.04
N THR A 115 1.15 6.44 0.93
CA THR A 115 1.71 6.95 -0.31
C THR A 115 2.46 5.85 -1.06
N ILE A 116 2.38 5.88 -2.38
CA ILE A 116 3.07 4.90 -3.21
C ILE A 116 3.99 5.62 -4.19
N CYS A 117 5.17 5.05 -4.44
CA CYS A 117 6.13 5.68 -5.34
C CYS A 117 6.73 4.68 -6.32
N ASP A 118 6.86 5.10 -7.57
CA ASP A 118 7.45 4.25 -8.60
C ASP A 118 8.92 4.05 -8.33
N VAL A 119 9.45 2.89 -8.71
CA VAL A 119 10.86 2.59 -8.49
C VAL A 119 11.67 2.90 -9.73
N VAL A 120 12.38 4.02 -9.71
CA VAL A 120 13.19 4.44 -10.83
C VAL A 120 14.62 4.74 -10.40
N LYS A 121 15.58 4.34 -11.22
CA LYS A 121 16.99 4.55 -10.90
C LYS A 121 17.38 6.01 -11.11
N GLU A 122 18.05 6.58 -10.11
CA GLU A 122 18.49 7.97 -10.16
C GLU A 122 19.55 8.16 -11.24
N GLU A 123 19.14 8.64 -12.41
CA GLU A 123 20.05 8.86 -13.51
C GLU A 123 19.47 9.86 -14.50
N GLY A 1 -20.73 -1.60 3.13
CA GLY A 1 -19.50 -0.96 3.68
C GLY A 1 -19.60 -0.67 5.17
N LEU A 2 -20.75 -0.16 5.58
CA LEU A 2 -20.98 0.16 6.99
C LEU A 2 -19.98 1.21 7.47
N THR A 3 -20.09 1.58 8.74
CA THR A 3 -19.19 2.57 9.33
C THR A 3 -17.74 2.28 8.98
N ALA A 4 -17.40 1.00 8.97
CA ALA A 4 -16.05 0.55 8.65
C ALA A 4 -15.56 1.16 7.34
N THR A 5 -16.50 1.44 6.43
CA THR A 5 -16.16 2.03 5.14
C THR A 5 -15.65 3.46 5.31
N LEU A 6 -16.00 4.07 6.44
CA LEU A 6 -15.59 5.44 6.73
C LEU A 6 -16.20 6.41 5.74
N ALA A 7 -17.43 6.86 6.05
CA ALA A 7 -18.15 7.79 5.18
C ALA A 7 -18.69 7.08 3.96
N ALA A 8 -17.80 6.68 3.07
CA ALA A 8 -18.18 5.98 1.84
C ALA A 8 -17.00 5.85 0.90
N LEU A 9 -16.78 4.64 0.40
CA LEU A 9 -15.68 4.37 -0.53
C LEU A 9 -16.20 4.05 -1.93
N THR A 10 -15.58 4.66 -2.93
CA THR A 10 -15.97 4.44 -4.31
C THR A 10 -14.99 3.50 -5.01
N ASP A 11 -15.24 3.24 -6.29
CA ASP A 11 -14.39 2.36 -7.08
C ASP A 11 -12.91 2.77 -6.97
N ASP A 12 -12.69 4.05 -6.75
CA ASP A 12 -11.34 4.58 -6.61
C ASP A 12 -10.63 3.98 -5.41
N ASP A 13 -11.35 3.87 -4.30
CA ASP A 13 -10.80 3.30 -3.07
C ASP A 13 -10.32 1.88 -3.30
N PHE A 14 -11.20 1.05 -3.85
CA PHE A 14 -10.87 -0.35 -4.12
C PHE A 14 -9.83 -0.45 -5.23
N GLN A 15 -9.81 0.56 -6.10
CA GLN A 15 -8.85 0.59 -7.20
C GLN A 15 -7.46 0.90 -6.66
N PHE A 16 -7.43 1.72 -5.61
CA PHE A 16 -6.17 2.08 -4.98
C PHE A 16 -5.49 0.85 -4.41
N LEU A 17 -6.30 -0.05 -3.88
CA LEU A 17 -5.78 -1.29 -3.30
C LEU A 17 -5.09 -2.12 -4.37
N SER A 18 -5.67 -2.15 -5.56
CA SER A 18 -5.09 -2.89 -6.67
C SER A 18 -3.65 -2.44 -6.91
N ASP A 19 -3.41 -1.14 -6.70
CA ASP A 19 -2.08 -0.58 -6.86
C ASP A 19 -1.20 -0.94 -5.66
N VAL A 20 -1.80 -0.94 -4.47
CA VAL A 20 -1.07 -1.28 -3.26
C VAL A 20 -0.61 -2.73 -3.30
N LEU A 21 -1.57 -3.64 -3.44
CA LEU A 21 -1.26 -5.06 -3.52
C LEU A 21 -0.33 -5.31 -4.70
N ASP A 22 -0.36 -4.40 -5.68
CA ASP A 22 0.48 -4.51 -6.86
C ASP A 22 1.93 -4.18 -6.51
N CYS A 23 2.11 -3.29 -5.54
CA CYS A 23 3.46 -2.90 -5.12
C CYS A 23 4.34 -4.12 -4.87
N ARG A 24 5.60 -3.87 -4.54
CA ARG A 24 6.54 -4.95 -4.27
C ARG A 24 6.84 -5.06 -2.77
N ALA A 25 7.42 -4.00 -2.22
CA ALA A 25 7.74 -3.98 -0.80
C ALA A 25 6.96 -2.89 -0.09
N VAL A 26 6.48 -3.19 1.12
CA VAL A 26 5.71 -2.22 1.89
C VAL A 26 6.33 -1.99 3.26
N ARG A 27 6.58 -0.73 3.57
CA ARG A 27 7.17 -0.34 4.84
C ARG A 27 6.59 0.97 5.34
N SER A 28 7.11 1.46 6.46
CA SER A 28 6.63 2.72 7.03
C SER A 28 7.69 3.81 6.89
N ALA A 29 7.26 4.99 6.45
CA ALA A 29 8.17 6.11 6.27
C ALA A 29 8.89 6.44 7.59
N MET A 30 8.13 6.45 8.67
CA MET A 30 8.69 6.75 9.98
C MET A 30 9.85 5.81 10.30
N ASN A 31 9.84 4.63 9.69
CA ASN A 31 10.89 3.65 9.89
C ASN A 31 10.97 2.70 8.70
N LEU A 32 11.39 3.24 7.55
CA LEU A 32 11.51 2.45 6.33
C LEU A 32 12.64 1.43 6.43
N ARG A 33 13.55 1.63 7.39
CA ARG A 33 14.67 0.74 7.58
C ARG A 33 14.34 -0.41 8.52
N ALA A 34 13.06 -0.59 8.83
CA ALA A 34 12.62 -1.68 9.71
C ALA A 34 11.11 -1.70 9.89
N ALA A 35 10.55 -2.90 9.95
CA ALA A 35 9.11 -3.07 10.11
C ALA A 35 8.72 -2.92 11.58
N LEU A 36 7.42 -3.00 11.86
CA LEU A 36 6.93 -2.88 13.23
C LEU A 36 7.00 -4.22 13.95
N THR A 37 6.17 -5.17 13.51
CA THR A 37 6.14 -6.49 14.10
C THR A 37 5.11 -7.38 13.41
N SER A 38 4.96 -8.61 13.90
CA SER A 38 4.02 -9.56 13.32
C SER A 38 2.60 -8.99 13.29
N PHE A 39 1.95 -8.96 14.44
CA PHE A 39 0.58 -8.45 14.55
C PHE A 39 0.46 -7.05 13.95
N GLN A 40 1.48 -6.23 14.15
CA GLN A 40 1.48 -4.87 13.64
C GLN A 40 1.22 -4.84 12.14
N VAL A 41 2.10 -5.50 11.38
CA VAL A 41 1.95 -5.56 9.92
C VAL A 41 0.59 -6.13 9.55
N ALA A 42 0.16 -7.15 10.29
CA ALA A 42 -1.12 -7.78 10.03
C ALA A 42 -2.27 -6.82 10.29
N GLN A 43 -2.07 -5.91 11.24
CA GLN A 43 -3.09 -4.92 11.58
C GLN A 43 -3.47 -4.10 10.34
N TYR A 44 -2.47 -3.48 9.73
CA TYR A 44 -2.69 -2.68 8.53
C TYR A 44 -3.31 -3.54 7.43
N ARG A 45 -2.88 -4.80 7.37
CA ARG A 45 -3.38 -5.74 6.37
C ARG A 45 -4.87 -5.99 6.60
N ASN A 46 -5.28 -5.97 7.85
CA ASN A 46 -6.68 -6.20 8.21
C ASN A 46 -7.53 -5.00 7.84
N ILE A 47 -6.93 -3.81 7.89
CA ILE A 47 -7.65 -2.59 7.55
C ILE A 47 -8.22 -2.66 6.13
N LEU A 48 -7.33 -2.80 5.16
CA LEU A 48 -7.74 -2.90 3.76
C LEU A 48 -8.49 -4.20 3.50
N ASN A 49 -7.97 -5.29 4.08
CA ASN A 49 -8.59 -6.59 3.92
C ASN A 49 -10.01 -6.60 4.48
N ALA A 50 -10.23 -5.78 5.51
CA ALA A 50 -11.55 -5.67 6.13
C ALA A 50 -12.54 -4.95 5.23
N SER A 51 -12.02 -4.08 4.38
CA SER A 51 -12.86 -3.32 3.46
C SER A 51 -13.46 -4.25 2.39
N LEU A 52 -12.69 -5.27 2.02
CA LEU A 52 -13.12 -6.23 1.00
C LEU A 52 -14.39 -6.98 1.42
N GLN A 53 -14.32 -7.65 2.57
CA GLN A 53 -15.46 -8.42 3.08
C GLN A 53 -16.75 -7.61 3.06
N VAL A 54 -16.64 -6.30 3.13
CA VAL A 54 -17.82 -5.42 3.11
C VAL A 54 -17.98 -4.74 1.76
N ASP A 55 -17.38 -5.32 0.72
CA ASP A 55 -17.47 -4.77 -0.63
C ASP A 55 -18.63 -5.38 -1.39
N ARG A 56 -19.09 -4.69 -2.44
CA ARG A 56 -20.19 -5.18 -3.26
C ARG A 56 -19.77 -6.39 -4.08
N ASP A 57 -18.60 -6.29 -4.71
CA ASP A 57 -18.08 -7.38 -5.53
C ASP A 57 -17.36 -8.41 -4.68
N ALA A 58 -18.08 -9.46 -4.29
CA ALA A 58 -17.52 -10.52 -3.46
C ALA A 58 -16.45 -11.30 -4.23
N ALA A 59 -16.61 -11.37 -5.54
CA ALA A 59 -15.67 -12.09 -6.39
C ALA A 59 -14.36 -11.33 -6.53
N ARG A 60 -14.47 -10.01 -6.66
CA ARG A 60 -13.28 -9.16 -6.81
C ARG A 60 -12.54 -9.05 -5.48
N SER A 61 -13.27 -9.09 -4.38
CA SER A 61 -12.67 -9.00 -3.05
C SER A 61 -11.71 -10.15 -2.80
N ARG A 62 -12.17 -11.37 -3.07
CA ARG A 62 -11.35 -12.55 -2.87
C ARG A 62 -10.01 -12.44 -3.59
N ARG A 63 -10.03 -11.86 -4.78
CA ARG A 63 -8.81 -11.68 -5.57
C ARG A 63 -7.80 -10.83 -4.81
N LEU A 64 -8.29 -9.78 -4.16
CA LEU A 64 -7.43 -8.88 -3.39
C LEU A 64 -6.90 -9.58 -2.14
N MET A 65 -7.75 -10.38 -1.52
CA MET A 65 -7.38 -11.11 -0.32
C MET A 65 -6.17 -12.01 -0.57
N ALA A 66 -6.05 -12.50 -1.80
CA ALA A 66 -4.93 -13.36 -2.16
C ALA A 66 -3.69 -12.53 -2.46
N LYS A 67 -3.90 -11.35 -3.03
CA LYS A 67 -2.80 -10.46 -3.35
C LYS A 67 -2.23 -9.84 -2.09
N LEU A 68 -3.10 -9.60 -1.11
CA LEU A 68 -2.69 -9.02 0.16
C LEU A 68 -1.99 -10.05 1.04
N ALA A 69 -2.25 -11.33 0.76
CA ALA A 69 -1.64 -12.41 1.53
C ALA A 69 -0.12 -12.30 1.53
N ASP A 70 0.43 -11.66 0.51
CA ASP A 70 1.87 -11.48 0.40
C ASP A 70 2.29 -10.06 0.77
N PHE A 71 1.40 -9.35 1.46
CA PHE A 71 1.68 -7.97 1.86
C PHE A 71 2.86 -7.91 2.85
N ALA A 72 3.81 -7.03 2.56
CA ALA A 72 4.98 -6.86 3.41
C ALA A 72 5.87 -8.11 3.41
N VAL A 73 5.96 -8.75 2.26
CA VAL A 73 6.79 -9.96 2.13
C VAL A 73 8.04 -9.67 1.31
N GLU A 74 9.07 -10.48 1.53
CA GLU A 74 10.34 -10.32 0.83
C GLU A 74 10.19 -10.67 -0.65
N GLN A 75 9.89 -9.66 -1.46
CA GLN A 75 9.72 -9.87 -2.90
C GLN A 75 10.73 -9.04 -3.68
N GLU A 76 11.29 -9.65 -4.73
CA GLU A 76 12.27 -8.96 -5.57
C GLU A 76 11.68 -7.71 -6.20
N VAL A 77 12.16 -6.55 -5.78
CA VAL A 77 11.68 -5.28 -6.31
C VAL A 77 12.37 -4.97 -7.63
N THR A 78 11.73 -4.13 -8.43
CA THR A 78 12.28 -3.77 -9.73
C THR A 78 11.77 -2.41 -10.19
N ALA A 79 12.48 -1.80 -11.13
CA ALA A 79 12.08 -0.51 -11.65
C ALA A 79 10.74 -0.62 -12.36
N GLY A 80 9.97 0.45 -12.34
CA GLY A 80 8.66 0.44 -12.95
C GLY A 80 7.58 0.08 -11.95
N ASP A 81 7.96 -0.75 -10.97
CA ASP A 81 7.03 -1.16 -9.92
C ASP A 81 6.74 0.03 -9.01
N ARG A 82 6.27 -0.23 -7.79
CA ARG A 82 5.96 0.83 -6.85
C ARG A 82 6.22 0.39 -5.41
N VAL A 83 6.51 1.36 -4.56
CA VAL A 83 6.76 1.11 -3.14
C VAL A 83 5.70 1.80 -2.29
N VAL A 84 4.98 1.02 -1.49
CA VAL A 84 3.94 1.57 -0.64
C VAL A 84 4.48 1.91 0.75
N VAL A 85 4.26 3.15 1.17
CA VAL A 85 4.70 3.60 2.48
C VAL A 85 3.49 3.78 3.40
N ILE A 86 3.45 2.99 4.47
CA ILE A 86 2.33 3.04 5.42
C ILE A 86 2.14 4.43 6.01
N ASP A 87 3.15 5.29 5.88
CA ASP A 87 3.05 6.66 6.41
C ASP A 87 2.80 7.63 5.26
N GLY A 88 3.54 7.45 4.17
CA GLY A 88 3.39 8.30 3.01
C GLY A 88 4.73 8.71 2.42
N LEU A 89 4.71 9.72 1.57
CA LEU A 89 5.94 10.22 0.94
C LEU A 89 5.64 11.43 0.05
N ASP A 90 6.06 12.60 0.50
CA ASP A 90 5.84 13.84 -0.26
C ASP A 90 7.15 14.37 -0.83
N ARG A 91 7.98 13.46 -1.33
CA ARG A 91 9.27 13.85 -1.91
C ARG A 91 10.00 12.63 -2.47
N MET A 92 10.91 12.88 -3.40
CA MET A 92 11.69 11.80 -4.02
C MET A 92 12.73 11.27 -3.05
N ALA A 93 12.73 9.96 -2.83
CA ALA A 93 13.68 9.34 -1.92
C ALA A 93 14.20 8.01 -2.47
N HIS A 94 15.44 7.67 -2.12
CA HIS A 94 16.05 6.42 -2.57
C HIS A 94 15.61 5.25 -1.70
N PHE A 95 15.60 4.05 -2.29
CA PHE A 95 15.20 2.86 -1.57
C PHE A 95 16.40 1.94 -1.34
N LYS A 96 17.31 1.89 -2.30
CA LYS A 96 18.49 1.04 -2.18
C LYS A 96 19.37 1.14 -3.42
N ASP A 97 20.63 0.71 -3.30
CA ASP A 97 21.57 0.76 -4.42
C ASP A 97 21.49 2.09 -5.14
N ASP A 98 20.64 2.18 -6.17
CA ASP A 98 20.48 3.41 -6.92
C ASP A 98 19.04 3.60 -7.39
N LEU A 99 18.13 2.81 -6.85
CA LEU A 99 16.72 2.92 -7.22
C LEU A 99 16.05 3.99 -6.36
N VAL A 100 15.48 4.99 -7.03
CA VAL A 100 14.83 6.07 -6.31
C VAL A 100 13.31 6.03 -6.47
N LEU A 101 12.61 6.27 -5.38
CA LEU A 101 11.16 6.26 -5.38
C LEU A 101 10.62 7.68 -5.48
N VAL A 102 9.78 7.92 -6.49
CA VAL A 102 9.21 9.24 -6.69
C VAL A 102 7.72 9.24 -6.35
N PRO A 103 7.27 10.24 -5.56
CA PRO A 103 5.86 10.34 -5.17
C PRO A 103 4.93 10.15 -6.37
N LEU A 104 4.03 9.18 -6.26
CA LEU A 104 3.10 8.88 -7.33
C LEU A 104 1.65 8.98 -6.87
N THR A 105 1.39 8.60 -5.63
CA THR A 105 0.03 8.66 -5.09
C THR A 105 0.04 8.57 -3.56
N THR A 106 -0.96 9.19 -2.94
CA THR A 106 -1.09 9.19 -1.50
C THR A 106 -2.57 9.11 -1.08
N LYS A 107 -2.94 8.01 -0.44
CA LYS A 107 -4.32 7.82 0.00
C LYS A 107 -4.38 7.42 1.47
N VAL A 108 -5.33 7.99 2.20
CA VAL A 108 -5.49 7.70 3.61
C VAL A 108 -6.69 6.79 3.85
N VAL A 109 -6.42 5.60 4.39
CA VAL A 109 -7.47 4.63 4.67
C VAL A 109 -7.61 4.39 6.17
N GLY A 110 -8.80 4.64 6.70
CA GLY A 110 -9.04 4.43 8.12
C GLY A 110 -8.44 5.54 8.97
N GLY A 111 -7.13 5.51 9.14
CA GLY A 111 -6.45 6.53 9.94
C GLY A 111 -4.96 6.53 9.72
N SER A 112 -4.53 6.17 8.52
CA SER A 112 -3.12 6.13 8.18
C SER A 112 -2.89 6.45 6.71
N ARG A 113 -1.95 7.34 6.43
CA ARG A 113 -1.64 7.72 5.06
C ARG A 113 -1.01 6.55 4.30
N CYS A 114 -1.21 6.53 2.99
CA CYS A 114 -0.66 5.46 2.16
C CYS A 114 -0.15 6.03 0.82
N THR A 115 1.13 6.36 0.79
CA THR A 115 1.74 6.91 -0.42
C THR A 115 2.53 5.84 -1.18
N ILE A 116 2.44 5.88 -2.49
CA ILE A 116 3.18 4.94 -3.34
C ILE A 116 4.06 5.69 -4.31
N CYS A 117 5.25 5.17 -4.55
CA CYS A 117 6.18 5.82 -5.45
C CYS A 117 6.77 4.85 -6.46
N ASP A 118 6.83 5.28 -7.72
CA ASP A 118 7.39 4.48 -8.79
C ASP A 118 8.86 4.21 -8.53
N VAL A 119 9.35 3.04 -8.93
CA VAL A 119 10.73 2.68 -8.73
C VAL A 119 11.56 3.02 -9.97
N VAL A 120 12.30 4.11 -9.90
CA VAL A 120 13.13 4.56 -11.01
C VAL A 120 14.57 4.75 -10.57
N LYS A 121 15.50 4.38 -11.45
CA LYS A 121 16.92 4.50 -11.13
C LYS A 121 17.37 5.96 -11.22
N GLU A 122 18.15 6.38 -10.23
CA GLU A 122 18.65 7.75 -10.18
C GLU A 122 19.81 7.95 -11.16
N GLU A 123 19.53 8.62 -12.27
CA GLU A 123 20.55 8.86 -13.28
C GLU A 123 20.14 10.03 -14.19
N GLY A 1 -12.72 12.23 -0.68
CA GLY A 1 -13.36 10.90 -0.45
C GLY A 1 -12.75 10.18 0.74
N LEU A 2 -12.70 10.84 1.89
CA LEU A 2 -12.15 10.25 3.10
C LEU A 2 -13.16 10.29 4.24
N THR A 3 -13.26 11.44 4.90
CA THR A 3 -14.21 11.60 6.01
C THR A 3 -15.57 11.96 5.47
N ALA A 4 -15.61 12.98 4.61
CA ALA A 4 -16.86 13.43 4.02
C ALA A 4 -17.60 12.27 3.37
N THR A 5 -16.83 11.26 2.96
CA THR A 5 -17.40 10.07 2.34
C THR A 5 -17.30 8.87 3.28
N LEU A 6 -17.42 9.15 4.58
CA LEU A 6 -17.33 8.11 5.60
C LEU A 6 -18.30 6.96 5.30
N ALA A 7 -19.35 7.26 4.55
CA ALA A 7 -20.35 6.25 4.19
C ALA A 7 -19.70 4.99 3.64
N ALA A 8 -18.88 5.16 2.61
CA ALA A 8 -18.20 4.04 1.98
C ALA A 8 -17.10 4.52 1.04
N LEU A 9 -16.55 3.59 0.27
CA LEU A 9 -15.48 3.91 -0.67
C LEU A 9 -15.90 3.54 -2.10
N THR A 10 -15.39 4.31 -3.07
CA THR A 10 -15.71 4.06 -4.48
C THR A 10 -14.74 3.06 -5.08
N ASP A 11 -14.93 2.78 -6.37
CA ASP A 11 -14.06 1.83 -7.07
C ASP A 11 -12.61 2.31 -7.06
N ASP A 12 -12.43 3.62 -7.04
CA ASP A 12 -11.08 4.20 -7.02
C ASP A 12 -10.30 3.71 -5.81
N ASP A 13 -10.96 3.65 -4.66
CA ASP A 13 -10.32 3.19 -3.44
C ASP A 13 -9.83 1.76 -3.59
N PHE A 14 -10.73 0.88 -4.01
CA PHE A 14 -10.41 -0.53 -4.19
C PHE A 14 -9.34 -0.70 -5.26
N GLN A 15 -9.28 0.26 -6.19
CA GLN A 15 -8.30 0.22 -7.27
C GLN A 15 -6.93 0.63 -6.74
N PHE A 16 -6.94 1.51 -5.73
CA PHE A 16 -5.70 1.99 -5.13
C PHE A 16 -5.05 0.90 -4.29
N LEU A 17 -5.82 0.34 -3.35
CA LEU A 17 -5.31 -0.71 -2.48
C LEU A 17 -4.88 -1.92 -3.30
N SER A 18 -5.62 -2.22 -4.36
CA SER A 18 -5.29 -3.36 -5.22
C SER A 18 -3.89 -3.17 -5.80
N ASP A 19 -3.53 -1.91 -6.04
CA ASP A 19 -2.22 -1.58 -6.58
C ASP A 19 -1.14 -1.65 -5.51
N VAL A 20 -1.53 -1.45 -4.24
CA VAL A 20 -0.55 -1.52 -3.16
C VAL A 20 -0.08 -2.95 -2.95
N LEU A 21 -0.98 -3.89 -3.23
CA LEU A 21 -0.65 -5.30 -3.11
C LEU A 21 0.24 -5.72 -4.27
N ASP A 22 0.15 -4.96 -5.36
CA ASP A 22 0.96 -5.22 -6.55
C ASP A 22 2.36 -4.67 -6.37
N CYS A 23 2.52 -3.68 -5.48
CA CYS A 23 3.83 -3.08 -5.23
C CYS A 23 4.90 -4.15 -5.04
N ARG A 24 6.15 -3.73 -4.98
CA ARG A 24 7.26 -4.67 -4.80
C ARG A 24 7.79 -4.64 -3.38
N ALA A 25 7.59 -3.53 -2.68
CA ALA A 25 8.06 -3.39 -1.30
C ALA A 25 7.03 -2.69 -0.44
N VAL A 26 6.92 -3.13 0.82
CA VAL A 26 5.99 -2.54 1.76
C VAL A 26 6.70 -2.12 3.04
N ARG A 27 6.78 -0.82 3.27
CA ARG A 27 7.45 -0.29 4.45
C ARG A 27 6.72 0.95 4.98
N SER A 28 7.29 1.58 6.00
CA SER A 28 6.70 2.77 6.60
C SER A 28 7.57 3.99 6.37
N ALA A 29 6.94 5.13 6.10
CA ALA A 29 7.67 6.36 5.87
C ALA A 29 8.49 6.75 7.08
N MET A 30 7.82 6.82 8.24
CA MET A 30 8.50 7.17 9.48
C MET A 30 9.72 6.28 9.72
N ASN A 31 9.69 5.08 9.15
CA ASN A 31 10.79 4.13 9.29
C ASN A 31 10.86 3.21 8.08
N LEU A 32 11.31 3.75 6.95
CA LEU A 32 11.42 2.98 5.72
C LEU A 32 12.63 2.04 5.76
N ARG A 33 13.56 2.32 6.67
CA ARG A 33 14.76 1.50 6.79
C ARG A 33 14.55 0.32 7.75
N ALA A 34 13.29 0.06 8.11
CA ALA A 34 12.97 -1.04 9.02
C ALA A 34 11.46 -1.24 9.14
N ALA A 35 11.07 -2.42 9.60
CA ALA A 35 9.66 -2.74 9.77
C ALA A 35 9.22 -2.52 11.21
N LEU A 36 7.93 -2.72 11.48
CA LEU A 36 7.40 -2.54 12.83
C LEU A 36 7.36 -3.87 13.57
N THR A 37 6.50 -4.77 13.12
CA THR A 37 6.36 -6.10 13.72
C THR A 37 5.18 -6.84 13.12
N SER A 38 5.19 -8.17 13.22
CA SER A 38 4.13 -9.00 12.68
C SER A 38 2.75 -8.45 13.07
N PHE A 39 2.64 -7.95 14.29
CA PHE A 39 1.38 -7.40 14.78
C PHE A 39 1.11 -6.02 14.15
N GLN A 40 2.16 -5.26 13.92
CA GLN A 40 2.02 -3.92 13.34
C GLN A 40 1.60 -4.02 11.88
N VAL A 41 2.38 -4.74 11.08
CA VAL A 41 2.08 -4.90 9.66
C VAL A 41 0.67 -5.48 9.47
N ALA A 42 0.29 -6.39 10.36
CA ALA A 42 -1.02 -7.01 10.30
C ALA A 42 -2.13 -5.99 10.55
N GLN A 43 -1.87 -5.06 11.46
CA GLN A 43 -2.85 -4.02 11.77
C GLN A 43 -3.21 -3.25 10.49
N TYR A 44 -2.21 -3.03 9.65
CA TYR A 44 -2.41 -2.33 8.39
C TYR A 44 -3.09 -3.24 7.37
N ARG A 45 -2.57 -4.46 7.25
CA ARG A 45 -3.12 -5.43 6.30
C ARG A 45 -4.57 -5.75 6.64
N ASN A 46 -4.93 -5.60 7.92
CA ASN A 46 -6.29 -5.87 8.36
C ASN A 46 -7.21 -4.72 7.97
N ILE A 47 -6.66 -3.52 7.91
CA ILE A 47 -7.44 -2.33 7.55
C ILE A 47 -8.07 -2.49 6.17
N LEU A 48 -7.22 -2.65 5.16
CA LEU A 48 -7.71 -2.83 3.79
C LEU A 48 -8.41 -4.16 3.62
N ASN A 49 -7.89 -5.19 4.30
CA ASN A 49 -8.48 -6.52 4.23
C ASN A 49 -9.93 -6.47 4.67
N ALA A 50 -10.22 -5.65 5.67
CA ALA A 50 -11.57 -5.48 6.18
C ALA A 50 -12.44 -4.77 5.14
N SER A 51 -11.79 -3.96 4.31
CA SER A 51 -12.49 -3.22 3.27
C SER A 51 -13.05 -4.16 2.20
N LEU A 52 -12.33 -5.26 1.97
CA LEU A 52 -12.74 -6.25 0.96
C LEU A 52 -14.02 -6.98 1.36
N GLN A 53 -14.16 -7.31 2.64
CA GLN A 53 -15.35 -8.03 3.12
C GLN A 53 -16.54 -7.09 3.31
N VAL A 54 -16.40 -5.84 2.91
CA VAL A 54 -17.48 -4.87 3.04
C VAL A 54 -17.81 -4.23 1.70
N ASP A 55 -17.44 -4.90 0.61
CA ASP A 55 -17.70 -4.39 -0.73
C ASP A 55 -18.98 -5.00 -1.30
N ARG A 56 -19.42 -4.47 -2.44
CA ARG A 56 -20.64 -4.97 -3.09
C ARG A 56 -20.34 -6.20 -3.94
N ASP A 57 -19.20 -6.17 -4.63
CA ASP A 57 -18.80 -7.29 -5.48
C ASP A 57 -18.05 -8.35 -4.67
N ALA A 58 -18.69 -9.49 -4.47
CA ALA A 58 -18.09 -10.58 -3.72
C ALA A 58 -16.89 -11.17 -4.47
N ALA A 59 -17.06 -11.33 -5.77
CA ALA A 59 -15.99 -11.88 -6.61
C ALA A 59 -14.73 -11.01 -6.54
N ARG A 60 -14.91 -9.70 -6.62
CA ARG A 60 -13.79 -8.77 -6.56
C ARG A 60 -13.04 -8.91 -5.24
N SER A 61 -13.77 -8.87 -4.14
CA SER A 61 -13.18 -9.00 -2.81
C SER A 61 -12.29 -10.24 -2.72
N ARG A 62 -12.84 -11.38 -3.11
CA ARG A 62 -12.09 -12.64 -3.07
C ARG A 62 -10.74 -12.50 -3.77
N ARG A 63 -10.71 -11.68 -4.82
CA ARG A 63 -9.48 -11.45 -5.56
C ARG A 63 -8.49 -10.61 -4.76
N LEU A 64 -8.99 -9.57 -4.12
CA LEU A 64 -8.16 -8.69 -3.31
C LEU A 64 -7.70 -9.41 -2.04
N MET A 65 -8.60 -10.20 -1.46
CA MET A 65 -8.29 -10.95 -0.25
C MET A 65 -7.07 -11.84 -0.44
N ALA A 66 -6.92 -12.37 -1.65
CA ALA A 66 -5.79 -13.23 -1.97
C ALA A 66 -4.56 -12.39 -2.25
N LYS A 67 -4.78 -11.22 -2.84
CA LYS A 67 -3.69 -10.30 -3.14
C LYS A 67 -3.08 -9.77 -1.85
N LEU A 68 -3.91 -9.69 -0.81
CA LEU A 68 -3.47 -9.22 0.50
C LEU A 68 -2.66 -10.30 1.21
N ALA A 69 -2.97 -11.56 0.91
CA ALA A 69 -2.27 -12.67 1.51
C ALA A 69 -0.77 -12.59 1.23
N ASP A 70 -0.43 -11.93 0.13
CA ASP A 70 0.97 -11.77 -0.27
C ASP A 70 1.50 -10.39 0.12
N PHE A 71 0.80 -9.71 1.02
CA PHE A 71 1.21 -8.38 1.47
C PHE A 71 2.56 -8.43 2.16
N ALA A 72 3.45 -7.52 1.77
CA ALA A 72 4.78 -7.44 2.35
C ALA A 72 5.55 -8.75 2.18
N VAL A 73 5.31 -9.42 1.06
CA VAL A 73 5.98 -10.69 0.78
C VAL A 73 7.43 -10.47 0.38
N GLU A 74 8.26 -11.49 0.57
CA GLU A 74 9.67 -11.40 0.23
C GLU A 74 9.87 -11.35 -1.27
N GLN A 75 10.01 -10.14 -1.80
CA GLN A 75 10.20 -9.94 -3.24
C GLN A 75 11.15 -8.78 -3.49
N GLU A 76 11.97 -8.91 -4.54
CA GLU A 76 12.92 -7.87 -4.89
C GLU A 76 12.26 -6.77 -5.71
N VAL A 77 12.53 -5.52 -5.34
CA VAL A 77 11.96 -4.38 -6.04
C VAL A 77 12.78 -4.04 -7.28
N THR A 78 12.13 -3.39 -8.25
CA THR A 78 12.79 -3.03 -9.48
C THR A 78 12.23 -1.71 -10.03
N ALA A 79 13.02 -1.05 -10.86
CA ALA A 79 12.59 0.22 -11.46
C ALA A 79 11.34 -0.01 -12.30
N GLY A 80 10.49 1.00 -12.36
CA GLY A 80 9.25 0.89 -13.11
C GLY A 80 8.12 0.46 -12.21
N ASP A 81 8.46 -0.31 -11.17
CA ASP A 81 7.49 -0.78 -10.20
C ASP A 81 7.19 0.33 -9.20
N ARG A 82 6.69 -0.02 -8.03
CA ARG A 82 6.38 0.97 -7.01
C ARG A 82 6.42 0.38 -5.61
N VAL A 83 6.60 1.25 -4.62
CA VAL A 83 6.66 0.84 -3.24
C VAL A 83 5.55 1.52 -2.43
N VAL A 84 4.77 0.73 -1.71
CA VAL A 84 3.69 1.26 -0.91
C VAL A 84 4.14 1.55 0.52
N VAL A 85 3.81 2.74 1.01
CA VAL A 85 4.19 3.14 2.36
C VAL A 85 2.98 3.21 3.27
N ILE A 86 3.16 2.83 4.53
CA ILE A 86 2.06 2.84 5.51
C ILE A 86 1.84 4.23 6.08
N ASP A 87 2.83 5.11 5.96
CA ASP A 87 2.73 6.47 6.47
C ASP A 87 2.55 7.45 5.31
N GLY A 88 3.32 7.26 4.26
CA GLY A 88 3.22 8.12 3.09
C GLY A 88 4.58 8.53 2.55
N LEU A 89 4.57 9.41 1.55
CA LEU A 89 5.80 9.90 0.94
C LEU A 89 5.50 10.93 -0.15
N ASP A 90 5.92 12.17 0.07
CA ASP A 90 5.69 13.24 -0.89
C ASP A 90 7.00 13.83 -1.39
N ARG A 91 7.97 12.96 -1.70
CA ARG A 91 9.26 13.42 -2.18
C ARG A 91 10.16 12.23 -2.51
N MET A 92 11.11 12.45 -3.43
CA MET A 92 12.04 11.40 -3.84
C MET A 92 12.80 10.87 -2.63
N ALA A 93 12.74 9.57 -2.42
CA ALA A 93 13.43 8.95 -1.28
C ALA A 93 14.19 7.69 -1.69
N HIS A 94 15.48 7.66 -1.36
CA HIS A 94 16.32 6.50 -1.69
C HIS A 94 15.78 5.23 -1.05
N PHE A 95 15.86 4.12 -1.78
CA PHE A 95 15.39 2.84 -1.29
C PHE A 95 16.41 1.73 -1.56
N LYS A 96 17.54 2.06 -2.16
CA LYS A 96 18.57 1.08 -2.46
C LYS A 96 19.91 1.75 -2.76
N ASP A 97 20.85 0.97 -3.29
CA ASP A 97 22.17 1.50 -3.63
C ASP A 97 22.06 2.82 -4.38
N ASP A 98 21.18 2.87 -5.37
CA ASP A 98 20.99 4.08 -6.15
C ASP A 98 19.56 4.17 -6.69
N LEU A 99 18.64 3.43 -6.08
CA LEU A 99 17.24 3.45 -6.50
C LEU A 99 16.40 4.17 -5.46
N VAL A 100 15.68 5.20 -5.90
CA VAL A 100 14.84 5.97 -4.99
C VAL A 100 13.36 5.75 -5.25
N LEU A 101 12.54 6.42 -4.47
CA LEU A 101 11.10 6.33 -4.58
C LEU A 101 10.51 7.72 -4.75
N VAL A 102 9.77 7.92 -5.84
CA VAL A 102 9.15 9.20 -6.11
C VAL A 102 7.64 9.16 -5.85
N PRO A 103 7.09 10.20 -5.20
CA PRO A 103 5.66 10.27 -4.91
C PRO A 103 4.81 9.93 -6.13
N LEU A 104 3.95 8.93 -5.99
CA LEU A 104 3.10 8.51 -7.10
C LEU A 104 1.62 8.57 -6.73
N THR A 105 1.25 7.95 -5.61
CA THR A 105 -0.14 7.96 -5.18
C THR A 105 -0.25 7.99 -3.66
N THR A 106 -0.97 8.99 -3.15
CA THR A 106 -1.16 9.15 -1.72
C THR A 106 -2.64 9.05 -1.37
N LYS A 107 -2.97 8.10 -0.51
CA LYS A 107 -4.36 7.90 -0.09
C LYS A 107 -4.43 7.43 1.36
N VAL A 108 -5.33 8.03 2.13
CA VAL A 108 -5.51 7.67 3.53
C VAL A 108 -6.70 6.74 3.71
N VAL A 109 -6.56 5.78 4.62
CA VAL A 109 -7.62 4.82 4.89
C VAL A 109 -7.69 4.49 6.37
N GLY A 110 -8.87 4.71 6.96
CA GLY A 110 -9.05 4.44 8.38
C GLY A 110 -8.11 5.25 9.26
N GLY A 111 -7.82 6.47 8.84
CA GLY A 111 -6.94 7.33 9.60
C GLY A 111 -5.48 6.96 9.42
N SER A 112 -5.15 6.40 8.27
CA SER A 112 -3.78 6.00 7.98
C SER A 112 -3.40 6.34 6.54
N ARG A 113 -2.39 7.20 6.39
CA ARG A 113 -1.94 7.61 5.08
C ARG A 113 -1.27 6.46 4.33
N CYS A 114 -1.43 6.44 3.01
CA CYS A 114 -0.84 5.40 2.19
C CYS A 114 -0.30 5.98 0.89
N THR A 115 1.02 6.10 0.80
CA THR A 115 1.65 6.65 -0.39
C THR A 115 2.38 5.56 -1.19
N ILE A 116 2.28 5.67 -2.51
CA ILE A 116 2.95 4.73 -3.40
C ILE A 116 3.94 5.51 -4.27
N CYS A 117 5.16 4.99 -4.41
CA CYS A 117 6.18 5.69 -5.18
C CYS A 117 6.86 4.80 -6.21
N ASP A 118 7.11 5.36 -7.38
CA ASP A 118 7.79 4.64 -8.44
C ASP A 118 9.27 4.52 -8.11
N VAL A 119 9.84 3.34 -8.37
CA VAL A 119 11.25 3.12 -8.08
C VAL A 119 12.11 3.54 -9.26
N VAL A 120 12.94 4.56 -9.04
CA VAL A 120 13.80 5.07 -10.10
C VAL A 120 15.22 5.27 -9.61
N LYS A 121 16.18 5.11 -10.50
CA LYS A 121 17.59 5.26 -10.16
C LYS A 121 17.95 6.74 -9.99
N GLU A 122 18.92 7.00 -9.11
CA GLU A 122 19.37 8.36 -8.85
C GLU A 122 20.49 8.75 -9.79
N GLU A 123 20.30 9.85 -10.51
CA GLU A 123 21.30 10.34 -11.46
C GLU A 123 22.14 11.45 -10.83
N GLY A 1 -16.59 9.73 2.59
CA GLY A 1 -16.75 8.37 2.01
C GLY A 1 -15.85 7.34 2.67
N LEU A 2 -14.82 7.81 3.38
CA LEU A 2 -13.89 6.91 4.05
C LEU A 2 -14.20 6.85 5.55
N THR A 3 -13.66 7.79 6.32
CA THR A 3 -13.89 7.83 7.76
C THR A 3 -15.34 8.22 8.06
N ALA A 4 -15.95 8.96 7.15
CA ALA A 4 -17.33 9.39 7.31
C ALA A 4 -18.30 8.22 7.18
N THR A 5 -17.86 7.18 6.47
CA THR A 5 -18.69 6.00 6.25
C THR A 5 -18.19 4.82 7.08
N LEU A 6 -16.87 4.65 7.11
CA LEU A 6 -16.25 3.56 7.86
C LEU A 6 -16.68 2.21 7.33
N ALA A 7 -15.72 1.29 7.21
CA ALA A 7 -16.00 -0.06 6.71
C ALA A 7 -16.65 0.00 5.32
N ALA A 8 -16.30 1.03 4.55
CA ALA A 8 -16.85 1.19 3.22
C ALA A 8 -16.16 2.34 2.48
N LEU A 9 -15.60 2.05 1.31
CA LEU A 9 -14.92 3.05 0.51
C LEU A 9 -15.42 3.04 -0.93
N THR A 10 -15.12 4.11 -1.66
CA THR A 10 -15.54 4.23 -3.05
C THR A 10 -14.76 3.26 -3.93
N ASP A 11 -15.16 3.18 -5.20
CA ASP A 11 -14.49 2.29 -6.15
C ASP A 11 -13.02 2.65 -6.29
N ASP A 12 -12.71 3.93 -6.13
CA ASP A 12 -11.34 4.41 -6.24
C ASP A 12 -10.45 3.76 -5.18
N ASP A 13 -10.99 3.61 -3.97
CA ASP A 13 -10.24 3.01 -2.87
C ASP A 13 -9.85 1.58 -3.21
N PHE A 14 -10.82 0.78 -3.61
CA PHE A 14 -10.58 -0.62 -3.96
C PHE A 14 -9.56 -0.71 -5.10
N GLN A 15 -9.51 0.32 -5.93
CA GLN A 15 -8.58 0.36 -7.05
C GLN A 15 -7.20 0.79 -6.58
N PHE A 16 -7.17 1.67 -5.58
CA PHE A 16 -5.92 2.15 -5.03
C PHE A 16 -5.23 1.06 -4.20
N LEU A 17 -5.97 0.53 -3.23
CA LEU A 17 -5.43 -0.52 -2.37
C LEU A 17 -5.00 -1.73 -3.20
N SER A 18 -5.77 -2.02 -4.25
CA SER A 18 -5.46 -3.14 -5.12
C SER A 18 -4.07 -2.95 -5.72
N ASP A 19 -3.72 -1.69 -5.97
CA ASP A 19 -2.43 -1.36 -6.53
C ASP A 19 -1.34 -1.42 -5.48
N VAL A 20 -1.71 -1.26 -4.21
CA VAL A 20 -0.71 -1.31 -3.13
C VAL A 20 -0.23 -2.75 -2.93
N LEU A 21 -1.10 -3.71 -3.24
CA LEU A 21 -0.74 -5.11 -3.13
C LEU A 21 0.13 -5.50 -4.31
N ASP A 22 0.08 -4.67 -5.36
CA ASP A 22 0.87 -4.90 -6.56
C ASP A 22 2.29 -4.35 -6.38
N CYS A 23 2.44 -3.37 -5.50
CA CYS A 23 3.75 -2.76 -5.26
C CYS A 23 4.81 -3.83 -4.99
N ARG A 24 6.05 -3.41 -4.83
CA ARG A 24 7.14 -4.34 -4.57
C ARG A 24 7.71 -4.19 -3.15
N ALA A 25 7.11 -3.29 -2.37
CA ALA A 25 7.57 -3.07 -1.00
C ALA A 25 6.54 -2.31 -0.17
N VAL A 26 6.38 -2.71 1.08
CA VAL A 26 5.44 -2.06 1.98
C VAL A 26 6.11 -1.73 3.31
N ARG A 27 6.37 -0.45 3.55
CA ARG A 27 7.03 -0.02 4.78
C ARG A 27 6.74 1.45 5.06
N SER A 28 6.38 1.75 6.31
CA SER A 28 6.08 3.12 6.72
C SER A 28 7.32 4.00 6.64
N ALA A 29 7.11 5.27 6.27
CA ALA A 29 8.21 6.22 6.17
C ALA A 29 8.95 6.35 7.49
N MET A 30 8.20 6.45 8.58
CA MET A 30 8.78 6.58 9.92
C MET A 30 9.82 5.49 10.16
N ASN A 31 9.59 4.33 9.54
CA ASN A 31 10.50 3.19 9.68
C ASN A 31 10.47 2.35 8.41
N LEU A 32 10.92 2.94 7.31
CA LEU A 32 10.93 2.25 6.02
C LEU A 32 11.77 0.97 6.09
N ARG A 33 12.64 0.87 7.08
CA ARG A 33 13.50 -0.30 7.23
C ARG A 33 13.08 -1.14 8.44
N ALA A 34 12.26 -0.57 9.32
CA ALA A 34 11.81 -1.27 10.51
C ALA A 34 10.29 -1.44 10.52
N ALA A 35 9.84 -2.61 10.97
CA ALA A 35 8.40 -2.90 11.04
C ALA A 35 7.91 -2.84 12.47
N LEU A 36 6.61 -3.04 12.66
CA LEU A 36 6.03 -3.01 13.99
C LEU A 36 6.19 -4.36 14.69
N THR A 37 5.51 -5.37 14.16
CA THR A 37 5.58 -6.72 14.71
C THR A 37 4.62 -7.65 13.96
N SER A 38 4.76 -8.95 14.20
CA SER A 38 3.91 -9.93 13.54
C SER A 38 2.43 -9.58 13.67
N PHE A 39 1.99 -9.39 14.91
CA PHE A 39 0.60 -9.04 15.19
C PHE A 39 0.31 -7.59 14.83
N GLN A 40 1.31 -6.73 15.04
CA GLN A 40 1.15 -5.30 14.74
C GLN A 40 0.97 -5.06 13.24
N VAL A 41 1.73 -5.80 12.43
CA VAL A 41 1.65 -5.65 10.98
C VAL A 41 0.29 -6.13 10.47
N ALA A 42 -0.20 -7.21 11.04
CA ALA A 42 -1.48 -7.78 10.65
C ALA A 42 -2.62 -6.80 10.88
N GLN A 43 -2.46 -5.92 11.87
CA GLN A 43 -3.49 -4.93 12.19
C GLN A 43 -3.82 -4.09 10.96
N TYR A 44 -2.78 -3.64 10.25
CA TYR A 44 -2.95 -2.84 9.06
C TYR A 44 -3.55 -3.68 7.93
N ARG A 45 -3.05 -4.91 7.80
CA ARG A 45 -3.54 -5.82 6.76
C ARG A 45 -5.02 -6.09 6.94
N ASN A 46 -5.49 -6.05 8.18
CA ASN A 46 -6.90 -6.28 8.49
C ASN A 46 -7.76 -5.10 8.04
N ILE A 47 -7.18 -3.90 8.10
CA ILE A 47 -7.89 -2.69 7.69
C ILE A 47 -8.35 -2.80 6.25
N LEU A 48 -7.41 -2.97 5.33
CA LEU A 48 -7.73 -3.09 3.91
C LEU A 48 -8.51 -4.36 3.64
N ASN A 49 -8.04 -5.47 4.22
CA ASN A 49 -8.70 -6.76 4.05
C ASN A 49 -10.15 -6.69 4.50
N ALA A 50 -10.42 -5.86 5.50
CA ALA A 50 -11.77 -5.71 6.02
C ALA A 50 -12.67 -4.96 5.04
N SER A 51 -12.05 -4.11 4.22
CA SER A 51 -12.79 -3.34 3.23
C SER A 51 -13.36 -4.25 2.14
N LEU A 52 -12.63 -5.32 1.84
CA LEU A 52 -13.03 -6.27 0.81
C LEU A 52 -14.35 -6.98 1.17
N GLN A 53 -14.37 -7.63 2.33
CA GLN A 53 -15.56 -8.37 2.77
C GLN A 53 -16.83 -7.53 2.65
N VAL A 54 -16.68 -6.21 2.70
CA VAL A 54 -17.84 -5.32 2.60
C VAL A 54 -17.93 -4.68 1.22
N ASP A 55 -17.30 -5.33 0.23
CA ASP A 55 -17.31 -4.82 -1.14
C ASP A 55 -18.39 -5.53 -1.97
N ARG A 56 -19.01 -4.79 -2.88
CA ARG A 56 -20.04 -5.35 -3.74
C ARG A 56 -19.51 -6.51 -4.56
N ASP A 57 -18.45 -6.26 -5.33
CA ASP A 57 -17.84 -7.28 -6.16
C ASP A 57 -17.25 -8.39 -5.31
N ALA A 58 -17.97 -9.50 -5.20
CA ALA A 58 -17.51 -10.64 -4.41
C ALA A 58 -16.29 -11.29 -5.04
N ALA A 59 -16.38 -11.55 -6.34
CA ALA A 59 -15.27 -12.17 -7.06
C ALA A 59 -14.00 -11.33 -6.96
N ARG A 60 -14.14 -10.03 -7.15
CA ARG A 60 -13.00 -9.12 -7.07
C ARG A 60 -12.39 -9.11 -5.68
N SER A 61 -13.25 -9.10 -4.66
CA SER A 61 -12.79 -9.09 -3.28
C SER A 61 -11.87 -10.29 -3.00
N ARG A 62 -12.15 -11.41 -3.66
CA ARG A 62 -11.37 -12.62 -3.46
C ARG A 62 -9.91 -12.44 -3.90
N ARG A 63 -9.71 -11.93 -5.11
CA ARG A 63 -8.36 -11.72 -5.64
C ARG A 63 -7.55 -10.78 -4.74
N LEU A 64 -8.22 -9.82 -4.11
CA LEU A 64 -7.54 -8.88 -3.23
C LEU A 64 -7.06 -9.59 -1.96
N MET A 65 -7.92 -10.45 -1.43
CA MET A 65 -7.60 -11.20 -0.22
C MET A 65 -6.35 -12.04 -0.42
N ALA A 66 -6.11 -12.47 -1.65
CA ALA A 66 -4.93 -13.27 -1.96
C ALA A 66 -3.71 -12.37 -2.12
N LYS A 67 -3.93 -11.20 -2.69
CA LYS A 67 -2.85 -10.24 -2.89
C LYS A 67 -2.45 -9.63 -1.55
N LEU A 68 -3.42 -9.48 -0.66
CA LEU A 68 -3.17 -8.92 0.66
C LEU A 68 -2.45 -9.95 1.54
N ALA A 69 -2.60 -11.23 1.20
CA ALA A 69 -1.96 -12.30 1.96
C ALA A 69 -0.45 -12.08 2.04
N ASP A 70 0.10 -11.45 1.00
CA ASP A 70 1.52 -11.16 0.96
C ASP A 70 1.81 -9.81 1.59
N PHE A 71 0.88 -8.87 1.40
CA PHE A 71 1.00 -7.51 1.95
C PHE A 71 2.43 -6.98 1.84
N ALA A 72 3.23 -7.18 2.89
CA ALA A 72 4.61 -6.71 2.91
C ALA A 72 5.59 -7.87 2.85
N VAL A 73 5.48 -8.69 1.80
CA VAL A 73 6.36 -9.84 1.63
C VAL A 73 7.75 -9.39 1.22
N GLU A 74 8.77 -10.12 1.70
CA GLU A 74 10.16 -9.80 1.38
C GLU A 74 10.46 -10.08 -0.09
N GLN A 75 10.28 -9.06 -0.94
CA GLN A 75 10.55 -9.20 -2.36
C GLN A 75 11.48 -8.11 -2.85
N GLU A 76 12.14 -8.36 -3.98
CA GLU A 76 13.07 -7.39 -4.55
C GLU A 76 12.34 -6.36 -5.41
N VAL A 77 12.52 -5.09 -5.07
CA VAL A 77 11.89 -4.01 -5.81
C VAL A 77 12.69 -3.69 -7.07
N THR A 78 11.98 -3.36 -8.14
CA THR A 78 12.64 -3.06 -9.40
C THR A 78 12.07 -1.79 -10.03
N ALA A 79 12.82 -1.22 -10.97
CA ALA A 79 12.37 -0.02 -11.66
C ALA A 79 11.10 -0.30 -12.43
N GLY A 80 10.24 0.71 -12.54
CA GLY A 80 8.99 0.53 -13.24
C GLY A 80 7.89 0.16 -12.27
N ASP A 81 8.27 -0.54 -11.20
CA ASP A 81 7.31 -0.94 -10.18
C ASP A 81 7.07 0.23 -9.22
N ARG A 82 6.61 -0.06 -8.01
CA ARG A 82 6.35 0.99 -7.03
C ARG A 82 6.41 0.47 -5.61
N VAL A 83 6.55 1.38 -4.66
CA VAL A 83 6.62 1.03 -3.25
C VAL A 83 5.56 1.77 -2.46
N VAL A 84 4.74 1.04 -1.71
CA VAL A 84 3.68 1.64 -0.92
C VAL A 84 4.14 1.88 0.53
N VAL A 85 4.32 3.15 0.87
CA VAL A 85 4.74 3.50 2.22
C VAL A 85 3.54 3.65 3.14
N ILE A 86 3.61 3.05 4.33
CA ILE A 86 2.51 3.09 5.28
C ILE A 86 2.33 4.48 5.88
N ASP A 87 3.28 5.38 5.63
CA ASP A 87 3.21 6.75 6.15
C ASP A 87 2.93 7.72 5.01
N GLY A 88 3.65 7.54 3.91
CA GLY A 88 3.47 8.41 2.76
C GLY A 88 4.80 8.84 2.14
N LEU A 89 4.71 9.69 1.12
CA LEU A 89 5.91 10.19 0.45
C LEU A 89 5.53 11.18 -0.66
N ASP A 90 6.03 12.41 -0.54
CA ASP A 90 5.73 13.45 -1.52
C ASP A 90 7.00 14.06 -2.10
N ARG A 91 7.94 13.20 -2.49
CA ARG A 91 9.20 13.66 -3.07
C ARG A 91 10.10 12.50 -3.45
N MET A 92 11.03 12.74 -4.37
CA MET A 92 11.97 11.71 -4.81
C MET A 92 12.84 11.25 -3.64
N ALA A 93 12.84 9.95 -3.37
CA ALA A 93 13.63 9.42 -2.26
C ALA A 93 14.34 8.12 -2.64
N HIS A 94 15.64 8.06 -2.38
CA HIS A 94 16.43 6.88 -2.67
C HIS A 94 15.87 5.65 -1.95
N PHE A 95 15.94 4.51 -2.61
CA PHE A 95 15.44 3.26 -2.04
C PHE A 95 16.52 2.17 -1.99
N LYS A 96 17.52 2.28 -2.87
CA LYS A 96 18.58 1.28 -2.91
C LYS A 96 19.59 1.61 -4.00
N ASP A 97 20.88 1.49 -3.66
CA ASP A 97 21.96 1.77 -4.61
C ASP A 97 21.77 3.14 -5.27
N ASP A 98 21.06 3.16 -6.39
CA ASP A 98 20.80 4.40 -7.11
C ASP A 98 19.34 4.51 -7.53
N LEU A 99 18.51 3.59 -7.04
CA LEU A 99 17.09 3.60 -7.37
C LEU A 99 16.31 4.39 -6.34
N VAL A 100 15.58 5.40 -6.79
CA VAL A 100 14.80 6.24 -5.88
C VAL A 100 13.31 5.99 -6.04
N LEU A 101 12.54 6.69 -5.22
CA LEU A 101 11.09 6.58 -5.25
C LEU A 101 10.47 7.95 -5.44
N VAL A 102 9.65 8.08 -6.47
CA VAL A 102 8.99 9.35 -6.75
C VAL A 102 7.51 9.29 -6.42
N PRO A 103 6.95 10.34 -5.80
CA PRO A 103 5.53 10.38 -5.44
C PRO A 103 4.64 9.97 -6.59
N LEU A 104 3.81 8.96 -6.36
CA LEU A 104 2.93 8.45 -7.41
C LEU A 104 1.46 8.53 -6.98
N THR A 105 1.15 7.98 -5.81
CA THR A 105 -0.23 7.99 -5.32
C THR A 105 -0.30 7.97 -3.80
N THR A 106 -0.97 8.97 -3.23
CA THR A 106 -1.13 9.08 -1.79
C THR A 106 -2.61 8.98 -1.40
N LYS A 107 -2.92 7.99 -0.58
CA LYS A 107 -4.30 7.78 -0.13
C LYS A 107 -4.33 7.29 1.31
N VAL A 108 -5.16 7.92 2.13
CA VAL A 108 -5.28 7.53 3.53
C VAL A 108 -6.48 6.62 3.75
N VAL A 109 -6.27 5.55 4.51
CA VAL A 109 -7.34 4.59 4.79
C VAL A 109 -7.31 4.15 6.25
N GLY A 110 -8.43 4.39 6.94
CA GLY A 110 -8.52 4.01 8.35
C GLY A 110 -7.78 4.98 9.26
N GLY A 111 -7.28 6.07 8.69
CA GLY A 111 -6.56 7.05 9.49
C GLY A 111 -5.05 6.90 9.38
N SER A 112 -4.61 6.36 8.26
CA SER A 112 -3.17 6.16 8.02
C SER A 112 -2.80 6.50 6.58
N ARG A 113 -1.94 7.49 6.41
CA ARG A 113 -1.50 7.90 5.09
C ARG A 113 -0.80 6.76 4.36
N CYS A 114 -1.04 6.65 3.06
CA CYS A 114 -0.43 5.61 2.24
C CYS A 114 -0.02 6.14 0.89
N THR A 115 1.28 6.34 0.69
CA THR A 115 1.79 6.85 -0.57
C THR A 115 2.52 5.76 -1.36
N ILE A 116 2.37 5.81 -2.67
CA ILE A 116 3.03 4.86 -3.56
C ILE A 116 3.96 5.61 -4.50
N CYS A 117 5.18 5.12 -4.66
CA CYS A 117 6.16 5.79 -5.51
C CYS A 117 6.78 4.87 -6.53
N ASP A 118 6.97 5.39 -7.74
CA ASP A 118 7.60 4.63 -8.82
C ASP A 118 9.09 4.50 -8.56
N VAL A 119 9.66 3.34 -8.85
CA VAL A 119 11.08 3.12 -8.62
C VAL A 119 11.88 3.51 -9.86
N VAL A 120 12.68 4.57 -9.73
CA VAL A 120 13.48 5.05 -10.85
C VAL A 120 14.91 5.37 -10.41
N LYS A 121 15.86 5.06 -11.27
CA LYS A 121 17.27 5.32 -10.97
C LYS A 121 17.62 6.78 -11.20
N GLU A 122 18.18 7.41 -10.17
CA GLU A 122 18.57 8.81 -10.25
C GLU A 122 19.91 8.97 -10.96
N GLU A 123 19.85 9.21 -12.27
CA GLU A 123 21.05 9.37 -13.08
C GLU A 123 20.77 10.22 -14.32
N GLY A 1 -17.69 9.15 -0.80
CA GLY A 1 -17.27 8.30 0.35
C GLY A 1 -15.76 8.22 0.49
N LEU A 2 -15.22 9.02 1.41
CA LEU A 2 -13.78 9.04 1.64
C LEU A 2 -13.46 8.93 3.13
N THR A 3 -12.22 9.26 3.49
CA THR A 3 -11.80 9.19 4.89
C THR A 3 -12.64 10.14 5.75
N ALA A 4 -12.73 11.39 5.32
CA ALA A 4 -13.51 12.38 6.05
C ALA A 4 -14.97 11.94 6.21
N THR A 5 -15.44 11.15 5.24
CA THR A 5 -16.80 10.65 5.27
C THR A 5 -17.00 9.70 6.45
N LEU A 6 -15.98 8.88 6.73
CA LEU A 6 -16.05 7.93 7.83
C LEU A 6 -17.25 7.00 7.69
N ALA A 7 -17.64 6.74 6.45
CA ALA A 7 -18.78 5.87 6.18
C ALA A 7 -18.41 4.81 5.15
N ALA A 8 -18.10 5.26 3.94
CA ALA A 8 -17.73 4.34 2.86
C ALA A 8 -16.48 4.84 2.13
N LEU A 9 -16.05 4.08 1.13
CA LEU A 9 -14.87 4.44 0.36
C LEU A 9 -15.16 4.37 -1.14
N THR A 10 -14.82 5.44 -1.86
CA THR A 10 -15.04 5.50 -3.29
C THR A 10 -14.24 4.41 -4.02
N ASP A 11 -14.50 4.26 -5.31
CA ASP A 11 -13.79 3.27 -6.11
C ASP A 11 -12.29 3.52 -6.11
N ASP A 12 -11.91 4.79 -5.97
CA ASP A 12 -10.50 5.16 -5.94
C ASP A 12 -9.76 4.47 -4.81
N ASP A 13 -10.48 4.19 -3.71
CA ASP A 13 -9.89 3.53 -2.56
C ASP A 13 -9.62 2.06 -2.87
N PHE A 14 -10.63 1.36 -3.35
CA PHE A 14 -10.50 -0.05 -3.69
C PHE A 14 -9.55 -0.24 -4.87
N GLN A 15 -9.51 0.76 -5.75
CA GLN A 15 -8.63 0.71 -6.91
C GLN A 15 -7.20 1.02 -6.51
N PHE A 16 -7.06 1.84 -5.46
CA PHE A 16 -5.74 2.20 -4.97
C PHE A 16 -5.06 1.00 -4.33
N LEU A 17 -5.73 0.38 -3.38
CA LEU A 17 -5.19 -0.79 -2.69
C LEU A 17 -4.86 -1.90 -3.68
N SER A 18 -5.68 -2.03 -4.72
CA SER A 18 -5.45 -3.05 -5.74
C SER A 18 -4.05 -2.90 -6.31
N ASP A 19 -3.64 -1.65 -6.52
CA ASP A 19 -2.32 -1.36 -7.04
C ASP A 19 -1.27 -1.52 -5.95
N VAL A 20 -1.69 -1.34 -4.69
CA VAL A 20 -0.78 -1.49 -3.57
C VAL A 20 -0.24 -2.91 -3.50
N LEU A 21 -1.13 -3.88 -3.62
CA LEU A 21 -0.74 -5.28 -3.61
C LEU A 21 0.22 -5.56 -4.75
N ASP A 22 0.17 -4.73 -5.79
CA ASP A 22 1.04 -4.87 -6.94
C ASP A 22 2.46 -4.43 -6.60
N CYS A 23 2.58 -3.48 -5.67
CA CYS A 23 3.87 -2.96 -5.25
C CYS A 23 4.84 -4.10 -4.93
N ARG A 24 6.13 -3.79 -4.90
CA ARG A 24 7.14 -4.80 -4.60
C ARG A 24 7.74 -4.61 -3.21
N ALA A 25 7.04 -3.85 -2.37
CA ALA A 25 7.51 -3.61 -1.00
C ALA A 25 6.52 -2.77 -0.22
N VAL A 26 6.40 -3.05 1.08
CA VAL A 26 5.50 -2.32 1.95
C VAL A 26 6.19 -1.94 3.25
N ARG A 27 6.21 -0.65 3.54
CA ARG A 27 6.85 -0.15 4.76
C ARG A 27 6.17 1.13 5.23
N SER A 28 6.73 1.72 6.29
CA SER A 28 6.20 2.95 6.84
C SER A 28 7.18 4.10 6.65
N ALA A 29 6.67 5.25 6.22
CA ALA A 29 7.51 6.42 5.99
C ALA A 29 8.24 6.80 7.28
N MET A 30 7.52 6.79 8.38
CA MET A 30 8.10 7.12 9.68
C MET A 30 9.29 6.23 10.00
N ASN A 31 9.28 5.02 9.44
CA ASN A 31 10.36 4.06 9.65
C ASN A 31 10.37 3.02 8.54
N LEU A 32 10.81 3.44 7.35
CA LEU A 32 10.86 2.54 6.19
C LEU A 32 12.05 1.59 6.28
N ARG A 33 13.02 1.93 7.12
CA ARG A 33 14.20 1.10 7.29
C ARG A 33 13.89 -0.15 8.12
N ALA A 34 12.68 -0.24 8.65
CA ALA A 34 12.28 -1.38 9.46
C ALA A 34 10.77 -1.50 9.56
N ALA A 35 10.25 -2.71 9.38
CA ALA A 35 8.82 -2.96 9.46
C ALA A 35 8.29 -2.66 10.86
N LEU A 36 6.99 -2.81 11.05
CA LEU A 36 6.39 -2.55 12.35
C LEU A 36 6.69 -3.70 13.30
N THR A 37 6.10 -4.85 13.03
CA THR A 37 6.31 -6.06 13.83
C THR A 37 5.39 -7.18 13.37
N SER A 38 5.61 -8.37 13.90
CA SER A 38 4.81 -9.55 13.53
C SER A 38 3.31 -9.24 13.48
N PHE A 39 2.75 -8.90 14.64
CA PHE A 39 1.32 -8.59 14.73
C PHE A 39 0.98 -7.24 14.11
N GLN A 40 1.90 -6.28 14.24
CA GLN A 40 1.68 -4.95 13.69
C GLN A 40 1.39 -4.99 12.20
N VAL A 41 2.27 -5.64 11.44
CA VAL A 41 2.09 -5.75 10.00
C VAL A 41 0.73 -6.37 9.67
N ALA A 42 0.33 -7.33 10.48
CA ALA A 42 -0.95 -8.01 10.29
C ALA A 42 -2.12 -7.05 10.51
N GLN A 43 -1.96 -6.13 11.45
CA GLN A 43 -3.01 -5.15 11.75
C GLN A 43 -3.36 -4.36 10.50
N TYR A 44 -2.35 -3.74 9.90
CA TYR A 44 -2.55 -2.95 8.70
C TYR A 44 -3.16 -3.83 7.60
N ARG A 45 -2.77 -5.10 7.60
CA ARG A 45 -3.27 -6.06 6.62
C ARG A 45 -4.76 -6.27 6.80
N ASN A 46 -5.21 -6.23 8.04
CA ASN A 46 -6.63 -6.42 8.36
C ASN A 46 -7.44 -5.19 7.97
N ILE A 47 -6.83 -4.01 8.09
CA ILE A 47 -7.49 -2.77 7.74
C ILE A 47 -8.04 -2.81 6.32
N LEU A 48 -7.14 -2.99 5.35
CA LEU A 48 -7.54 -3.06 3.96
C LEU A 48 -8.44 -4.27 3.71
N ASN A 49 -8.03 -5.42 4.25
CA ASN A 49 -8.80 -6.64 4.09
C ASN A 49 -10.21 -6.48 4.66
N ALA A 50 -10.34 -5.62 5.68
CA ALA A 50 -11.62 -5.38 6.31
C ALA A 50 -12.56 -4.62 5.39
N SER A 51 -11.98 -3.81 4.50
CA SER A 51 -12.76 -3.01 3.55
C SER A 51 -13.40 -3.91 2.49
N LEU A 52 -12.70 -4.98 2.13
CA LEU A 52 -13.18 -5.92 1.12
C LEU A 52 -14.47 -6.60 1.54
N GLN A 53 -14.45 -7.25 2.70
CA GLN A 53 -15.61 -7.96 3.22
C GLN A 53 -16.84 -7.05 3.33
N VAL A 54 -16.59 -5.74 3.36
CA VAL A 54 -17.69 -4.77 3.46
C VAL A 54 -17.98 -4.13 2.10
N ASP A 55 -17.59 -4.82 1.04
CA ASP A 55 -17.82 -4.32 -0.32
C ASP A 55 -18.94 -5.08 -1.01
N ARG A 56 -19.38 -4.58 -2.15
CA ARG A 56 -20.45 -5.21 -2.91
C ARG A 56 -19.89 -6.08 -4.04
N ASP A 57 -18.68 -6.59 -3.84
CA ASP A 57 -18.03 -7.42 -4.85
C ASP A 57 -17.36 -8.63 -4.19
N ALA A 58 -18.09 -9.74 -4.13
CA ALA A 58 -17.57 -10.96 -3.53
C ALA A 58 -16.41 -11.53 -4.36
N ALA A 59 -16.53 -11.40 -5.67
CA ALA A 59 -15.50 -11.91 -6.58
C ALA A 59 -14.24 -11.03 -6.54
N ARG A 60 -14.43 -9.73 -6.68
CA ARG A 60 -13.33 -8.79 -6.66
C ARG A 60 -12.66 -8.75 -5.28
N SER A 61 -13.48 -8.84 -4.24
CA SER A 61 -12.97 -8.83 -2.87
C SER A 61 -12.03 -10.00 -2.63
N ARG A 62 -12.53 -11.22 -2.83
CA ARG A 62 -11.74 -12.42 -2.64
C ARG A 62 -10.40 -12.33 -3.37
N ARG A 63 -10.41 -11.70 -4.53
CA ARG A 63 -9.19 -11.54 -5.32
C ARG A 63 -8.13 -10.77 -4.54
N LEU A 64 -8.55 -9.69 -3.89
CA LEU A 64 -7.63 -8.87 -3.09
C LEU A 64 -7.19 -9.62 -1.85
N MET A 65 -8.12 -10.35 -1.24
CA MET A 65 -7.84 -11.12 -0.03
C MET A 65 -6.68 -12.08 -0.24
N ALA A 66 -6.61 -12.65 -1.44
CA ALA A 66 -5.54 -13.59 -1.77
C ALA A 66 -4.27 -12.83 -2.13
N LYS A 67 -4.42 -11.65 -2.69
CA LYS A 67 -3.29 -10.82 -3.07
C LYS A 67 -2.66 -10.17 -1.85
N LEU A 68 -3.50 -9.77 -0.90
CA LEU A 68 -3.02 -9.14 0.34
C LEU A 68 -2.44 -10.16 1.29
N ALA A 69 -2.75 -11.44 1.06
CA ALA A 69 -2.26 -12.52 1.91
C ALA A 69 -0.73 -12.48 1.99
N ASP A 70 -0.10 -11.98 0.93
CA ASP A 70 1.35 -11.88 0.87
C ASP A 70 1.81 -10.45 1.15
N PHE A 71 0.91 -9.65 1.72
CA PHE A 71 1.21 -8.25 2.04
C PHE A 71 2.46 -8.15 2.91
N ALA A 72 3.32 -7.18 2.60
CA ALA A 72 4.54 -6.97 3.36
C ALA A 72 5.46 -8.19 3.28
N VAL A 73 5.54 -8.79 2.09
CA VAL A 73 6.38 -9.95 1.88
C VAL A 73 7.72 -9.56 1.28
N GLU A 74 8.74 -10.36 1.55
CA GLU A 74 10.08 -10.09 1.03
C GLU A 74 10.13 -10.32 -0.48
N GLN A 75 10.52 -9.28 -1.21
CA GLN A 75 10.61 -9.35 -2.67
C GLN A 75 11.56 -8.29 -3.22
N GLU A 76 12.36 -8.67 -4.21
CA GLU A 76 13.31 -7.75 -4.81
C GLU A 76 12.59 -6.69 -5.65
N VAL A 77 12.71 -5.44 -5.25
CA VAL A 77 12.07 -4.33 -5.96
C VAL A 77 12.97 -3.79 -7.05
N THR A 78 12.39 -3.50 -8.21
CA THR A 78 13.14 -2.95 -9.33
C THR A 78 12.47 -1.70 -9.87
N ALA A 79 12.86 -1.32 -11.08
CA ALA A 79 12.26 -0.15 -11.72
C ALA A 79 10.95 -0.52 -12.39
N GLY A 80 10.04 0.44 -12.46
CA GLY A 80 8.74 0.19 -13.06
C GLY A 80 7.71 -0.17 -12.01
N ASP A 81 8.16 -0.81 -10.93
CA ASP A 81 7.27 -1.20 -9.85
C ASP A 81 7.01 0.00 -8.95
N ARG A 82 6.61 -0.24 -7.71
CA ARG A 82 6.33 0.85 -6.78
C ARG A 82 6.31 0.36 -5.33
N VAL A 83 6.71 1.24 -4.42
CA VAL A 83 6.73 0.92 -3.00
C VAL A 83 5.56 1.61 -2.29
N VAL A 84 4.73 0.82 -1.61
CA VAL A 84 3.59 1.36 -0.90
C VAL A 84 3.93 1.66 0.55
N VAL A 85 3.88 2.94 0.91
CA VAL A 85 4.18 3.36 2.27
C VAL A 85 2.91 3.45 3.11
N ILE A 86 3.00 3.00 4.36
CA ILE A 86 1.85 3.03 5.26
C ILE A 86 1.64 4.40 5.90
N ASP A 87 2.57 5.32 5.67
CA ASP A 87 2.48 6.66 6.22
C ASP A 87 2.29 7.68 5.10
N GLY A 88 3.08 7.52 4.04
CA GLY A 88 2.98 8.43 2.90
C GLY A 88 4.33 8.87 2.38
N LEU A 89 4.31 9.78 1.42
CA LEU A 89 5.54 10.32 0.83
C LEU A 89 5.21 11.39 -0.20
N ASP A 90 6.06 12.40 -0.31
CA ASP A 90 5.85 13.48 -1.26
C ASP A 90 7.17 14.02 -1.80
N ARG A 91 8.10 13.11 -2.11
CA ARG A 91 9.40 13.50 -2.63
C ARG A 91 10.26 12.28 -2.94
N MET A 92 11.23 12.46 -3.82
CA MET A 92 12.13 11.37 -4.20
C MET A 92 12.89 10.85 -2.98
N ALA A 93 12.83 9.53 -2.77
CA ALA A 93 13.51 8.93 -1.62
C ALA A 93 14.21 7.63 -1.98
N HIS A 94 15.51 7.56 -1.69
CA HIS A 94 16.30 6.36 -1.98
C HIS A 94 15.67 5.13 -1.35
N PHE A 95 15.85 3.99 -2.02
CA PHE A 95 15.30 2.73 -1.54
C PHE A 95 16.39 1.66 -1.45
N LYS A 96 17.43 1.79 -2.29
CA LYS A 96 18.53 0.83 -2.29
C LYS A 96 19.57 1.18 -3.34
N ASP A 97 20.84 0.93 -3.02
CA ASP A 97 21.95 1.20 -3.94
C ASP A 97 21.82 2.61 -4.55
N ASP A 98 21.11 2.72 -5.66
CA ASP A 98 20.93 4.01 -6.32
C ASP A 98 19.50 4.17 -6.84
N LEU A 99 18.61 3.29 -6.39
CA LEU A 99 17.22 3.34 -6.81
C LEU A 99 16.38 4.10 -5.78
N VAL A 100 15.69 5.14 -6.22
CA VAL A 100 14.87 5.93 -5.32
C VAL A 100 13.39 5.74 -5.58
N LEU A 101 12.58 6.37 -4.75
CA LEU A 101 11.14 6.30 -4.85
C LEU A 101 10.55 7.69 -5.03
N VAL A 102 9.80 7.88 -6.11
CA VAL A 102 9.19 9.17 -6.38
C VAL A 102 7.70 9.14 -6.08
N PRO A 103 7.16 10.18 -5.42
CA PRO A 103 5.73 10.27 -5.09
C PRO A 103 4.87 9.94 -6.31
N LEU A 104 4.00 8.94 -6.15
CA LEU A 104 3.13 8.52 -7.25
C LEU A 104 1.66 8.65 -6.89
N THR A 105 1.25 8.08 -5.76
CA THR A 105 -0.15 8.15 -5.35
C THR A 105 -0.30 8.12 -3.83
N THR A 106 -0.97 9.13 -3.29
CA THR A 106 -1.20 9.23 -1.86
C THR A 106 -2.69 9.16 -1.55
N LYS A 107 -3.08 8.18 -0.73
CA LYS A 107 -4.48 8.01 -0.36
C LYS A 107 -4.60 7.42 1.04
N VAL A 108 -5.46 8.01 1.86
CA VAL A 108 -5.68 7.53 3.22
C VAL A 108 -6.70 6.41 3.26
N VAL A 109 -6.31 5.28 3.84
CA VAL A 109 -7.19 4.13 3.94
C VAL A 109 -7.50 3.79 5.39
N GLY A 110 -8.78 3.79 5.74
CA GLY A 110 -9.19 3.49 7.10
C GLY A 110 -8.86 4.60 8.07
N GLY A 111 -7.58 4.80 8.32
CA GLY A 111 -7.15 5.84 9.24
C GLY A 111 -5.65 6.06 9.23
N SER A 112 -5.05 5.91 8.05
CA SER A 112 -3.61 6.09 7.90
C SER A 112 -3.24 6.40 6.46
N ARG A 113 -2.46 7.46 6.26
CA ARG A 113 -2.04 7.86 4.93
C ARG A 113 -1.26 6.75 4.25
N CYS A 114 -1.43 6.63 2.94
CA CYS A 114 -0.74 5.60 2.17
C CYS A 114 -0.27 6.15 0.82
N THR A 115 1.04 6.38 0.69
CA THR A 115 1.60 6.89 -0.55
C THR A 115 2.33 5.79 -1.31
N ILE A 116 2.23 5.84 -2.63
CA ILE A 116 2.90 4.88 -3.49
C ILE A 116 3.92 5.63 -4.36
N CYS A 117 5.10 5.06 -4.53
CA CYS A 117 6.14 5.72 -5.30
C CYS A 117 6.82 4.80 -6.31
N ASP A 118 7.07 5.33 -7.49
CA ASP A 118 7.74 4.59 -8.56
C ASP A 118 9.22 4.44 -8.22
N VAL A 119 9.78 3.28 -8.49
CA VAL A 119 11.19 3.03 -8.22
C VAL A 119 12.04 3.39 -9.43
N VAL A 120 12.82 4.46 -9.29
CA VAL A 120 13.66 4.91 -10.40
C VAL A 120 15.10 5.12 -9.94
N LYS A 121 16.04 4.80 -10.83
CA LYS A 121 17.47 4.95 -10.54
C LYS A 121 17.88 6.41 -10.56
N GLU A 122 18.64 6.83 -9.55
CA GLU A 122 19.11 8.20 -9.46
C GLU A 122 20.57 8.30 -9.90
N GLU A 123 20.98 9.49 -10.31
CA GLU A 123 22.35 9.73 -10.75
C GLU A 123 22.62 9.01 -12.07
N GLY A 1 -20.96 13.19 7.54
CA GLY A 1 -21.25 12.15 6.52
C GLY A 1 -20.22 12.12 5.41
N LEU A 2 -18.95 11.97 5.79
CA LEU A 2 -17.87 11.93 4.82
C LEU A 2 -16.70 11.09 5.36
N THR A 3 -15.47 11.41 4.93
CA THR A 3 -14.29 10.64 5.36
C THR A 3 -14.59 9.16 5.28
N ALA A 4 -14.64 8.64 4.06
CA ALA A 4 -14.97 7.25 3.83
C ALA A 4 -16.41 6.99 4.27
N THR A 5 -17.18 8.08 4.38
CA THR A 5 -18.58 8.01 4.80
C THR A 5 -18.72 7.17 6.07
N LEU A 6 -17.63 7.09 6.85
CA LEU A 6 -17.61 6.33 8.10
C LEU A 6 -18.48 5.07 8.02
N ALA A 7 -18.51 4.44 6.86
CA ALA A 7 -19.31 3.23 6.67
C ALA A 7 -19.01 2.58 5.33
N ALA A 8 -19.39 3.26 4.25
CA ALA A 8 -19.18 2.74 2.91
C ALA A 8 -18.11 3.53 2.18
N LEU A 9 -17.55 2.93 1.13
CA LEU A 9 -16.51 3.59 0.35
C LEU A 9 -16.85 3.57 -1.13
N THR A 10 -16.02 4.23 -1.93
CA THR A 10 -16.23 4.30 -3.37
C THR A 10 -15.33 3.31 -4.10
N ASP A 11 -15.54 3.16 -5.40
CA ASP A 11 -14.74 2.25 -6.21
C ASP A 11 -13.26 2.62 -6.16
N ASP A 12 -12.99 3.91 -5.99
CA ASP A 12 -11.61 4.40 -5.93
C ASP A 12 -10.87 3.78 -4.73
N ASP A 13 -11.61 3.56 -3.65
CA ASP A 13 -11.03 2.97 -2.44
C ASP A 13 -10.52 1.56 -2.71
N PHE A 14 -11.39 0.73 -3.27
CA PHE A 14 -11.02 -0.65 -3.58
C PHE A 14 -10.09 -0.72 -4.78
N GLN A 15 -10.16 0.28 -5.65
CA GLN A 15 -9.30 0.32 -6.82
C GLN A 15 -7.89 0.72 -6.40
N PHE A 16 -7.81 1.61 -5.43
CA PHE A 16 -6.53 2.05 -4.92
C PHE A 16 -5.75 0.88 -4.36
N LEU A 17 -6.46 -0.05 -3.74
CA LEU A 17 -5.83 -1.24 -3.17
C LEU A 17 -5.25 -2.11 -4.27
N SER A 18 -5.92 -2.15 -5.41
CA SER A 18 -5.43 -2.94 -6.54
C SER A 18 -4.01 -2.51 -6.87
N ASP A 19 -3.76 -1.21 -6.70
CA ASP A 19 -2.43 -0.64 -6.98
C ASP A 19 -1.47 -0.96 -5.84
N VAL A 20 -1.89 -0.73 -4.60
CA VAL A 20 -1.04 -0.99 -3.45
C VAL A 20 -0.62 -2.45 -3.42
N LEU A 21 -1.59 -3.34 -3.60
CA LEU A 21 -1.31 -4.77 -3.63
C LEU A 21 -0.36 -5.08 -4.78
N ASP A 22 -0.34 -4.18 -5.77
CA ASP A 22 0.52 -4.35 -6.93
C ASP A 22 1.96 -3.96 -6.59
N CYS A 23 2.13 -3.10 -5.58
CA CYS A 23 3.46 -2.67 -5.17
C CYS A 23 4.42 -3.84 -5.04
N ARG A 24 5.70 -3.54 -4.87
CA ARG A 24 6.71 -4.59 -4.73
C ARG A 24 7.16 -4.73 -3.29
N ALA A 25 7.08 -3.65 -2.53
CA ALA A 25 7.47 -3.67 -1.12
C ALA A 25 6.56 -2.79 -0.28
N VAL A 26 6.24 -3.27 0.92
CA VAL A 26 5.37 -2.53 1.82
C VAL A 26 6.15 -2.03 3.03
N ARG A 27 6.41 -0.73 3.09
CA ARG A 27 7.14 -0.13 4.19
C ARG A 27 6.49 1.16 4.64
N SER A 28 7.07 1.79 5.66
CA SER A 28 6.53 3.04 6.19
C SER A 28 7.56 4.16 6.06
N ALA A 29 7.07 5.39 5.95
CA ALA A 29 7.96 6.54 5.83
C ALA A 29 8.68 6.83 7.15
N MET A 30 7.99 6.57 8.25
CA MET A 30 8.57 6.79 9.58
C MET A 30 9.88 6.01 9.74
N ASN A 31 9.99 4.90 9.02
CA ASN A 31 11.20 4.07 9.08
C ASN A 31 11.30 3.19 7.83
N LEU A 32 11.25 3.83 6.66
CA LEU A 32 11.34 3.11 5.39
C LEU A 32 12.60 2.25 5.32
N ARG A 33 13.61 2.61 6.11
CA ARG A 33 14.86 1.86 6.12
C ARG A 33 14.69 0.48 6.75
N ALA A 34 13.55 0.24 7.38
CA ALA A 34 13.29 -1.05 8.01
C ALA A 34 11.79 -1.28 8.20
N ALA A 35 11.44 -2.48 8.68
CA ALA A 35 10.05 -2.84 8.91
C ALA A 35 9.65 -2.53 10.35
N LEU A 36 8.37 -2.77 10.67
CA LEU A 36 7.89 -2.53 12.03
C LEU A 36 7.89 -3.81 12.85
N THR A 37 7.05 -4.75 12.45
CA THR A 37 6.96 -6.03 13.15
C THR A 37 5.88 -6.91 12.53
N SER A 38 5.95 -8.22 12.78
CA SER A 38 4.96 -9.16 12.26
C SER A 38 3.56 -8.71 12.61
N PHE A 39 3.37 -8.30 13.86
CA PHE A 39 2.07 -7.84 14.33
C PHE A 39 1.76 -6.45 13.80
N GLN A 40 2.81 -5.64 13.66
CA GLN A 40 2.65 -4.27 13.17
C GLN A 40 2.05 -4.27 11.76
N VAL A 41 2.73 -4.94 10.83
CA VAL A 41 2.26 -5.02 9.46
C VAL A 41 0.86 -5.64 9.39
N ALA A 42 0.60 -6.58 10.29
CA ALA A 42 -0.69 -7.25 10.32
C ALA A 42 -1.80 -6.27 10.70
N GLN A 43 -1.51 -5.37 11.61
CA GLN A 43 -2.49 -4.37 12.04
C GLN A 43 -2.97 -3.58 10.84
N TYR A 44 -2.03 -3.20 9.98
CA TYR A 44 -2.35 -2.43 8.77
C TYR A 44 -2.98 -3.34 7.72
N ARG A 45 -2.37 -4.50 7.49
CA ARG A 45 -2.86 -5.44 6.51
C ARG A 45 -4.30 -5.86 6.82
N ASN A 46 -4.66 -5.79 8.10
CA ASN A 46 -6.00 -6.16 8.54
C ASN A 46 -6.99 -5.05 8.21
N ILE A 47 -6.53 -3.80 8.27
CA ILE A 47 -7.38 -2.66 7.97
C ILE A 47 -8.00 -2.78 6.59
N LEU A 48 -7.15 -2.85 5.56
CA LEU A 48 -7.64 -2.97 4.19
C LEU A 48 -8.32 -4.32 4.00
N ASN A 49 -7.70 -5.38 4.52
CA ASN A 49 -8.25 -6.72 4.41
C ASN A 49 -9.65 -6.78 5.01
N ALA A 50 -9.86 -6.02 6.08
CA ALA A 50 -11.15 -5.96 6.74
C ALA A 50 -12.17 -5.22 5.87
N SER A 51 -11.67 -4.31 5.05
CA SER A 51 -12.53 -3.53 4.16
C SER A 51 -13.19 -4.44 3.12
N LEU A 52 -12.44 -5.46 2.71
CA LEU A 52 -12.93 -6.41 1.71
C LEU A 52 -14.22 -7.10 2.17
N GLN A 53 -14.18 -7.70 3.36
CA GLN A 53 -15.35 -8.40 3.90
C GLN A 53 -16.62 -7.55 3.76
N VAL A 54 -16.49 -6.26 4.00
CA VAL A 54 -17.62 -5.34 3.90
C VAL A 54 -17.72 -4.69 2.52
N ASP A 55 -17.12 -5.34 1.52
CA ASP A 55 -17.14 -4.83 0.16
C ASP A 55 -18.37 -5.33 -0.58
N ARG A 56 -18.79 -4.60 -1.61
CA ARG A 56 -19.96 -4.97 -2.39
C ARG A 56 -19.67 -6.18 -3.25
N ASP A 57 -18.84 -6.00 -4.28
CA ASP A 57 -18.48 -7.08 -5.18
C ASP A 57 -17.68 -8.15 -4.45
N ALA A 58 -18.32 -9.28 -4.19
CA ALA A 58 -17.67 -10.39 -3.49
C ALA A 58 -16.56 -11.01 -4.36
N ALA A 59 -16.73 -10.93 -5.66
CA ALA A 59 -15.76 -11.48 -6.60
C ALA A 59 -14.42 -10.73 -6.50
N ARG A 60 -14.49 -9.41 -6.50
CA ARG A 60 -13.29 -8.58 -6.42
C ARG A 60 -12.61 -8.75 -5.06
N SER A 61 -13.42 -8.90 -4.02
CA SER A 61 -12.90 -9.08 -2.66
C SER A 61 -11.94 -10.26 -2.59
N ARG A 62 -12.37 -11.39 -3.16
CA ARG A 62 -11.55 -12.60 -3.15
C ARG A 62 -10.17 -12.33 -3.76
N ARG A 63 -10.15 -11.51 -4.81
CA ARG A 63 -8.89 -11.17 -5.48
C ARG A 63 -7.94 -10.44 -4.52
N LEU A 64 -8.48 -9.46 -3.80
CA LEU A 64 -7.68 -8.69 -2.86
C LEU A 64 -7.30 -9.54 -1.66
N MET A 65 -8.23 -10.38 -1.21
CA MET A 65 -8.01 -11.25 -0.07
C MET A 65 -6.79 -12.15 -0.29
N ALA A 66 -6.64 -12.62 -1.53
CA ALA A 66 -5.53 -13.49 -1.89
C ALA A 66 -4.27 -12.65 -2.15
N LYS A 67 -4.47 -11.45 -2.67
CA LYS A 67 -3.36 -10.56 -2.97
C LYS A 67 -2.76 -10.00 -1.68
N LEU A 68 -3.63 -9.73 -0.71
CA LEU A 68 -3.21 -9.20 0.57
C LEU A 68 -2.57 -10.29 1.44
N ALA A 69 -2.89 -11.53 1.15
CA ALA A 69 -2.35 -12.67 1.89
C ALA A 69 -0.82 -12.64 1.90
N ASP A 70 -0.24 -12.05 0.85
CA ASP A 70 1.21 -11.96 0.75
C ASP A 70 1.70 -10.53 0.98
N PHE A 71 0.83 -9.70 1.56
CA PHE A 71 1.19 -8.31 1.84
C PHE A 71 2.39 -8.23 2.77
N ALA A 72 3.24 -7.22 2.54
CA ALA A 72 4.43 -7.03 3.36
C ALA A 72 5.35 -8.24 3.28
N VAL A 73 5.40 -8.87 2.11
CA VAL A 73 6.24 -10.04 1.90
C VAL A 73 7.60 -9.62 1.33
N GLU A 74 8.63 -10.42 1.64
CA GLU A 74 9.97 -10.13 1.16
C GLU A 74 10.07 -10.36 -0.34
N GLN A 75 9.80 -9.31 -1.11
CA GLN A 75 9.85 -9.40 -2.57
C GLN A 75 10.89 -8.43 -3.13
N GLU A 76 11.61 -8.88 -4.17
CA GLU A 76 12.64 -8.07 -4.79
C GLU A 76 12.02 -6.94 -5.62
N VAL A 77 12.24 -5.71 -5.19
CA VAL A 77 11.70 -4.55 -5.90
C VAL A 77 12.58 -4.20 -7.09
N THR A 78 11.97 -3.61 -8.10
CA THR A 78 12.69 -3.23 -9.32
C THR A 78 12.17 -1.92 -9.88
N ALA A 79 12.98 -1.27 -10.71
CA ALA A 79 12.59 -0.02 -11.32
C ALA A 79 11.36 -0.23 -12.20
N GLY A 80 10.54 0.81 -12.29
CA GLY A 80 9.31 0.70 -13.07
C GLY A 80 8.15 0.28 -12.21
N ASP A 81 8.44 -0.50 -11.18
CA ASP A 81 7.42 -0.96 -10.24
C ASP A 81 7.05 0.19 -9.30
N ARG A 82 6.49 -0.15 -8.13
CA ARG A 82 6.11 0.87 -7.17
C ARG A 82 6.21 0.36 -5.73
N VAL A 83 6.18 1.29 -4.79
CA VAL A 83 6.26 0.95 -3.37
C VAL A 83 5.23 1.76 -2.58
N VAL A 84 4.45 1.07 -1.77
CA VAL A 84 3.42 1.73 -0.96
C VAL A 84 3.92 2.04 0.44
N VAL A 85 4.02 3.33 0.77
CA VAL A 85 4.47 3.75 2.08
C VAL A 85 3.29 3.85 3.05
N ILE A 86 3.24 2.94 4.01
CA ILE A 86 2.15 2.92 4.99
C ILE A 86 1.94 4.29 5.63
N ASP A 87 2.97 5.12 5.63
CA ASP A 87 2.89 6.45 6.19
C ASP A 87 2.60 7.46 5.09
N GLY A 88 3.30 7.32 3.98
CA GLY A 88 3.12 8.20 2.84
C GLY A 88 4.44 8.64 2.23
N LEU A 89 4.37 9.62 1.33
CA LEU A 89 5.57 10.13 0.68
C LEU A 89 5.21 11.28 -0.26
N ASP A 90 6.11 12.25 -0.37
CA ASP A 90 5.89 13.40 -1.24
C ASP A 90 7.20 13.95 -1.80
N ARG A 91 8.15 13.04 -2.04
CA ARG A 91 9.45 13.43 -2.59
C ARG A 91 10.33 12.21 -2.81
N MET A 92 11.30 12.34 -3.72
CA MET A 92 12.22 11.26 -4.03
C MET A 92 12.87 10.72 -2.75
N ALA A 93 12.77 9.42 -2.53
CA ALA A 93 13.35 8.81 -1.34
C ALA A 93 14.04 7.48 -1.63
N HIS A 94 15.30 7.39 -1.26
CA HIS A 94 16.09 6.18 -1.48
C HIS A 94 15.42 4.98 -0.82
N PHE A 95 15.53 3.82 -1.48
CA PHE A 95 14.94 2.59 -0.96
C PHE A 95 16.00 1.50 -0.77
N LYS A 96 17.04 1.54 -1.61
CA LYS A 96 18.11 0.54 -1.53
C LYS A 96 19.17 0.79 -2.59
N ASP A 97 20.41 0.43 -2.28
CA ASP A 97 21.53 0.61 -3.20
C ASP A 97 21.51 2.00 -3.83
N ASP A 98 20.83 2.14 -4.97
CA ASP A 98 20.73 3.43 -5.65
C ASP A 98 19.34 3.66 -6.23
N LEU A 99 18.38 2.82 -5.83
CA LEU A 99 17.01 2.95 -6.29
C LEU A 99 16.19 3.75 -5.30
N VAL A 100 15.58 4.83 -5.77
CA VAL A 100 14.77 5.67 -4.90
C VAL A 100 13.29 5.55 -5.22
N LEU A 101 12.48 6.25 -4.45
CA LEU A 101 11.03 6.24 -4.62
C LEU A 101 10.52 7.66 -4.81
N VAL A 102 9.83 7.89 -5.92
CA VAL A 102 9.28 9.20 -6.23
C VAL A 102 7.77 9.23 -6.00
N PRO A 103 7.25 10.30 -5.38
CA PRO A 103 5.81 10.45 -5.12
C PRO A 103 4.98 10.12 -6.35
N LEU A 104 4.06 9.16 -6.21
CA LEU A 104 3.22 8.75 -7.32
C LEU A 104 1.73 8.87 -6.99
N THR A 105 1.31 8.30 -5.87
CA THR A 105 -0.09 8.36 -5.48
C THR A 105 -0.27 8.29 -3.97
N THR A 106 -0.94 9.30 -3.41
CA THR A 106 -1.19 9.37 -1.98
C THR A 106 -2.69 9.38 -1.69
N LYS A 107 -3.15 8.35 -0.98
CA LYS A 107 -4.57 8.23 -0.64
C LYS A 107 -4.74 7.74 0.79
N VAL A 108 -5.47 8.51 1.59
CA VAL A 108 -5.71 8.14 2.99
C VAL A 108 -6.85 7.14 3.09
N VAL A 109 -6.50 5.88 3.37
CA VAL A 109 -7.48 4.82 3.51
C VAL A 109 -7.35 4.12 4.85
N GLY A 110 -8.48 3.94 5.52
CA GLY A 110 -8.48 3.27 6.81
C GLY A 110 -7.93 4.17 7.91
N GLY A 111 -8.21 5.46 7.81
CA GLY A 111 -7.73 6.40 8.82
C GLY A 111 -6.22 6.48 8.85
N SER A 112 -5.59 6.23 7.72
CA SER A 112 -4.14 6.28 7.61
C SER A 112 -3.70 6.73 6.23
N ARG A 113 -2.49 7.27 6.14
CA ARG A 113 -1.95 7.73 4.87
C ARG A 113 -1.36 6.58 4.06
N CYS A 114 -1.54 6.62 2.75
CA CYS A 114 -1.03 5.57 1.87
C CYS A 114 -0.47 6.15 0.59
N THR A 115 0.84 6.36 0.54
CA THR A 115 1.49 6.92 -0.65
C THR A 115 2.21 5.83 -1.43
N ILE A 116 2.19 5.96 -2.75
CA ILE A 116 2.86 5.02 -3.63
C ILE A 116 3.89 5.77 -4.47
N CYS A 117 5.07 5.18 -4.64
CA CYS A 117 6.13 5.84 -5.39
C CYS A 117 6.80 4.93 -6.40
N ASP A 118 7.13 5.49 -7.56
CA ASP A 118 7.80 4.73 -8.61
C ASP A 118 9.26 4.50 -8.22
N VAL A 119 9.76 3.31 -8.50
CA VAL A 119 11.13 2.96 -8.16
C VAL A 119 12.07 3.36 -9.29
N VAL A 120 12.94 4.33 -9.03
CA VAL A 120 13.87 4.81 -10.04
C VAL A 120 15.29 4.92 -9.47
N LYS A 121 16.27 4.62 -10.30
CA LYS A 121 17.67 4.69 -9.89
C LYS A 121 18.14 6.13 -9.79
N GLU A 122 19.06 6.38 -8.85
CA GLU A 122 19.60 7.72 -8.66
C GLU A 122 20.54 8.11 -9.78
N GLU A 123 20.19 9.15 -10.52
CA GLU A 123 21.01 9.63 -11.63
C GLU A 123 21.64 10.98 -11.32
N GLY A 1 -14.74 6.61 -1.44
CA GLY A 1 -15.38 7.16 -0.22
C GLY A 1 -14.48 8.14 0.52
N LEU A 2 -13.46 7.60 1.18
CA LEU A 2 -12.52 8.42 1.94
C LEU A 2 -13.24 9.18 3.06
N THR A 3 -12.52 10.09 3.70
CA THR A 3 -13.08 10.88 4.79
C THR A 3 -14.40 11.52 4.39
N ALA A 4 -14.56 11.77 3.10
CA ALA A 4 -15.78 12.37 2.58
C ALA A 4 -16.83 11.29 2.29
N THR A 5 -17.06 10.44 3.28
CA THR A 5 -18.03 9.35 3.15
C THR A 5 -18.08 8.55 4.46
N LEU A 6 -16.91 8.11 4.91
CA LEU A 6 -16.80 7.35 6.15
C LEU A 6 -17.57 6.03 6.05
N ALA A 7 -16.97 4.97 6.57
CA ALA A 7 -17.60 3.64 6.54
C ALA A 7 -18.06 3.27 5.14
N ALA A 8 -17.27 3.64 4.14
CA ALA A 8 -17.60 3.33 2.75
C ALA A 8 -16.48 3.78 1.81
N LEU A 9 -16.27 3.01 0.75
CA LEU A 9 -15.23 3.33 -0.23
C LEU A 9 -15.78 3.26 -1.64
N THR A 10 -15.03 3.81 -2.60
CA THR A 10 -15.44 3.80 -3.99
C THR A 10 -14.52 2.92 -4.83
N ASP A 11 -14.79 2.86 -6.13
CA ASP A 11 -13.99 2.05 -7.04
C ASP A 11 -12.52 2.47 -7.00
N ASP A 12 -12.30 3.78 -6.86
CA ASP A 12 -10.94 4.32 -6.81
C ASP A 12 -10.18 3.74 -5.63
N ASP A 13 -10.84 3.67 -4.48
CA ASP A 13 -10.21 3.14 -3.27
C ASP A 13 -9.82 1.68 -3.47
N PHE A 14 -10.79 0.86 -3.91
CA PHE A 14 -10.53 -0.56 -4.14
C PHE A 14 -9.52 -0.75 -5.27
N GLN A 15 -9.46 0.21 -6.18
CA GLN A 15 -8.53 0.13 -7.29
C GLN A 15 -7.13 0.45 -6.80
N PHE A 16 -7.04 1.41 -5.89
CA PHE A 16 -5.76 1.80 -5.33
C PHE A 16 -5.14 0.62 -4.57
N LEU A 17 -5.99 -0.15 -3.92
CA LEU A 17 -5.53 -1.31 -3.17
C LEU A 17 -4.89 -2.32 -4.11
N SER A 18 -5.47 -2.48 -5.29
CA SER A 18 -4.91 -3.41 -6.28
C SER A 18 -3.47 -3.05 -6.54
N ASP A 19 -3.17 -1.75 -6.49
CA ASP A 19 -1.83 -1.25 -6.70
C ASP A 19 -0.96 -1.46 -5.46
N VAL A 20 -1.49 -1.10 -4.29
CA VAL A 20 -0.75 -1.24 -3.04
C VAL A 20 -0.43 -2.72 -2.79
N LEU A 21 -1.43 -3.57 -2.98
CA LEU A 21 -1.25 -4.99 -2.79
C LEU A 21 -0.35 -5.55 -3.90
N ASP A 22 -0.25 -4.80 -5.00
CA ASP A 22 0.57 -5.20 -6.12
C ASP A 22 2.03 -4.82 -5.88
N CYS A 23 2.25 -3.80 -5.06
CA CYS A 23 3.60 -3.34 -4.76
C CYS A 23 4.52 -4.53 -4.44
N ARG A 24 5.82 -4.28 -4.44
CA ARG A 24 6.79 -5.34 -4.18
C ARG A 24 7.28 -5.31 -2.73
N ALA A 25 6.93 -4.26 -1.99
CA ALA A 25 7.33 -4.14 -0.61
C ALA A 25 6.68 -2.94 0.06
N VAL A 26 6.33 -3.09 1.33
CA VAL A 26 5.70 -2.01 2.09
C VAL A 26 6.41 -1.75 3.40
N ARG A 27 6.61 -0.48 3.72
CA ARG A 27 7.28 -0.09 4.95
C ARG A 27 6.97 1.34 5.31
N SER A 28 6.98 1.65 6.61
CA SER A 28 6.69 2.99 7.08
C SER A 28 7.82 3.95 6.74
N ALA A 29 7.48 5.09 6.17
CA ALA A 29 8.46 6.10 5.80
C ALA A 29 9.22 6.56 7.03
N MET A 30 8.53 6.62 8.16
CA MET A 30 9.14 7.06 9.41
C MET A 30 10.32 6.15 9.78
N ASN A 31 10.24 4.89 9.35
CA ASN A 31 11.29 3.92 9.63
C ASN A 31 11.28 2.80 8.58
N LEU A 32 11.51 3.18 7.32
CA LEU A 32 11.53 2.21 6.24
C LEU A 32 12.57 1.12 6.47
N ARG A 33 13.56 1.42 7.31
CA ARG A 33 14.62 0.46 7.61
C ARG A 33 14.26 -0.42 8.80
N ALA A 34 12.99 -0.39 9.21
CA ALA A 34 12.55 -1.20 10.34
C ALA A 34 11.03 -1.21 10.46
N ALA A 35 10.45 -2.40 10.51
CA ALA A 35 9.00 -2.55 10.62
C ALA A 35 8.56 -2.50 12.08
N LEU A 36 7.25 -2.58 12.30
CA LEU A 36 6.72 -2.53 13.66
C LEU A 36 6.75 -3.92 14.30
N THR A 37 5.93 -4.81 13.77
CA THR A 37 5.86 -6.19 14.27
C THR A 37 4.70 -6.94 13.62
N SER A 38 4.78 -8.27 13.63
CA SER A 38 3.74 -9.11 13.03
C SER A 38 2.35 -8.63 13.41
N PHE A 39 2.12 -8.45 14.71
CA PHE A 39 0.83 -7.98 15.20
C PHE A 39 0.51 -6.59 14.67
N GLN A 40 1.54 -5.77 14.50
CA GLN A 40 1.35 -4.42 13.99
C GLN A 40 1.01 -4.43 12.51
N VAL A 41 1.87 -5.05 11.71
CA VAL A 41 1.65 -5.14 10.28
C VAL A 41 0.29 -5.77 9.99
N ALA A 42 -0.07 -6.77 10.78
CA ALA A 42 -1.34 -7.46 10.61
C ALA A 42 -2.50 -6.53 10.91
N GLN A 43 -2.33 -5.67 11.91
CA GLN A 43 -3.38 -4.72 12.28
C GLN A 43 -3.75 -3.85 11.10
N TYR A 44 -2.74 -3.28 10.45
CA TYR A 44 -2.97 -2.43 9.29
C TYR A 44 -3.56 -3.24 8.14
N ARG A 45 -3.14 -4.50 8.04
CA ARG A 45 -3.62 -5.39 7.00
C ARG A 45 -5.11 -5.67 7.17
N ASN A 46 -5.54 -5.84 8.42
CA ASN A 46 -6.94 -6.12 8.73
C ASN A 46 -7.81 -4.96 8.28
N ILE A 47 -7.28 -3.75 8.36
CA ILE A 47 -8.02 -2.55 7.96
C ILE A 47 -8.42 -2.64 6.49
N LEU A 48 -7.43 -2.78 5.62
CA LEU A 48 -7.69 -2.88 4.18
C LEU A 48 -8.44 -4.17 3.87
N ASN A 49 -8.02 -5.25 4.50
CA ASN A 49 -8.65 -6.55 4.30
C ASN A 49 -10.15 -6.50 4.60
N ALA A 50 -10.51 -5.64 5.55
CA ALA A 50 -11.91 -5.47 5.94
C ALA A 50 -12.69 -4.71 4.87
N SER A 51 -11.99 -3.86 4.14
CA SER A 51 -12.61 -3.06 3.09
C SER A 51 -13.09 -3.96 1.96
N LEU A 52 -12.36 -5.04 1.72
CA LEU A 52 -12.70 -5.99 0.65
C LEU A 52 -14.04 -6.68 0.91
N GLN A 53 -14.16 -7.33 2.07
CA GLN A 53 -15.40 -8.03 2.41
C GLN A 53 -16.60 -7.10 2.35
N VAL A 54 -16.55 -6.02 3.12
CA VAL A 54 -17.63 -5.05 3.15
C VAL A 54 -18.05 -4.61 1.74
N ASP A 55 -17.11 -4.69 0.80
CA ASP A 55 -17.37 -4.31 -0.58
C ASP A 55 -18.56 -5.07 -1.13
N ARG A 56 -19.03 -4.66 -2.31
CA ARG A 56 -20.17 -5.30 -2.95
C ARG A 56 -19.73 -6.17 -4.12
N ASP A 57 -18.49 -6.66 -4.06
CA ASP A 57 -17.95 -7.51 -5.12
C ASP A 57 -17.21 -8.70 -4.54
N ALA A 58 -17.95 -9.77 -4.25
CA ALA A 58 -17.35 -10.98 -3.69
C ALA A 58 -16.31 -11.57 -4.64
N ALA A 59 -16.51 -11.36 -5.94
CA ALA A 59 -15.60 -11.87 -6.94
C ALA A 59 -14.29 -11.08 -6.96
N ARG A 60 -14.42 -9.75 -6.98
CA ARG A 60 -13.25 -8.88 -7.01
C ARG A 60 -12.58 -8.82 -5.63
N SER A 61 -13.39 -8.87 -4.58
CA SER A 61 -12.87 -8.81 -3.22
C SER A 61 -11.89 -9.96 -2.95
N ARG A 62 -12.34 -11.18 -3.23
CA ARG A 62 -11.51 -12.37 -3.01
C ARG A 62 -10.13 -12.20 -3.65
N ARG A 63 -10.09 -11.51 -4.78
CA ARG A 63 -8.84 -11.28 -5.49
C ARG A 63 -7.87 -10.47 -4.63
N LEU A 64 -8.38 -9.39 -4.05
CA LEU A 64 -7.56 -8.53 -3.19
C LEU A 64 -7.19 -9.23 -1.89
N MET A 65 -8.13 -10.03 -1.39
CA MET A 65 -7.91 -10.77 -0.15
C MET A 65 -6.67 -11.65 -0.24
N ALA A 66 -6.37 -12.12 -1.44
CA ALA A 66 -5.21 -12.97 -1.66
C ALA A 66 -3.94 -12.14 -1.76
N LYS A 67 -4.07 -10.95 -2.35
CA LYS A 67 -2.93 -10.05 -2.51
C LYS A 67 -2.52 -9.47 -1.15
N LEU A 68 -3.51 -9.23 -0.30
CA LEU A 68 -3.27 -8.67 1.02
C LEU A 68 -2.71 -9.75 1.97
N ALA A 69 -2.97 -11.01 1.64
CA ALA A 69 -2.50 -12.11 2.46
C ALA A 69 -0.99 -12.05 2.65
N ASP A 70 -0.29 -11.43 1.70
CA ASP A 70 1.16 -11.30 1.76
C ASP A 70 1.56 -9.84 1.99
N PHE A 71 0.79 -8.93 1.42
CA PHE A 71 1.04 -7.49 1.55
C PHE A 71 2.54 -7.16 1.49
N ALA A 72 3.19 -7.14 2.65
CA ALA A 72 4.62 -6.83 2.72
C ALA A 72 5.46 -8.07 2.37
N VAL A 73 5.45 -8.45 1.10
CA VAL A 73 6.20 -9.61 0.64
C VAL A 73 7.70 -9.34 0.69
N GLU A 74 8.46 -10.35 1.12
CA GLU A 74 9.91 -10.23 1.23
C GLU A 74 10.57 -10.45 -0.13
N GLN A 75 10.74 -9.36 -0.88
CA GLN A 75 11.37 -9.43 -2.20
C GLN A 75 11.95 -8.08 -2.59
N GLU A 76 12.88 -8.09 -3.54
CA GLU A 76 13.52 -6.86 -4.01
C GLU A 76 12.61 -6.12 -4.99
N VAL A 77 12.59 -4.79 -4.86
CA VAL A 77 11.78 -3.96 -5.75
C VAL A 77 12.51 -3.73 -7.06
N THR A 78 11.76 -3.35 -8.09
CA THR A 78 12.34 -3.11 -9.40
C THR A 78 11.67 -1.93 -10.10
N ALA A 79 12.36 -1.37 -11.09
CA ALA A 79 11.83 -0.25 -11.84
C ALA A 79 10.54 -0.65 -12.54
N GLY A 80 9.60 0.30 -12.63
CA GLY A 80 8.33 0.01 -13.24
C GLY A 80 7.30 -0.38 -12.20
N ASP A 81 7.78 -1.00 -11.12
CA ASP A 81 6.91 -1.42 -10.03
C ASP A 81 6.64 -0.22 -9.11
N ARG A 82 6.26 -0.48 -7.86
CA ARG A 82 5.98 0.59 -6.92
C ARG A 82 6.17 0.15 -5.48
N VAL A 83 6.40 1.11 -4.61
CA VAL A 83 6.59 0.84 -3.19
C VAL A 83 5.53 1.55 -2.36
N VAL A 84 4.72 0.78 -1.64
CA VAL A 84 3.66 1.36 -0.83
C VAL A 84 4.14 1.58 0.60
N VAL A 85 4.22 2.85 1.00
CA VAL A 85 4.68 3.22 2.33
C VAL A 85 3.50 3.37 3.30
N ILE A 86 3.45 2.50 4.31
CA ILE A 86 2.38 2.53 5.30
C ILE A 86 2.25 3.89 5.98
N ASP A 87 3.31 4.68 5.92
CA ASP A 87 3.29 6.02 6.52
C ASP A 87 3.00 7.06 5.45
N GLY A 88 3.66 6.91 4.31
CA GLY A 88 3.46 7.81 3.20
C GLY A 88 4.78 8.22 2.56
N LEU A 89 4.71 9.16 1.61
CA LEU A 89 5.91 9.63 0.94
C LEU A 89 5.58 10.74 -0.05
N ASP A 90 5.94 11.97 0.31
CA ASP A 90 5.66 13.13 -0.55
C ASP A 90 6.96 13.75 -1.04
N ARG A 91 7.90 12.91 -1.46
CA ARG A 91 9.19 13.38 -1.96
C ARG A 91 10.05 12.21 -2.43
N MET A 92 10.98 12.49 -3.34
CA MET A 92 11.86 11.47 -3.87
C MET A 92 12.68 10.82 -2.75
N ALA A 93 12.81 9.51 -2.81
CA ALA A 93 13.56 8.77 -1.80
C ALA A 93 14.22 7.54 -2.40
N HIS A 94 15.54 7.44 -2.24
CA HIS A 94 16.28 6.31 -2.77
C HIS A 94 15.88 5.02 -2.07
N PHE A 95 16.03 3.90 -2.76
CA PHE A 95 15.67 2.60 -2.21
C PHE A 95 16.86 1.64 -2.20
N LYS A 96 17.72 1.72 -3.21
CA LYS A 96 18.87 0.83 -3.29
C LYS A 96 19.70 1.07 -4.53
N ASP A 97 20.99 0.75 -4.46
CA ASP A 97 21.91 0.93 -5.59
C ASP A 97 21.71 2.29 -6.26
N ASP A 98 20.78 2.34 -7.21
CA ASP A 98 20.49 3.59 -7.91
C ASP A 98 19.01 3.74 -8.20
N LEU A 99 18.18 2.91 -7.55
CA LEU A 99 16.74 2.97 -7.73
C LEU A 99 16.13 3.95 -6.73
N VAL A 100 15.47 4.98 -7.25
CA VAL A 100 14.87 5.99 -6.40
C VAL A 100 13.35 5.97 -6.53
N LEU A 101 12.67 6.17 -5.40
CA LEU A 101 11.21 6.18 -5.37
C LEU A 101 10.67 7.61 -5.39
N VAL A 102 9.72 7.87 -6.29
CA VAL A 102 9.12 9.19 -6.41
C VAL A 102 7.62 9.14 -6.07
N PRO A 103 7.12 10.13 -5.31
CA PRO A 103 5.70 10.20 -4.93
C PRO A 103 4.78 9.94 -6.12
N LEU A 104 3.91 8.94 -5.98
CA LEU A 104 2.98 8.59 -7.05
C LEU A 104 1.52 8.72 -6.60
N THR A 105 1.18 8.09 -5.47
CA THR A 105 -0.19 8.15 -4.96
C THR A 105 -0.24 8.03 -3.45
N THR A 106 -0.85 9.03 -2.81
CA THR A 106 -0.98 9.04 -1.36
C THR A 106 -2.45 9.06 -0.95
N LYS A 107 -2.88 8.02 -0.25
CA LYS A 107 -4.26 7.91 0.21
C LYS A 107 -4.33 7.45 1.66
N VAL A 108 -5.30 7.97 2.40
CA VAL A 108 -5.46 7.61 3.80
C VAL A 108 -6.58 6.56 3.97
N VAL A 109 -6.23 5.43 4.56
CA VAL A 109 -7.19 4.36 4.78
C VAL A 109 -7.02 3.74 6.17
N GLY A 110 -8.05 3.91 7.01
CA GLY A 110 -8.01 3.37 8.35
C GLY A 110 -7.15 4.22 9.28
N GLY A 111 -7.13 5.52 9.04
CA GLY A 111 -6.35 6.42 9.88
C GLY A 111 -4.86 6.27 9.63
N SER A 112 -4.49 5.86 8.42
CA SER A 112 -3.09 5.67 8.07
C SER A 112 -2.82 6.14 6.64
N ARG A 113 -1.71 6.84 6.45
CA ARG A 113 -1.33 7.34 5.14
C ARG A 113 -0.68 6.24 4.29
N CYS A 114 -1.21 6.04 3.10
CA CYS A 114 -0.68 5.01 2.19
C CYS A 114 -0.17 5.64 0.91
N THR A 115 1.12 5.97 0.89
CA THR A 115 1.73 6.58 -0.29
C THR A 115 2.42 5.53 -1.15
N ILE A 116 2.33 5.71 -2.46
CA ILE A 116 2.96 4.80 -3.40
C ILE A 116 3.89 5.60 -4.32
N CYS A 117 5.08 5.05 -4.59
CA CYS A 117 6.05 5.74 -5.41
C CYS A 117 6.60 4.85 -6.52
N ASP A 118 6.78 5.44 -7.70
CA ASP A 118 7.33 4.72 -8.84
C ASP A 118 8.83 4.49 -8.66
N VAL A 119 9.29 3.30 -9.00
CA VAL A 119 10.70 2.98 -8.86
C VAL A 119 11.48 3.38 -10.11
N VAL A 120 12.19 4.49 -10.02
CA VAL A 120 12.97 5.00 -11.13
C VAL A 120 14.43 5.18 -10.75
N LYS A 121 15.32 4.84 -11.67
CA LYS A 121 16.75 4.96 -11.44
C LYS A 121 17.20 6.42 -11.50
N GLU A 122 17.74 6.91 -10.38
CA GLU A 122 18.19 8.29 -10.31
C GLU A 122 19.55 8.45 -10.99
N GLU A 123 19.80 9.64 -11.55
CA GLU A 123 21.05 9.93 -12.24
C GLU A 123 21.46 8.79 -13.16
N GLY A 1 -11.63 7.51 8.25
CA GLY A 1 -12.49 7.52 7.03
C GLY A 1 -13.68 8.45 7.15
N LEU A 2 -14.53 8.20 8.15
CA LEU A 2 -15.72 9.01 8.41
C LEU A 2 -16.29 9.63 7.12
N THR A 3 -15.88 10.85 6.82
CA THR A 3 -16.34 11.54 5.61
C THR A 3 -15.44 11.22 4.43
N ALA A 4 -14.13 11.30 4.66
CA ALA A 4 -13.17 11.01 3.61
C ALA A 4 -13.38 9.61 3.03
N THR A 5 -13.99 8.74 3.82
CA THR A 5 -14.27 7.37 3.39
C THR A 5 -15.75 7.21 3.04
N LEU A 6 -16.60 7.97 3.71
CA LEU A 6 -18.03 7.90 3.47
C LEU A 6 -18.56 6.49 3.70
N ALA A 7 -19.88 6.32 3.62
CA ALA A 7 -20.51 5.03 3.82
C ALA A 7 -20.09 4.05 2.72
N ALA A 8 -19.90 4.56 1.52
CA ALA A 8 -19.50 3.74 0.38
C ALA A 8 -18.33 4.36 -0.36
N LEU A 9 -17.49 3.51 -0.95
CA LEU A 9 -16.32 3.98 -1.69
C LEU A 9 -16.42 3.60 -3.17
N THR A 10 -15.87 4.44 -4.03
CA THR A 10 -15.90 4.18 -5.46
C THR A 10 -14.80 3.21 -5.88
N ASP A 11 -14.72 2.93 -7.17
CA ASP A 11 -13.72 2.01 -7.69
C ASP A 11 -12.32 2.55 -7.44
N ASP A 12 -12.19 3.88 -7.35
CA ASP A 12 -10.91 4.51 -7.12
C ASP A 12 -10.29 4.02 -5.82
N ASP A 13 -11.10 3.95 -4.77
CA ASP A 13 -10.63 3.50 -3.47
C ASP A 13 -10.10 2.07 -3.56
N PHE A 14 -10.87 1.21 -4.25
CA PHE A 14 -10.49 -0.18 -4.41
C PHE A 14 -9.33 -0.31 -5.40
N GLN A 15 -9.22 0.65 -6.31
CA GLN A 15 -8.14 0.65 -7.29
C GLN A 15 -6.83 1.02 -6.62
N PHE A 16 -6.92 1.81 -5.55
CA PHE A 16 -5.74 2.22 -4.81
C PHE A 16 -5.18 1.06 -3.99
N LEU A 17 -6.03 0.46 -3.17
CA LEU A 17 -5.61 -0.66 -2.33
C LEU A 17 -5.21 -1.83 -3.20
N SER A 18 -5.93 -2.02 -4.31
CA SER A 18 -5.62 -3.10 -5.23
C SER A 18 -4.24 -2.87 -5.83
N ASP A 19 -3.91 -1.59 -6.02
CA ASP A 19 -2.62 -1.20 -6.58
C ASP A 19 -1.53 -1.30 -5.52
N VAL A 20 -1.90 -1.17 -4.24
CA VAL A 20 -0.92 -1.26 -3.17
C VAL A 20 -0.47 -2.69 -3.00
N LEU A 21 -1.39 -3.62 -3.22
CA LEU A 21 -1.08 -5.04 -3.14
C LEU A 21 -0.10 -5.40 -4.25
N ASP A 22 -0.10 -4.57 -5.30
CA ASP A 22 0.79 -4.76 -6.43
C ASP A 22 2.23 -4.47 -6.02
N CYS A 23 2.40 -3.51 -5.10
CA CYS A 23 3.72 -3.14 -4.62
C CYS A 23 4.57 -4.38 -4.30
N ARG A 24 5.85 -4.16 -4.06
CA ARG A 24 6.77 -5.27 -3.76
C ARG A 24 7.16 -5.26 -2.29
N ALA A 25 7.52 -4.09 -1.77
CA ALA A 25 7.91 -3.97 -0.38
C ALA A 25 6.96 -3.07 0.40
N VAL A 26 6.66 -3.47 1.63
CA VAL A 26 5.75 -2.70 2.48
C VAL A 26 6.46 -2.26 3.76
N ARG A 27 6.75 -0.96 3.85
CA ARG A 27 7.42 -0.41 5.02
C ARG A 27 6.81 0.94 5.40
N SER A 28 7.29 1.50 6.50
CA SER A 28 6.78 2.78 6.97
C SER A 28 7.85 3.87 6.80
N ALA A 29 7.40 5.10 6.62
CA ALA A 29 8.31 6.23 6.44
C ALA A 29 9.07 6.51 7.73
N MET A 30 8.34 6.55 8.84
CA MET A 30 8.95 6.80 10.15
C MET A 30 10.05 5.80 10.42
N ASN A 31 9.95 4.62 9.81
CA ASN A 31 10.95 3.58 9.99
C ASN A 31 10.95 2.63 8.79
N LEU A 32 11.46 3.12 7.67
CA LEU A 32 11.52 2.33 6.44
C LEU A 32 12.52 1.18 6.56
N ARG A 33 13.43 1.28 7.51
CA ARG A 33 14.43 0.25 7.72
C ARG A 33 13.97 -0.81 8.72
N ALA A 34 12.69 -0.80 9.06
CA ALA A 34 12.14 -1.77 10.00
C ALA A 34 10.63 -1.61 10.17
N ALA A 35 9.91 -2.72 10.15
CA ALA A 35 8.46 -2.70 10.30
C ALA A 35 8.07 -2.34 11.72
N LEU A 36 6.77 -2.24 11.97
CA LEU A 36 6.29 -1.90 13.30
C LEU A 36 6.36 -3.11 14.23
N THR A 37 5.54 -4.12 13.94
CA THR A 37 5.53 -5.34 14.74
C THR A 37 4.43 -6.28 14.25
N SER A 38 4.50 -7.53 14.69
CA SER A 38 3.52 -8.55 14.31
C SER A 38 2.09 -8.01 14.35
N PHE A 39 1.61 -7.75 15.57
CA PHE A 39 0.25 -7.25 15.75
C PHE A 39 0.00 -5.99 14.91
N GLN A 40 1.02 -5.17 14.75
CA GLN A 40 0.88 -3.94 13.96
C GLN A 40 0.63 -4.24 12.49
N VAL A 41 1.55 -4.96 11.87
CA VAL A 41 1.42 -5.31 10.46
C VAL A 41 0.10 -6.02 10.19
N ALA A 42 -0.28 -6.92 11.10
CA ALA A 42 -1.52 -7.66 10.95
C ALA A 42 -2.72 -6.72 11.05
N GLN A 43 -2.64 -5.75 11.96
CA GLN A 43 -3.72 -4.79 12.15
C GLN A 43 -3.99 -4.06 10.84
N TYR A 44 -2.95 -3.49 10.25
CA TYR A 44 -3.07 -2.77 8.98
C TYR A 44 -3.61 -3.71 7.91
N ARG A 45 -3.20 -4.97 7.98
CA ARG A 45 -3.64 -5.97 7.01
C ARG A 45 -5.14 -6.18 7.09
N ASN A 46 -5.70 -6.02 8.29
CA ASN A 46 -7.13 -6.20 8.50
C ASN A 46 -7.91 -4.98 8.02
N ILE A 47 -7.26 -3.81 8.05
CA ILE A 47 -7.91 -2.57 7.62
C ILE A 47 -8.36 -2.67 6.16
N LEU A 48 -7.38 -2.88 5.26
CA LEU A 48 -7.68 -2.99 3.84
C LEU A 48 -8.52 -4.24 3.57
N ASN A 49 -8.05 -5.38 4.09
CA ASN A 49 -8.74 -6.64 3.90
C ASN A 49 -10.21 -6.54 4.32
N ALA A 50 -10.48 -5.66 5.29
CA ALA A 50 -11.84 -5.47 5.77
C ALA A 50 -12.67 -4.68 4.77
N SER A 51 -12.01 -3.85 3.98
CA SER A 51 -12.69 -3.05 2.97
C SER A 51 -13.28 -3.92 1.87
N LEU A 52 -12.60 -5.03 1.59
CA LEU A 52 -13.02 -5.96 0.55
C LEU A 52 -14.35 -6.65 0.89
N GLN A 53 -14.38 -7.32 2.04
CA GLN A 53 -15.58 -8.02 2.49
C GLN A 53 -16.81 -7.12 2.49
N VAL A 54 -16.70 -6.00 3.19
CA VAL A 54 -17.79 -5.05 3.28
C VAL A 54 -18.36 -4.70 1.92
N ASP A 55 -17.53 -4.83 0.88
CA ASP A 55 -17.96 -4.53 -0.48
C ASP A 55 -18.99 -5.55 -0.97
N ARG A 56 -19.58 -5.28 -2.12
CA ARG A 56 -20.58 -6.17 -2.69
C ARG A 56 -19.96 -7.10 -3.74
N ASP A 57 -18.95 -6.59 -4.43
CA ASP A 57 -18.27 -7.38 -5.46
C ASP A 57 -17.45 -8.51 -4.83
N ALA A 58 -18.10 -9.66 -4.67
CA ALA A 58 -17.44 -10.82 -4.07
C ALA A 58 -16.35 -11.36 -4.99
N ALA A 59 -16.58 -11.26 -6.30
CA ALA A 59 -15.61 -11.73 -7.28
C ALA A 59 -14.35 -10.88 -7.27
N ARG A 60 -14.53 -9.57 -7.08
CA ARG A 60 -13.40 -8.65 -7.05
C ARG A 60 -12.64 -8.75 -5.73
N SER A 61 -13.37 -8.95 -4.64
CA SER A 61 -12.78 -9.06 -3.31
C SER A 61 -11.84 -10.26 -3.23
N ARG A 62 -12.32 -11.42 -3.65
CA ARG A 62 -11.53 -12.65 -3.61
C ARG A 62 -10.16 -12.44 -4.26
N ARG A 63 -10.11 -11.60 -5.28
CA ARG A 63 -8.86 -11.32 -5.98
C ARG A 63 -7.91 -10.52 -5.09
N LEU A 64 -8.45 -9.51 -4.42
CA LEU A 64 -7.65 -8.67 -3.53
C LEU A 64 -7.22 -9.44 -2.28
N MET A 65 -8.16 -10.21 -1.72
CA MET A 65 -7.88 -10.99 -0.52
C MET A 65 -6.66 -11.89 -0.72
N ALA A 66 -6.48 -12.36 -1.95
CA ALA A 66 -5.35 -13.22 -2.27
C ALA A 66 -4.09 -12.39 -2.43
N LYS A 67 -4.26 -11.16 -2.90
CA LYS A 67 -3.13 -10.25 -3.11
C LYS A 67 -2.60 -9.77 -1.76
N LEU A 68 -3.50 -9.64 -0.79
CA LEU A 68 -3.13 -9.19 0.54
C LEU A 68 -2.45 -10.32 1.33
N ALA A 69 -2.73 -11.56 0.93
CA ALA A 69 -2.14 -12.71 1.60
C ALA A 69 -0.61 -12.63 1.63
N ASP A 70 -0.05 -11.88 0.68
CA ASP A 70 1.40 -11.71 0.61
C ASP A 70 1.82 -10.32 1.11
N PHE A 71 0.93 -9.66 1.83
CA PHE A 71 1.22 -8.33 2.36
C PHE A 71 2.45 -8.37 3.26
N ALA A 72 3.32 -7.36 3.10
CA ALA A 72 4.55 -7.28 3.89
C ALA A 72 5.42 -8.51 3.68
N VAL A 73 5.57 -8.92 2.42
CA VAL A 73 6.38 -10.08 2.09
C VAL A 73 7.78 -9.66 1.65
N GLU A 74 8.75 -10.55 1.85
CA GLU A 74 10.13 -10.27 1.46
C GLU A 74 10.34 -10.49 -0.03
N GLN A 75 10.72 -9.42 -0.74
CA GLN A 75 10.96 -9.50 -2.17
C GLN A 75 11.79 -8.31 -2.65
N GLU A 76 12.50 -8.50 -3.76
CA GLU A 76 13.34 -7.45 -4.31
C GLU A 76 12.52 -6.51 -5.18
N VAL A 77 12.67 -5.21 -4.93
CA VAL A 77 11.94 -4.20 -5.69
C VAL A 77 12.63 -3.92 -7.02
N THR A 78 11.91 -3.32 -7.95
CA THR A 78 12.45 -3.02 -9.26
C THR A 78 11.78 -1.79 -9.88
N ALA A 79 12.43 -1.22 -10.89
CA ALA A 79 11.88 -0.05 -11.57
C ALA A 79 10.56 -0.40 -12.23
N GLY A 80 9.65 0.57 -12.25
CA GLY A 80 8.35 0.34 -12.84
C GLY A 80 7.34 -0.06 -11.78
N ASP A 81 7.82 -0.75 -10.75
CA ASP A 81 6.97 -1.19 -9.65
C ASP A 81 6.68 -0.01 -8.72
N ARG A 82 6.32 -0.30 -7.47
CA ARG A 82 6.02 0.76 -6.51
C ARG A 82 6.22 0.29 -5.08
N VAL A 83 6.56 1.23 -4.21
CA VAL A 83 6.78 0.94 -2.80
C VAL A 83 5.73 1.67 -1.95
N VAL A 84 5.00 0.92 -1.14
CA VAL A 84 3.98 1.50 -0.29
C VAL A 84 4.53 1.84 1.09
N VAL A 85 4.44 3.11 1.46
CA VAL A 85 4.92 3.56 2.76
C VAL A 85 3.75 3.74 3.73
N ILE A 86 3.68 2.88 4.74
CA ILE A 86 2.60 2.92 5.72
C ILE A 86 2.35 4.33 6.21
N ASP A 87 3.38 5.17 6.19
CA ASP A 87 3.26 6.55 6.61
C ASP A 87 2.99 7.43 5.41
N GLY A 88 3.71 7.18 4.33
CA GLY A 88 3.53 7.93 3.10
C GLY A 88 4.85 8.33 2.48
N LEU A 89 4.80 9.15 1.43
CA LEU A 89 6.01 9.61 0.76
C LEU A 89 5.67 10.59 -0.36
N ASP A 90 5.95 11.87 -0.12
CA ASP A 90 5.69 12.91 -1.11
C ASP A 90 6.99 13.58 -1.54
N ARG A 91 7.95 12.78 -1.97
CA ARG A 91 9.25 13.30 -2.38
C ARG A 91 10.15 12.19 -2.91
N MET A 92 10.97 12.51 -3.91
CA MET A 92 11.89 11.54 -4.49
C MET A 92 12.85 11.02 -3.43
N ALA A 93 12.83 9.72 -3.20
CA ALA A 93 13.70 9.12 -2.19
C ALA A 93 14.37 7.84 -2.65
N HIS A 94 15.70 7.79 -2.50
CA HIS A 94 16.47 6.62 -2.88
C HIS A 94 16.00 5.38 -2.12
N PHE A 95 16.10 4.23 -2.77
CA PHE A 95 15.69 2.97 -2.15
C PHE A 95 16.82 1.95 -2.14
N LYS A 96 17.69 2.02 -3.14
CA LYS A 96 18.82 1.09 -3.22
C LYS A 96 19.66 1.35 -4.47
N ASP A 97 20.95 0.99 -4.40
CA ASP A 97 21.86 1.18 -5.53
C ASP A 97 21.74 2.58 -6.12
N ASP A 98 20.85 2.74 -7.09
CA ASP A 98 20.63 4.03 -7.72
C ASP A 98 19.17 4.22 -8.13
N LEU A 99 18.29 3.45 -7.49
CA LEU A 99 16.86 3.52 -7.78
C LEU A 99 16.14 4.27 -6.67
N VAL A 100 15.40 5.31 -7.03
CA VAL A 100 14.68 6.10 -6.05
C VAL A 100 13.18 5.90 -6.15
N LEU A 101 12.47 6.47 -5.20
CA LEU A 101 11.02 6.39 -5.16
C LEU A 101 10.41 7.76 -5.31
N VAL A 102 9.54 7.93 -6.31
CA VAL A 102 8.89 9.21 -6.55
C VAL A 102 7.41 9.14 -6.19
N PRO A 103 6.88 10.19 -5.55
CA PRO A 103 5.47 10.24 -5.16
C PRO A 103 4.56 9.81 -6.29
N LEU A 104 3.73 8.80 -6.03
CA LEU A 104 2.82 8.27 -7.03
C LEU A 104 1.37 8.43 -6.60
N THR A 105 1.07 8.05 -5.36
CA THR A 105 -0.29 8.15 -4.85
C THR A 105 -0.34 8.06 -3.33
N THR A 106 -1.02 9.02 -2.71
CA THR A 106 -1.15 9.07 -1.27
C THR A 106 -2.62 9.03 -0.85
N LYS A 107 -3.01 7.98 -0.15
CA LYS A 107 -4.38 7.82 0.31
C LYS A 107 -4.43 7.29 1.74
N VAL A 108 -5.43 7.73 2.49
CA VAL A 108 -5.58 7.32 3.88
C VAL A 108 -6.83 6.45 4.05
N VAL A 109 -6.65 5.30 4.70
CA VAL A 109 -7.76 4.38 4.93
C VAL A 109 -7.86 4.00 6.40
N GLY A 110 -8.97 4.35 7.04
CA GLY A 110 -9.16 4.04 8.44
C GLY A 110 -8.50 5.05 9.36
N GLY A 111 -7.19 5.22 9.20
CA GLY A 111 -6.46 6.15 10.02
C GLY A 111 -4.95 6.04 9.83
N SER A 112 -4.53 5.92 8.58
CA SER A 112 -3.11 5.80 8.27
C SER A 112 -2.82 6.31 6.85
N ARG A 113 -1.75 7.09 6.72
CA ARG A 113 -1.36 7.64 5.43
C ARG A 113 -0.66 6.59 4.57
N CYS A 114 -1.35 6.14 3.53
CA CYS A 114 -0.78 5.13 2.63
C CYS A 114 -0.39 5.75 1.29
N THR A 115 0.90 5.96 1.10
CA THR A 115 1.41 6.52 -0.15
C THR A 115 2.24 5.51 -0.91
N ILE A 116 2.28 5.67 -2.23
CA ILE A 116 3.05 4.78 -3.08
C ILE A 116 3.92 5.60 -4.02
N CYS A 117 5.12 5.12 -4.27
CA CYS A 117 6.04 5.84 -5.12
C CYS A 117 6.63 4.95 -6.21
N ASP A 118 6.74 5.50 -7.42
CA ASP A 118 7.31 4.78 -8.55
C ASP A 118 8.81 4.62 -8.37
N VAL A 119 9.32 3.43 -8.70
CA VAL A 119 10.73 3.14 -8.57
C VAL A 119 11.47 3.50 -9.85
N VAL A 120 12.28 4.55 -9.80
CA VAL A 120 13.02 5.00 -10.98
C VAL A 120 14.50 5.16 -10.67
N LYS A 121 15.34 4.90 -11.68
CA LYS A 121 16.78 5.02 -11.53
C LYS A 121 17.21 6.48 -11.50
N GLU A 122 18.33 6.74 -10.83
CA GLU A 122 18.85 8.10 -10.72
C GLU A 122 19.60 8.50 -11.98
N GLU A 123 19.31 9.69 -12.51
CA GLU A 123 19.95 10.18 -13.71
C GLU A 123 19.67 9.26 -14.89
N GLY A 1 -16.50 12.90 4.10
CA GLY A 1 -16.11 11.70 3.30
C GLY A 1 -14.83 11.06 3.80
N LEU A 2 -14.73 10.90 5.12
CA LEU A 2 -13.55 10.29 5.72
C LEU A 2 -13.88 9.71 7.09
N THR A 3 -14.59 10.48 7.90
CA THR A 3 -14.99 10.05 9.23
C THR A 3 -16.50 10.02 9.35
N ALA A 4 -17.13 11.08 8.85
CA ALA A 4 -18.58 11.18 8.88
C ALA A 4 -19.21 9.99 8.15
N THR A 5 -18.48 9.45 7.19
CA THR A 5 -18.94 8.30 6.41
C THR A 5 -18.48 7.00 7.06
N LEU A 6 -17.18 6.89 7.30
CA LEU A 6 -16.60 5.71 7.91
C LEU A 6 -16.83 4.47 7.06
N ALA A 7 -18.02 3.88 7.15
CA ALA A 7 -18.35 2.69 6.39
C ALA A 7 -19.12 3.04 5.12
N ALA A 8 -18.39 3.51 4.10
CA ALA A 8 -19.00 3.87 2.82
C ALA A 8 -17.97 4.52 1.90
N LEU A 9 -17.18 3.69 1.23
CA LEU A 9 -16.16 4.18 0.32
C LEU A 9 -16.59 4.00 -1.13
N THR A 10 -15.87 4.66 -2.04
CA THR A 10 -16.18 4.57 -3.47
C THR A 10 -15.14 3.73 -4.19
N ASP A 11 -15.30 3.59 -5.50
CA ASP A 11 -14.38 2.81 -6.31
C ASP A 11 -12.94 3.29 -6.12
N ASP A 12 -12.79 4.58 -5.81
CA ASP A 12 -11.47 5.15 -5.60
C ASP A 12 -10.72 4.42 -4.49
N ASP A 13 -11.41 4.15 -3.39
CA ASP A 13 -10.81 3.46 -2.26
C ASP A 13 -10.37 2.05 -2.67
N PHE A 14 -11.24 1.34 -3.38
CA PHE A 14 -10.95 -0.01 -3.83
C PHE A 14 -9.91 0.02 -4.94
N GLN A 15 -9.85 1.12 -5.68
CA GLN A 15 -8.89 1.26 -6.76
C GLN A 15 -7.50 1.59 -6.21
N PHE A 16 -7.49 2.25 -5.06
CA PHE A 16 -6.23 2.61 -4.42
C PHE A 16 -5.56 1.39 -3.80
N LEU A 17 -6.32 0.68 -2.95
CA LEU A 17 -5.81 -0.52 -2.30
C LEU A 17 -5.47 -1.58 -3.34
N SER A 18 -6.27 -1.65 -4.39
CA SER A 18 -6.05 -2.61 -5.47
C SER A 18 -4.67 -2.40 -6.09
N ASP A 19 -4.35 -1.14 -6.35
CA ASP A 19 -3.06 -0.78 -6.92
C ASP A 19 -1.96 -0.84 -5.86
N VAL A 20 -2.37 -0.88 -4.60
CA VAL A 20 -1.41 -0.94 -3.51
C VAL A 20 -0.80 -2.33 -3.44
N LEU A 21 -1.65 -3.35 -3.51
CA LEU A 21 -1.19 -4.72 -3.48
C LEU A 21 -0.22 -4.97 -4.63
N ASP A 22 -0.34 -4.17 -5.69
CA ASP A 22 0.53 -4.29 -6.84
C ASP A 22 1.97 -4.01 -6.43
N CYS A 23 2.15 -3.19 -5.39
CA CYS A 23 3.48 -2.85 -4.90
C CYS A 23 4.32 -4.11 -4.67
N ARG A 24 5.55 -3.92 -4.20
CA ARG A 24 6.45 -5.03 -3.94
C ARG A 24 6.67 -5.25 -2.45
N ALA A 25 6.91 -4.16 -1.72
CA ALA A 25 7.14 -4.26 -0.29
C ALA A 25 6.52 -3.08 0.45
N VAL A 26 6.09 -3.33 1.69
CA VAL A 26 5.47 -2.30 2.51
C VAL A 26 6.39 -1.90 3.65
N ARG A 27 6.57 -0.61 3.85
CA ARG A 27 7.43 -0.10 4.91
C ARG A 27 7.05 1.33 5.29
N SER A 28 7.12 1.64 6.58
CA SER A 28 6.78 2.98 7.06
C SER A 28 7.85 3.98 6.65
N ALA A 29 7.42 5.13 6.14
CA ALA A 29 8.36 6.17 5.72
C ALA A 29 9.19 6.64 6.90
N MET A 30 8.53 6.80 8.06
CA MET A 30 9.22 7.22 9.26
C MET A 30 10.40 6.29 9.56
N ASN A 31 10.29 5.06 9.09
CA ASN A 31 11.34 4.06 9.28
C ASN A 31 11.40 3.11 8.08
N LEU A 32 11.63 3.69 6.90
CA LEU A 32 11.70 2.90 5.66
C LEU A 32 12.66 1.72 5.80
N ARG A 33 13.63 1.85 6.70
CA ARG A 33 14.61 0.78 6.92
C ARG A 33 14.29 -0.03 8.18
N ALA A 34 13.09 0.16 8.71
CA ALA A 34 12.69 -0.57 9.92
C ALA A 34 11.19 -0.83 9.93
N ALA A 35 10.82 -2.07 10.28
CA ALA A 35 9.42 -2.45 10.33
C ALA A 35 8.84 -2.21 11.72
N LEU A 36 7.55 -2.48 11.88
CA LEU A 36 6.89 -2.29 13.17
C LEU A 36 6.86 -3.59 13.97
N THR A 37 6.10 -4.56 13.47
CA THR A 37 5.97 -5.86 14.12
C THR A 37 5.02 -6.77 13.35
N SER A 38 5.13 -8.07 13.59
CA SER A 38 4.27 -9.04 12.93
C SER A 38 2.79 -8.68 13.12
N PHE A 39 2.44 -8.32 14.35
CA PHE A 39 1.08 -7.93 14.68
C PHE A 39 0.77 -6.54 14.13
N GLN A 40 1.78 -5.68 14.15
CA GLN A 40 1.62 -4.32 13.66
C GLN A 40 1.21 -4.30 12.20
N VAL A 41 2.01 -4.93 11.35
CA VAL A 41 1.73 -5.00 9.92
C VAL A 41 0.38 -5.67 9.66
N ALA A 42 0.03 -6.63 10.50
CA ALA A 42 -1.23 -7.36 10.37
C ALA A 42 -2.42 -6.43 10.61
N GLN A 43 -2.26 -5.49 11.54
CA GLN A 43 -3.31 -4.54 11.86
C GLN A 43 -3.73 -3.77 10.61
N TYR A 44 -2.76 -3.11 9.99
CA TYR A 44 -3.02 -2.33 8.79
C TYR A 44 -3.57 -3.23 7.67
N ARG A 45 -3.08 -4.47 7.64
CA ARG A 45 -3.52 -5.43 6.64
C ARG A 45 -5.01 -5.71 6.78
N ASN A 46 -5.51 -5.73 8.01
CA ASN A 46 -6.92 -5.97 8.27
C ASN A 46 -7.77 -4.76 7.91
N ILE A 47 -7.18 -3.57 8.00
CA ILE A 47 -7.89 -2.34 7.67
C ILE A 47 -8.43 -2.38 6.26
N LEU A 48 -7.53 -2.51 5.28
CA LEU A 48 -7.94 -2.58 3.88
C LEU A 48 -8.76 -3.85 3.65
N ASN A 49 -8.37 -4.92 4.33
CA ASN A 49 -9.06 -6.19 4.21
C ASN A 49 -10.52 -6.05 4.64
N ALA A 50 -10.74 -5.36 5.75
CA ALA A 50 -12.09 -5.14 6.26
C ALA A 50 -12.95 -4.42 5.25
N SER A 51 -12.32 -3.62 4.40
CA SER A 51 -13.03 -2.87 3.37
C SER A 51 -13.58 -3.82 2.31
N LEU A 52 -12.85 -4.90 2.07
CA LEU A 52 -13.23 -5.90 1.07
C LEU A 52 -14.54 -6.62 1.44
N GLN A 53 -14.58 -7.19 2.64
CA GLN A 53 -15.77 -7.91 3.10
C GLN A 53 -17.06 -7.11 2.86
N VAL A 54 -16.93 -5.80 2.82
CA VAL A 54 -18.08 -4.92 2.61
C VAL A 54 -18.16 -4.45 1.15
N ASP A 55 -17.53 -5.21 0.25
CA ASP A 55 -17.54 -4.88 -1.16
C ASP A 55 -18.69 -5.60 -1.88
N ARG A 56 -18.91 -5.24 -3.14
CA ARG A 56 -19.97 -5.85 -3.93
C ARG A 56 -19.42 -6.95 -4.83
N ASP A 57 -18.35 -6.62 -5.56
CA ASP A 57 -17.73 -7.58 -6.47
C ASP A 57 -17.05 -8.71 -5.70
N ALA A 58 -17.71 -9.86 -5.64
CA ALA A 58 -17.16 -11.02 -4.93
C ALA A 58 -15.92 -11.55 -5.64
N ALA A 59 -16.02 -11.73 -6.95
CA ALA A 59 -14.90 -12.24 -7.74
C ALA A 59 -13.68 -11.35 -7.58
N ARG A 60 -13.89 -10.04 -7.58
CA ARG A 60 -12.80 -9.08 -7.44
C ARG A 60 -12.30 -9.03 -6.00
N SER A 61 -13.22 -9.17 -5.05
CA SER A 61 -12.86 -9.14 -3.63
C SER A 61 -11.84 -10.23 -3.30
N ARG A 62 -11.94 -11.35 -4.00
CA ARG A 62 -11.01 -12.47 -3.79
C ARG A 62 -9.62 -12.12 -4.28
N ARG A 63 -9.55 -11.42 -5.42
CA ARG A 63 -8.27 -11.03 -6.00
C ARG A 63 -7.48 -10.15 -5.03
N LEU A 64 -8.17 -9.20 -4.40
CA LEU A 64 -7.54 -8.29 -3.45
C LEU A 64 -7.15 -9.04 -2.18
N MET A 65 -8.05 -9.90 -1.72
CA MET A 65 -7.80 -10.68 -0.50
C MET A 65 -6.54 -11.53 -0.65
N ALA A 66 -6.33 -12.08 -1.83
CA ALA A 66 -5.16 -12.91 -2.09
C ALA A 66 -3.95 -12.02 -2.38
N LYS A 67 -4.19 -10.91 -3.06
CA LYS A 67 -3.14 -9.96 -3.39
C LYS A 67 -2.61 -9.29 -2.12
N LEU A 68 -3.50 -9.14 -1.14
CA LEU A 68 -3.15 -8.52 0.13
C LEU A 68 -2.37 -9.49 1.00
N ALA A 69 -2.60 -10.79 0.79
CA ALA A 69 -1.92 -11.83 1.56
C ALA A 69 -0.40 -11.68 1.43
N ASP A 70 0.04 -11.09 0.33
CA ASP A 70 1.46 -10.89 0.07
C ASP A 70 1.85 -9.42 0.27
N PHE A 71 0.99 -8.67 0.95
CA PHE A 71 1.24 -7.25 1.22
C PHE A 71 2.69 -6.97 1.57
N ALA A 72 3.11 -7.41 2.75
CA ALA A 72 4.48 -7.22 3.20
C ALA A 72 5.32 -8.48 2.97
N VAL A 73 4.96 -9.26 1.97
CA VAL A 73 5.67 -10.48 1.66
C VAL A 73 7.15 -10.20 1.35
N GLU A 74 8.00 -11.17 1.65
CA GLU A 74 9.43 -11.03 1.40
C GLU A 74 9.74 -11.19 -0.08
N GLN A 75 9.71 -10.07 -0.81
CA GLN A 75 9.99 -10.09 -2.25
C GLN A 75 10.95 -8.96 -2.62
N GLU A 76 11.58 -9.11 -3.78
CA GLU A 76 12.53 -8.11 -4.25
C GLU A 76 11.82 -7.02 -5.05
N VAL A 77 12.23 -5.77 -4.84
CA VAL A 77 11.63 -4.64 -5.54
C VAL A 77 12.55 -4.14 -6.65
N THR A 78 11.96 -3.78 -7.78
CA THR A 78 12.73 -3.29 -8.92
C THR A 78 12.01 -2.13 -9.59
N ALA A 79 12.39 -1.85 -10.83
CA ALA A 79 11.76 -0.78 -11.59
C ALA A 79 10.47 -1.27 -12.23
N GLY A 80 9.52 -0.37 -12.40
CA GLY A 80 8.25 -0.73 -12.98
C GLY A 80 7.21 -0.99 -11.90
N ASP A 81 7.67 -1.49 -10.75
CA ASP A 81 6.79 -1.77 -9.63
C ASP A 81 6.69 -0.54 -8.74
N ARG A 82 6.21 -0.71 -7.52
CA ARG A 82 6.08 0.40 -6.59
C ARG A 82 6.20 -0.03 -5.14
N VAL A 83 6.48 0.93 -4.27
CA VAL A 83 6.62 0.66 -2.85
C VAL A 83 5.51 1.34 -2.06
N VAL A 84 4.79 0.57 -1.26
CA VAL A 84 3.71 1.11 -0.46
C VAL A 84 4.21 1.51 0.92
N VAL A 85 3.99 2.76 1.29
CA VAL A 85 4.44 3.27 2.58
C VAL A 85 3.27 3.46 3.53
N ILE A 86 3.36 2.83 4.70
CA ILE A 86 2.30 2.94 5.70
C ILE A 86 2.22 4.33 6.31
N ASP A 87 3.21 5.18 6.02
CA ASP A 87 3.22 6.54 6.54
C ASP A 87 2.96 7.53 5.41
N GLY A 88 3.62 7.31 4.27
CA GLY A 88 3.45 8.17 3.11
C GLY A 88 4.76 8.53 2.45
N LEU A 89 4.70 9.46 1.50
CA LEU A 89 5.90 9.92 0.79
C LEU A 89 5.55 11.01 -0.22
N ASP A 90 5.93 12.25 0.11
CA ASP A 90 5.64 13.38 -0.77
C ASP A 90 6.93 13.94 -1.37
N ARG A 91 7.80 13.05 -1.85
CA ARG A 91 9.06 13.47 -2.45
C ARG A 91 9.91 12.25 -2.83
N MET A 92 10.85 12.46 -3.75
CA MET A 92 11.73 11.39 -4.20
C MET A 92 12.53 10.82 -3.03
N ALA A 93 12.78 9.51 -3.07
CA ALA A 93 13.53 8.86 -2.01
C ALA A 93 14.25 7.61 -2.52
N HIS A 94 15.57 7.58 -2.35
CA HIS A 94 16.38 6.44 -2.78
C HIS A 94 15.99 5.18 -1.99
N PHE A 95 16.19 4.03 -2.60
CA PHE A 95 15.86 2.77 -1.96
C PHE A 95 17.06 1.81 -1.95
N LYS A 96 17.89 1.88 -2.98
CA LYS A 96 19.06 1.02 -3.07
C LYS A 96 19.84 1.26 -4.37
N ASP A 97 21.14 0.98 -4.33
CA ASP A 97 22.00 1.17 -5.50
C ASP A 97 21.75 2.52 -6.17
N ASP A 98 20.79 2.55 -7.10
CA ASP A 98 20.46 3.79 -7.80
C ASP A 98 18.96 3.87 -8.08
N LEU A 99 18.18 3.06 -7.39
CA LEU A 99 16.73 3.06 -7.57
C LEU A 99 16.08 4.06 -6.63
N VAL A 100 15.39 5.04 -7.20
CA VAL A 100 14.73 6.06 -6.40
C VAL A 100 13.21 5.93 -6.47
N LEU A 101 12.56 6.09 -5.33
CA LEU A 101 11.11 6.01 -5.27
C LEU A 101 10.49 7.39 -5.40
N VAL A 102 9.60 7.56 -6.39
CA VAL A 102 8.96 8.84 -6.62
C VAL A 102 7.49 8.78 -6.24
N PRO A 103 6.97 9.83 -5.56
CA PRO A 103 5.57 9.89 -5.14
C PRO A 103 4.62 9.52 -6.27
N LEU A 104 3.79 8.52 -6.04
CA LEU A 104 2.84 8.05 -7.05
C LEU A 104 1.40 8.32 -6.62
N THR A 105 1.06 7.91 -5.40
CA THR A 105 -0.29 8.10 -4.90
C THR A 105 -0.35 8.00 -3.38
N THR A 106 -1.00 8.98 -2.77
CA THR A 106 -1.15 9.03 -1.31
C THR A 106 -2.62 9.00 -0.92
N LYS A 107 -3.00 7.98 -0.15
CA LYS A 107 -4.38 7.84 0.30
C LYS A 107 -4.44 7.30 1.73
N VAL A 108 -5.34 7.85 2.53
CA VAL A 108 -5.50 7.43 3.91
C VAL A 108 -6.64 6.43 4.05
N VAL A 109 -6.44 5.41 4.89
CA VAL A 109 -7.46 4.39 5.10
C VAL A 109 -7.58 4.04 6.58
N GLY A 110 -8.78 4.17 7.11
CA GLY A 110 -9.01 3.86 8.51
C GLY A 110 -8.49 4.94 9.44
N GLY A 111 -7.17 5.16 9.41
CA GLY A 111 -6.57 6.17 10.25
C GLY A 111 -5.06 6.22 10.10
N SER A 112 -4.58 6.07 8.86
CA SER A 112 -3.16 6.09 8.59
C SER A 112 -2.89 6.45 7.13
N ARG A 113 -1.88 7.30 6.92
CA ARG A 113 -1.51 7.73 5.57
C ARG A 113 -0.86 6.58 4.80
N CYS A 114 -1.12 6.54 3.48
CA CYS A 114 -0.55 5.49 2.65
C CYS A 114 -0.13 6.06 1.29
N THR A 115 1.18 6.12 1.07
CA THR A 115 1.71 6.64 -0.19
C THR A 115 2.44 5.54 -0.97
N ILE A 116 2.27 5.56 -2.29
CA ILE A 116 2.94 4.61 -3.16
C ILE A 116 3.86 5.35 -4.10
N CYS A 117 5.01 4.77 -4.38
CA CYS A 117 5.98 5.44 -5.25
C CYS A 117 6.55 4.50 -6.30
N ASP A 118 6.64 4.99 -7.53
CA ASP A 118 7.19 4.21 -8.63
C ASP A 118 8.70 4.07 -8.45
N VAL A 119 9.24 2.90 -8.76
CA VAL A 119 10.67 2.66 -8.62
C VAL A 119 11.41 3.00 -9.90
N VAL A 120 12.07 4.16 -9.89
CA VAL A 120 12.82 4.62 -11.05
C VAL A 120 14.27 4.88 -10.68
N LYS A 121 15.18 4.49 -11.58
CA LYS A 121 16.61 4.68 -11.35
C LYS A 121 17.00 6.15 -11.54
N GLU A 122 17.43 6.78 -10.45
CA GLU A 122 17.84 8.18 -10.49
C GLU A 122 18.97 8.39 -11.49
N GLU A 123 18.61 8.86 -12.68
CA GLU A 123 19.58 9.11 -13.74
C GLU A 123 19.03 10.08 -14.77
N GLY A 1 -26.34 0.03 2.28
CA GLY A 1 -25.51 0.40 1.10
C GLY A 1 -24.16 0.99 1.49
N LEU A 2 -23.25 0.13 1.93
CA LEU A 2 -21.93 0.57 2.33
C LEU A 2 -20.90 0.29 1.23
N THR A 3 -20.12 -0.80 1.37
CA THR A 3 -19.11 -1.15 0.36
C THR A 3 -18.41 0.11 -0.15
N ALA A 4 -17.55 0.69 0.69
CA ALA A 4 -16.85 1.91 0.32
C ALA A 4 -17.85 3.03 0.09
N THR A 5 -19.04 2.86 0.67
CA THR A 5 -20.12 3.84 0.53
C THR A 5 -20.35 4.22 -0.92
N LEU A 6 -19.97 3.32 -1.84
CA LEU A 6 -20.14 3.54 -3.28
C LEU A 6 -19.88 4.99 -3.70
N ALA A 7 -20.91 5.83 -3.60
CA ALA A 7 -20.79 7.24 -3.96
C ALA A 7 -19.66 7.94 -3.21
N ALA A 8 -19.18 7.32 -2.14
CA ALA A 8 -18.10 7.91 -1.35
C ALA A 8 -16.79 7.85 -2.12
N LEU A 9 -16.50 6.69 -2.68
CA LEU A 9 -15.27 6.50 -3.45
C LEU A 9 -15.56 5.76 -4.75
N THR A 10 -14.80 6.11 -5.79
CA THR A 10 -14.97 5.47 -7.10
C THR A 10 -14.13 4.20 -7.20
N ASP A 11 -14.19 3.55 -8.35
CA ASP A 11 -13.44 2.32 -8.57
C ASP A 11 -11.94 2.54 -8.29
N ASP A 12 -11.50 3.78 -8.41
CA ASP A 12 -10.10 4.12 -8.17
C ASP A 12 -9.67 3.72 -6.76
N ASP A 13 -10.57 3.85 -5.80
CA ASP A 13 -10.27 3.50 -4.41
C ASP A 13 -9.87 2.02 -4.31
N PHE A 14 -10.72 1.15 -4.83
CA PHE A 14 -10.46 -0.29 -4.80
C PHE A 14 -9.36 -0.65 -5.79
N GLN A 15 -9.22 0.15 -6.85
CA GLN A 15 -8.20 -0.09 -7.85
C GLN A 15 -6.83 0.23 -7.28
N PHE A 16 -6.77 1.26 -6.44
CA PHE A 16 -5.53 1.64 -5.82
C PHE A 16 -5.00 0.52 -4.95
N LEU A 17 -5.91 -0.17 -4.27
CA LEU A 17 -5.54 -1.29 -3.41
C LEU A 17 -4.91 -2.40 -4.24
N SER A 18 -5.38 -2.56 -5.48
CA SER A 18 -4.83 -3.58 -6.35
C SER A 18 -3.34 -3.34 -6.54
N ASP A 19 -2.96 -2.06 -6.58
CA ASP A 19 -1.58 -1.66 -6.73
C ASP A 19 -0.80 -1.82 -5.43
N VAL A 20 -1.38 -1.36 -4.32
CA VAL A 20 -0.71 -1.45 -3.02
C VAL A 20 -0.36 -2.89 -2.70
N LEU A 21 -1.31 -3.79 -2.94
CA LEU A 21 -1.10 -5.21 -2.70
C LEU A 21 -0.12 -5.78 -3.72
N ASP A 22 0.02 -5.07 -4.84
CA ASP A 22 0.92 -5.49 -5.90
C ASP A 22 2.31 -4.90 -5.70
N CYS A 23 2.41 -3.85 -4.89
CA CYS A 23 3.70 -3.19 -4.62
C CYS A 23 4.80 -4.22 -4.36
N ARG A 24 6.04 -3.78 -4.46
CA ARG A 24 7.18 -4.67 -4.25
C ARG A 24 7.78 -4.51 -2.85
N ALA A 25 7.09 -3.77 -1.99
CA ALA A 25 7.57 -3.55 -0.63
C ALA A 25 6.55 -2.79 0.21
N VAL A 26 6.41 -3.20 1.47
CA VAL A 26 5.48 -2.55 2.38
C VAL A 26 6.19 -2.13 3.66
N ARG A 27 6.41 -0.82 3.82
CA ARG A 27 7.10 -0.30 4.99
C ARG A 27 6.47 1.02 5.44
N SER A 28 7.07 1.63 6.46
CA SER A 28 6.58 2.90 7.00
C SER A 28 7.60 4.00 6.74
N ALA A 29 7.11 5.19 6.40
CA ALA A 29 7.98 6.33 6.14
C ALA A 29 8.81 6.67 7.38
N MET A 30 8.16 6.70 8.53
CA MET A 30 8.83 7.01 9.78
C MET A 30 9.90 5.95 10.09
N ASN A 31 9.64 4.72 9.65
CA ASN A 31 10.56 3.62 9.87
C ASN A 31 10.64 2.73 8.63
N LEU A 32 11.12 3.29 7.53
CA LEU A 32 11.24 2.56 6.27
C LEU A 32 12.45 1.62 6.30
N ARG A 33 13.38 1.87 7.22
CA ARG A 33 14.57 1.05 7.35
C ARG A 33 14.23 -0.30 7.98
N ALA A 34 13.17 -0.34 8.78
CA ALA A 34 12.74 -1.56 9.43
C ALA A 34 11.24 -1.57 9.67
N ALA A 35 10.63 -2.75 9.56
CA ALA A 35 9.19 -2.90 9.76
C ALA A 35 8.83 -2.69 11.23
N LEU A 36 7.54 -2.74 11.54
CA LEU A 36 7.07 -2.56 12.89
C LEU A 36 7.04 -3.88 13.64
N THR A 37 6.15 -4.77 13.22
CA THR A 37 6.02 -6.10 13.83
C THR A 37 4.87 -6.87 13.20
N SER A 38 4.97 -8.20 13.24
CA SER A 38 3.94 -9.06 12.67
C SER A 38 2.54 -8.60 13.08
N PHE A 39 2.40 -8.22 14.35
CA PHE A 39 1.12 -7.75 14.86
C PHE A 39 0.80 -6.37 14.31
N GLN A 40 1.83 -5.56 14.11
CA GLN A 40 1.65 -4.21 13.59
C GLN A 40 1.21 -4.24 12.13
N VAL A 41 2.00 -4.87 11.28
CA VAL A 41 1.69 -4.96 9.86
C VAL A 41 0.31 -5.60 9.66
N ALA A 42 0.00 -6.58 10.50
CA ALA A 42 -1.29 -7.26 10.42
C ALA A 42 -2.43 -6.31 10.73
N GLN A 43 -2.24 -5.45 11.73
CA GLN A 43 -3.26 -4.48 12.12
C GLN A 43 -3.62 -3.59 10.93
N TYR A 44 -2.60 -3.14 10.21
CA TYR A 44 -2.81 -2.30 9.05
C TYR A 44 -3.48 -3.09 7.93
N ARG A 45 -3.12 -4.37 7.84
CA ARG A 45 -3.69 -5.26 6.83
C ARG A 45 -5.18 -5.44 7.07
N ASN A 46 -5.56 -5.62 8.33
CA ASN A 46 -6.96 -5.81 8.70
C ASN A 46 -7.81 -4.62 8.24
N ILE A 47 -7.21 -3.44 8.23
CA ILE A 47 -7.90 -2.23 7.80
C ILE A 47 -8.35 -2.36 6.34
N LEU A 48 -7.37 -2.51 5.46
CA LEU A 48 -7.66 -2.65 4.03
C LEU A 48 -8.48 -3.91 3.76
N ASN A 49 -8.00 -5.02 4.29
CA ASN A 49 -8.68 -6.31 4.12
C ASN A 49 -10.12 -6.23 4.62
N ALA A 50 -10.36 -5.38 5.62
CA ALA A 50 -11.69 -5.22 6.18
C ALA A 50 -12.63 -4.53 5.19
N SER A 51 -12.05 -3.71 4.33
CA SER A 51 -12.83 -2.97 3.33
C SER A 51 -13.36 -3.92 2.26
N LEU A 52 -12.59 -4.96 1.95
CA LEU A 52 -12.97 -5.92 0.92
C LEU A 52 -14.20 -6.74 1.33
N GLN A 53 -14.11 -7.41 2.48
CA GLN A 53 -15.20 -8.24 2.98
C GLN A 53 -16.52 -7.48 3.03
N VAL A 54 -16.44 -6.16 3.11
CA VAL A 54 -17.64 -5.33 3.17
C VAL A 54 -18.03 -4.81 1.78
N ASP A 55 -17.58 -5.51 0.74
CA ASP A 55 -17.88 -5.13 -0.62
C ASP A 55 -18.94 -6.05 -1.22
N ARG A 56 -19.90 -5.47 -1.94
CA ARG A 56 -20.97 -6.23 -2.57
C ARG A 56 -20.40 -7.28 -3.53
N ASP A 57 -19.37 -6.88 -4.28
CA ASP A 57 -18.74 -7.78 -5.24
C ASP A 57 -17.77 -8.73 -4.54
N ALA A 58 -18.28 -9.87 -4.11
CA ALA A 58 -17.46 -10.86 -3.42
C ALA A 58 -16.30 -11.33 -4.31
N ALA A 59 -16.59 -11.50 -5.60
CA ALA A 59 -15.59 -11.95 -6.55
C ALA A 59 -14.43 -10.96 -6.64
N ARG A 60 -14.76 -9.68 -6.74
CA ARG A 60 -13.75 -8.63 -6.82
C ARG A 60 -12.89 -8.60 -5.57
N SER A 61 -13.54 -8.50 -4.40
CA SER A 61 -12.84 -8.46 -3.13
C SER A 61 -11.95 -9.69 -2.96
N ARG A 62 -12.44 -10.83 -3.44
CA ARG A 62 -11.71 -12.09 -3.34
C ARG A 62 -10.32 -11.98 -3.95
N ARG A 63 -10.20 -11.23 -5.05
CA ARG A 63 -8.92 -11.07 -5.72
C ARG A 63 -7.95 -10.24 -4.87
N LEU A 64 -8.48 -9.24 -4.17
CA LEU A 64 -7.65 -8.39 -3.32
C LEU A 64 -7.18 -9.16 -2.10
N MET A 65 -8.09 -9.93 -1.50
CA MET A 65 -7.78 -10.71 -0.32
C MET A 65 -6.59 -11.65 -0.58
N ALA A 66 -6.46 -12.10 -1.82
CA ALA A 66 -5.37 -12.98 -2.19
C ALA A 66 -4.09 -12.18 -2.40
N LYS A 67 -4.25 -10.96 -2.89
CA LYS A 67 -3.12 -10.08 -3.13
C LYS A 67 -2.55 -9.59 -1.80
N LEU A 68 -3.42 -9.48 -0.80
CA LEU A 68 -3.02 -9.03 0.52
C LEU A 68 -2.30 -10.16 1.27
N ALA A 69 -2.60 -11.40 0.89
CA ALA A 69 -1.99 -12.56 1.50
C ALA A 69 -0.46 -12.49 1.42
N ASP A 70 0.04 -11.73 0.47
CA ASP A 70 1.49 -11.59 0.28
C ASP A 70 1.97 -10.21 0.74
N PHE A 71 1.15 -9.51 1.52
CA PHE A 71 1.50 -8.18 2.01
C PHE A 71 2.67 -8.26 3.00
N ALA A 72 3.59 -7.31 2.87
CA ALA A 72 4.75 -7.25 3.75
C ALA A 72 5.60 -8.52 3.65
N VAL A 73 5.78 -9.00 2.43
CA VAL A 73 6.58 -10.21 2.21
C VAL A 73 7.92 -9.86 1.58
N GLU A 74 8.91 -10.73 1.79
CA GLU A 74 10.24 -10.51 1.25
C GLU A 74 10.26 -10.69 -0.27
N GLN A 75 10.02 -9.60 -0.99
CA GLN A 75 10.00 -9.64 -2.44
C GLN A 75 10.96 -8.60 -3.02
N GLU A 76 11.67 -8.99 -4.07
CA GLU A 76 12.63 -8.09 -4.71
C GLU A 76 11.92 -6.94 -5.43
N VAL A 77 12.48 -5.75 -5.30
CA VAL A 77 11.90 -4.57 -5.94
C VAL A 77 12.63 -4.26 -7.24
N THR A 78 11.96 -3.52 -8.12
CA THR A 78 12.55 -3.17 -9.41
C THR A 78 11.99 -1.85 -9.92
N ALA A 79 12.73 -1.21 -10.82
CA ALA A 79 12.30 0.05 -11.40
C ALA A 79 11.00 -0.15 -12.16
N GLY A 80 10.15 0.86 -12.14
CA GLY A 80 8.87 0.77 -12.82
C GLY A 80 7.79 0.34 -11.85
N ASP A 81 8.17 -0.46 -10.86
CA ASP A 81 7.23 -0.92 -9.85
C ASP A 81 6.93 0.20 -8.87
N ARG A 82 6.49 -0.14 -7.67
CA ARG A 82 6.18 0.89 -6.67
C ARG A 82 6.23 0.33 -5.25
N VAL A 83 6.46 1.23 -4.30
CA VAL A 83 6.52 0.86 -2.88
C VAL A 83 5.43 1.57 -2.10
N VAL A 84 4.65 0.80 -1.35
CA VAL A 84 3.57 1.35 -0.55
C VAL A 84 4.02 1.63 0.87
N VAL A 85 4.05 2.91 1.24
CA VAL A 85 4.48 3.32 2.58
C VAL A 85 3.28 3.47 3.51
N ILE A 86 3.21 2.62 4.53
CA ILE A 86 2.10 2.66 5.49
C ILE A 86 1.95 4.04 6.12
N ASP A 87 3.02 4.82 6.14
CA ASP A 87 2.98 6.16 6.71
C ASP A 87 2.69 7.17 5.60
N GLY A 88 3.38 7.00 4.47
CA GLY A 88 3.16 7.88 3.34
C GLY A 88 4.45 8.34 2.69
N LEU A 89 4.36 9.32 1.81
CA LEU A 89 5.52 9.88 1.11
C LEU A 89 5.10 11.03 0.20
N ASP A 90 6.03 11.93 -0.08
CA ASP A 90 5.74 13.07 -0.94
C ASP A 90 7.01 13.68 -1.51
N ARG A 91 7.97 12.83 -1.87
CA ARG A 91 9.23 13.30 -2.44
C ARG A 91 10.14 12.12 -2.80
N MET A 92 11.03 12.35 -3.75
CA MET A 92 11.96 11.32 -4.19
C MET A 92 12.79 10.80 -3.01
N ALA A 93 12.61 9.53 -2.67
CA ALA A 93 13.33 8.93 -1.56
C ALA A 93 14.10 7.70 -1.99
N HIS A 94 15.42 7.71 -1.75
CA HIS A 94 16.27 6.59 -2.11
C HIS A 94 15.81 5.31 -1.43
N PHE A 95 15.97 4.19 -2.12
CA PHE A 95 15.56 2.89 -1.60
C PHE A 95 16.72 1.90 -1.60
N LYS A 96 17.68 2.08 -2.50
CA LYS A 96 18.83 1.19 -2.59
C LYS A 96 19.78 1.62 -3.70
N ASP A 97 21.07 1.60 -3.42
CA ASP A 97 22.09 1.99 -4.41
C ASP A 97 21.75 3.34 -5.03
N ASP A 98 20.97 3.33 -6.11
CA ASP A 98 20.58 4.55 -6.77
C ASP A 98 19.08 4.58 -7.08
N LEU A 99 18.41 3.45 -6.89
CA LEU A 99 16.98 3.39 -7.14
C LEU A 99 16.21 4.09 -6.02
N VAL A 100 15.46 5.12 -6.38
CA VAL A 100 14.69 5.87 -5.40
C VAL A 100 13.20 5.65 -5.58
N LEU A 101 12.41 6.33 -4.74
CA LEU A 101 10.97 6.23 -4.80
C LEU A 101 10.36 7.62 -4.98
N VAL A 102 9.56 7.78 -6.03
CA VAL A 102 8.93 9.06 -6.31
C VAL A 102 7.45 9.03 -5.95
N PRO A 103 6.94 10.10 -5.30
CA PRO A 103 5.53 10.21 -4.92
C PRO A 103 4.61 9.85 -6.09
N LEU A 104 3.74 8.86 -5.87
CA LEU A 104 2.82 8.44 -6.93
C LEU A 104 1.36 8.56 -6.50
N THR A 105 1.01 7.99 -5.35
CA THR A 105 -0.36 8.05 -4.86
C THR A 105 -0.45 7.89 -3.35
N THR A 106 -1.12 8.84 -2.70
CA THR A 106 -1.29 8.81 -1.26
C THR A 106 -2.77 8.73 -0.89
N LYS A 107 -3.15 7.66 -0.21
CA LYS A 107 -4.54 7.46 0.20
C LYS A 107 -4.63 7.08 1.67
N VAL A 108 -5.46 7.81 2.41
CA VAL A 108 -5.64 7.54 3.83
C VAL A 108 -6.95 6.81 4.09
N VAL A 109 -6.91 5.84 5.01
CA VAL A 109 -8.10 5.07 5.34
C VAL A 109 -8.17 4.81 6.85
N GLY A 110 -9.31 5.18 7.45
CA GLY A 110 -9.49 4.98 8.87
C GLY A 110 -8.65 5.94 9.69
N GLY A 111 -7.37 5.60 9.86
CA GLY A 111 -6.48 6.45 10.62
C GLY A 111 -5.03 6.27 10.23
N SER A 112 -4.80 5.90 8.98
CA SER A 112 -3.45 5.70 8.47
C SER A 112 -3.35 6.03 6.99
N ARG A 113 -2.25 6.64 6.60
CA ARG A 113 -2.03 7.03 5.21
C ARG A 113 -1.45 5.87 4.41
N CYS A 114 -1.59 5.96 3.09
CA CYS A 114 -1.07 4.92 2.20
C CYS A 114 -0.47 5.55 0.95
N THR A 115 0.83 5.86 1.00
CA THR A 115 1.50 6.45 -0.15
C THR A 115 2.21 5.39 -0.99
N ILE A 116 2.18 5.58 -2.30
CA ILE A 116 2.83 4.66 -3.22
C ILE A 116 3.79 5.45 -4.11
N CYS A 117 4.99 4.92 -4.30
CA CYS A 117 5.99 5.63 -5.10
C CYS A 117 6.66 4.72 -6.12
N ASP A 118 6.80 5.24 -7.34
CA ASP A 118 7.44 4.49 -8.42
C ASP A 118 8.94 4.38 -8.14
N VAL A 119 9.52 3.24 -8.46
CA VAL A 119 10.94 3.03 -8.23
C VAL A 119 11.74 3.44 -9.47
N VAL A 120 12.59 4.45 -9.32
CA VAL A 120 13.38 4.94 -10.42
C VAL A 120 14.82 5.26 -9.99
N LYS A 121 15.76 5.12 -10.92
CA LYS A 121 17.16 5.40 -10.62
C LYS A 121 17.42 6.89 -10.53
N GLU A 122 18.22 7.29 -9.55
CA GLU A 122 18.55 8.69 -9.34
C GLU A 122 19.19 9.29 -10.59
N GLU A 123 18.81 10.52 -10.92
CA GLU A 123 19.35 11.21 -12.09
C GLU A 123 19.05 10.42 -13.36
N GLY A 1 -19.83 1.81 7.90
CA GLY A 1 -18.67 2.59 7.40
C GLY A 1 -18.62 3.99 7.98
N LEU A 2 -17.54 4.71 7.70
CA LEU A 2 -17.38 6.08 8.20
C LEU A 2 -17.16 7.05 7.04
N THR A 3 -16.83 8.31 7.38
CA THR A 3 -16.61 9.35 6.38
C THR A 3 -15.81 8.83 5.19
N ALA A 4 -14.59 8.35 5.46
CA ALA A 4 -13.73 7.83 4.41
C ALA A 4 -14.45 6.77 3.57
N THR A 5 -15.45 6.13 4.16
CA THR A 5 -16.22 5.11 3.48
C THR A 5 -17.39 5.73 2.71
N LEU A 6 -17.91 6.82 3.24
CA LEU A 6 -19.03 7.52 2.61
C LEU A 6 -20.27 6.63 2.52
N ALA A 7 -20.29 5.73 1.55
CA ALA A 7 -21.40 4.81 1.38
C ALA A 7 -21.14 3.83 0.24
N ALA A 8 -20.54 4.33 -0.83
CA ALA A 8 -20.22 3.50 -1.98
C ALA A 8 -18.92 3.95 -2.64
N LEU A 9 -17.80 3.46 -2.13
CA LEU A 9 -16.49 3.82 -2.65
C LEU A 9 -16.38 3.46 -4.14
N THR A 10 -15.76 4.35 -4.91
CA THR A 10 -15.60 4.13 -6.34
C THR A 10 -14.52 3.08 -6.61
N ASP A 11 -14.30 2.78 -7.88
CA ASP A 11 -13.29 1.81 -8.27
C ASP A 11 -11.88 2.27 -7.87
N ASP A 12 -11.71 3.59 -7.75
CA ASP A 12 -10.42 4.15 -7.38
C ASP A 12 -9.95 3.60 -6.03
N ASP A 13 -10.88 3.51 -5.08
CA ASP A 13 -10.55 3.00 -3.76
C ASP A 13 -10.01 1.58 -3.83
N PHE A 14 -10.74 0.72 -4.55
CA PHE A 14 -10.34 -0.68 -4.72
C PHE A 14 -9.15 -0.79 -5.66
N GLN A 15 -9.03 0.17 -6.58
CA GLN A 15 -7.92 0.18 -7.52
C GLN A 15 -6.65 0.65 -6.84
N PHE A 16 -6.80 1.50 -5.84
CA PHE A 16 -5.67 2.01 -5.09
C PHE A 16 -5.05 0.92 -4.23
N LEU A 17 -5.89 0.29 -3.41
CA LEU A 17 -5.44 -0.79 -2.54
C LEU A 17 -5.03 -2.01 -3.35
N SER A 18 -5.75 -2.26 -4.44
CA SER A 18 -5.46 -3.40 -5.30
C SER A 18 -4.05 -3.26 -5.86
N ASP A 19 -3.68 -2.04 -6.22
CA ASP A 19 -2.35 -1.76 -6.74
C ASP A 19 -1.32 -1.73 -5.61
N VAL A 20 -1.79 -1.48 -4.39
CA VAL A 20 -0.91 -1.44 -3.24
C VAL A 20 -0.33 -2.83 -2.98
N LEU A 21 -1.20 -3.84 -2.97
CA LEU A 21 -0.77 -5.21 -2.76
C LEU A 21 0.18 -5.64 -3.87
N ASP A 22 0.13 -4.92 -5.00
CA ASP A 22 0.98 -5.22 -6.15
C ASP A 22 2.39 -4.68 -5.94
N CYS A 23 2.53 -3.67 -5.09
CA CYS A 23 3.84 -3.07 -4.81
C CYS A 23 4.90 -4.13 -4.59
N ARG A 24 6.16 -3.76 -4.74
CA ARG A 24 7.26 -4.69 -4.56
C ARG A 24 7.76 -4.72 -3.11
N ALA A 25 7.10 -3.96 -2.23
CA ALA A 25 7.49 -3.92 -0.82
C ALA A 25 6.56 -3.01 -0.02
N VAL A 26 6.25 -3.44 1.20
CA VAL A 26 5.39 -2.67 2.08
C VAL A 26 6.13 -2.27 3.35
N ARG A 27 6.48 -1.00 3.46
CA ARG A 27 7.21 -0.51 4.63
C ARG A 27 6.71 0.87 5.04
N SER A 28 7.36 1.45 6.05
CA SER A 28 6.99 2.78 6.54
C SER A 28 8.09 3.79 6.21
N ALA A 29 7.68 5.03 5.92
CA ALA A 29 8.65 6.07 5.61
C ALA A 29 9.46 6.43 6.85
N MET A 30 8.80 6.46 7.99
CA MET A 30 9.46 6.78 9.25
C MET A 30 10.54 5.75 9.56
N ASN A 31 10.33 4.53 9.08
CA ASN A 31 11.28 3.43 9.29
C ASN A 31 11.12 2.38 8.21
N LEU A 32 11.57 2.71 7.00
CA LEU A 32 11.47 1.80 5.87
C LEU A 32 12.54 0.70 5.95
N ARG A 33 13.57 0.92 6.75
CA ARG A 33 14.65 -0.04 6.89
C ARG A 33 14.36 -1.04 8.01
N ALA A 34 13.12 -1.06 8.50
CA ALA A 34 12.74 -1.98 9.57
C ALA A 34 11.22 -2.05 9.72
N ALA A 35 10.73 -3.26 9.97
CA ALA A 35 9.30 -3.49 10.13
C ALA A 35 8.87 -3.23 11.58
N LEU A 36 7.58 -3.34 11.84
CA LEU A 36 7.06 -3.11 13.19
C LEU A 36 6.89 -4.42 13.95
N THR A 37 5.95 -5.25 13.49
CA THR A 37 5.69 -6.53 14.12
C THR A 37 4.46 -7.19 13.51
N SER A 38 4.35 -8.52 13.70
CA SER A 38 3.22 -9.27 13.16
C SER A 38 1.89 -8.59 13.47
N PHE A 39 1.69 -8.24 14.73
CA PHE A 39 0.46 -7.58 15.16
C PHE A 39 0.35 -6.21 14.52
N GLN A 40 1.49 -5.55 14.33
CA GLN A 40 1.50 -4.21 13.74
C GLN A 40 1.09 -4.28 12.27
N VAL A 41 1.83 -5.05 11.48
CA VAL A 41 1.53 -5.21 10.07
C VAL A 41 0.11 -5.71 9.87
N ALA A 42 -0.34 -6.57 10.77
CA ALA A 42 -1.69 -7.12 10.69
C ALA A 42 -2.73 -6.03 10.90
N GLN A 43 -2.44 -5.09 11.80
CA GLN A 43 -3.35 -3.99 12.08
C GLN A 43 -3.63 -3.20 10.81
N TYR A 44 -2.56 -2.86 10.09
CA TYR A 44 -2.68 -2.12 8.84
C TYR A 44 -3.45 -2.95 7.82
N ARG A 45 -3.28 -4.27 7.89
CA ARG A 45 -3.95 -5.18 6.97
C ARG A 45 -5.46 -5.16 7.20
N ASN A 46 -5.85 -5.23 8.47
CA ASN A 46 -7.26 -5.23 8.84
C ASN A 46 -7.96 -3.98 8.31
N ILE A 47 -7.23 -2.86 8.30
CA ILE A 47 -7.79 -1.60 7.81
C ILE A 47 -8.26 -1.75 6.36
N LEU A 48 -7.33 -2.08 5.47
CA LEU A 48 -7.66 -2.25 4.06
C LEU A 48 -8.57 -3.46 3.89
N ASN A 49 -8.30 -4.51 4.65
CA ASN A 49 -9.10 -5.73 4.59
C ASN A 49 -10.56 -5.42 4.93
N ALA A 50 -10.76 -4.72 6.03
CA ALA A 50 -12.10 -4.32 6.46
C ALA A 50 -12.83 -3.58 5.35
N SER A 51 -12.07 -2.92 4.49
CA SER A 51 -12.63 -2.17 3.38
C SER A 51 -13.20 -3.10 2.31
N LEU A 52 -12.58 -4.27 2.17
CA LEU A 52 -13.02 -5.26 1.17
C LEU A 52 -14.29 -5.95 1.63
N GLN A 53 -14.51 -5.96 2.94
CA GLN A 53 -15.67 -6.59 3.54
C GLN A 53 -16.95 -6.28 2.79
N VAL A 54 -17.29 -5.00 2.77
CA VAL A 54 -18.51 -4.55 2.13
C VAL A 54 -18.55 -4.92 0.65
N ASP A 55 -17.37 -5.13 0.06
CA ASP A 55 -17.28 -5.48 -1.36
C ASP A 55 -18.25 -6.60 -1.71
N ARG A 56 -19.32 -6.23 -2.43
CA ARG A 56 -20.33 -7.20 -2.85
C ARG A 56 -19.75 -8.22 -3.82
N ASP A 57 -19.08 -7.72 -4.87
CA ASP A 57 -18.50 -8.59 -5.88
C ASP A 57 -17.46 -9.53 -5.25
N ALA A 58 -17.89 -10.76 -4.99
CA ALA A 58 -17.01 -11.76 -4.39
C ALA A 58 -15.79 -12.03 -5.29
N ALA A 59 -16.00 -11.95 -6.60
CA ALA A 59 -14.92 -12.17 -7.56
C ALA A 59 -13.79 -11.18 -7.35
N ARG A 60 -14.14 -9.90 -7.21
CA ARG A 60 -13.14 -8.86 -7.00
C ARG A 60 -12.61 -8.87 -5.58
N SER A 61 -13.52 -9.06 -4.62
CA SER A 61 -13.14 -9.09 -3.21
C SER A 61 -12.12 -10.19 -2.93
N ARG A 62 -12.47 -11.42 -3.28
CA ARG A 62 -11.57 -12.56 -3.07
C ARG A 62 -10.19 -12.31 -3.65
N ARG A 63 -10.15 -11.58 -4.76
CA ARG A 63 -8.88 -11.26 -5.41
C ARG A 63 -7.99 -10.42 -4.50
N LEU A 64 -8.54 -9.32 -3.99
CA LEU A 64 -7.79 -8.44 -3.11
C LEU A 64 -7.56 -9.11 -1.76
N MET A 65 -8.61 -9.71 -1.22
CA MET A 65 -8.53 -10.39 0.06
C MET A 65 -7.40 -11.42 0.07
N ALA A 66 -7.12 -11.99 -1.10
CA ALA A 66 -6.06 -12.98 -1.22
C ALA A 66 -4.70 -12.29 -1.33
N LYS A 67 -4.70 -11.13 -1.97
CA LYS A 67 -3.48 -10.35 -2.14
C LYS A 67 -3.01 -9.82 -0.79
N LEU A 68 -3.97 -9.57 0.11
CA LEU A 68 -3.67 -9.07 1.43
C LEU A 68 -3.16 -10.19 2.34
N ALA A 69 -3.58 -11.41 2.04
CA ALA A 69 -3.17 -12.57 2.82
C ALA A 69 -1.65 -12.70 2.84
N ASP A 70 -1.01 -12.28 1.76
CA ASP A 70 0.44 -12.34 1.66
C ASP A 70 1.06 -10.95 1.73
N PHE A 71 0.28 -9.98 2.22
CA PHE A 71 0.76 -8.60 2.35
C PHE A 71 2.07 -8.54 3.15
N ALA A 72 2.90 -7.56 2.81
CA ALA A 72 4.18 -7.38 3.49
C ALA A 72 5.10 -8.57 3.28
N VAL A 73 5.36 -8.90 2.02
CA VAL A 73 6.23 -10.02 1.68
C VAL A 73 7.58 -9.53 1.15
N GLU A 74 8.60 -10.37 1.29
CA GLU A 74 9.93 -10.02 0.82
C GLU A 74 10.04 -10.12 -0.69
N GLN A 75 9.82 -8.99 -1.38
CA GLN A 75 9.87 -8.96 -2.83
C GLN A 75 10.91 -7.95 -3.31
N GLU A 76 11.66 -8.33 -4.35
CA GLU A 76 12.69 -7.45 -4.90
C GLU A 76 12.06 -6.31 -5.68
N VAL A 77 12.36 -5.08 -5.27
CA VAL A 77 11.82 -3.90 -5.95
C VAL A 77 12.64 -3.57 -7.18
N THR A 78 12.00 -2.92 -8.14
CA THR A 78 12.67 -2.56 -9.38
C THR A 78 12.01 -1.34 -10.03
N ALA A 79 12.71 -0.74 -11.00
CA ALA A 79 12.17 0.40 -11.70
C ALA A 79 10.92 0.01 -12.47
N GLY A 80 9.99 0.93 -12.59
CA GLY A 80 8.75 0.64 -13.27
C GLY A 80 7.69 0.19 -12.29
N ASP A 81 8.13 -0.47 -11.22
CA ASP A 81 7.23 -0.94 -10.18
C ASP A 81 6.95 0.19 -9.20
N ARG A 82 6.54 -0.14 -7.98
CA ARG A 82 6.25 0.88 -6.98
C ARG A 82 6.35 0.33 -5.57
N VAL A 83 6.56 1.24 -4.61
CA VAL A 83 6.67 0.87 -3.21
C VAL A 83 5.61 1.58 -2.39
N VAL A 84 4.82 0.82 -1.64
CA VAL A 84 3.76 1.40 -0.82
C VAL A 84 4.25 1.67 0.60
N VAL A 85 4.31 2.95 0.95
CA VAL A 85 4.76 3.36 2.27
C VAL A 85 3.59 3.52 3.23
N ILE A 86 3.55 2.69 4.28
CA ILE A 86 2.47 2.74 5.26
C ILE A 86 2.37 4.10 5.94
N ASP A 87 3.43 4.89 5.86
CA ASP A 87 3.44 6.22 6.45
C ASP A 87 3.13 7.25 5.38
N GLY A 88 3.75 7.09 4.22
CA GLY A 88 3.52 8.00 3.12
C GLY A 88 4.81 8.41 2.42
N LEU A 89 4.70 9.30 1.44
CA LEU A 89 5.87 9.77 0.71
C LEU A 89 5.47 10.83 -0.32
N ASP A 90 5.80 12.08 -0.05
CA ASP A 90 5.47 13.17 -0.95
C ASP A 90 6.73 13.84 -1.50
N ARG A 91 7.71 13.03 -1.88
CA ARG A 91 8.96 13.56 -2.43
C ARG A 91 9.90 12.44 -2.87
N MET A 92 10.78 12.76 -3.82
CA MET A 92 11.75 11.79 -4.33
C MET A 92 12.64 11.30 -3.20
N ALA A 93 12.66 9.98 -2.99
CA ALA A 93 13.48 9.41 -1.94
C ALA A 93 14.22 8.15 -2.40
N HIS A 94 15.54 8.15 -2.21
CA HIS A 94 16.36 7.02 -2.61
C HIS A 94 15.95 5.76 -1.88
N PHE A 95 16.19 4.62 -2.51
CA PHE A 95 15.83 3.34 -1.93
C PHE A 95 17.01 2.36 -1.94
N LYS A 96 17.88 2.48 -2.95
CA LYS A 96 19.04 1.58 -3.04
C LYS A 96 19.89 1.89 -4.29
N ASP A 97 21.17 1.52 -4.22
CA ASP A 97 22.10 1.73 -5.33
C ASP A 97 21.94 3.13 -5.93
N ASP A 98 21.04 3.26 -6.90
CA ASP A 98 20.80 4.55 -7.54
C ASP A 98 19.33 4.68 -7.95
N LEU A 99 18.46 3.92 -7.29
CA LEU A 99 17.04 3.96 -7.57
C LEU A 99 16.29 4.66 -6.44
N VAL A 100 15.45 5.62 -6.80
CA VAL A 100 14.68 6.37 -5.81
C VAL A 100 13.20 6.11 -5.92
N LEU A 101 12.45 6.72 -5.01
CA LEU A 101 11.00 6.59 -4.99
C LEU A 101 10.36 7.97 -5.12
N VAL A 102 9.51 8.14 -6.11
CA VAL A 102 8.84 9.42 -6.34
C VAL A 102 7.35 9.32 -6.02
N PRO A 103 6.78 10.35 -5.35
CA PRO A 103 5.37 10.36 -4.99
C PRO A 103 4.48 9.99 -6.17
N LEU A 104 3.66 8.96 -5.98
CA LEU A 104 2.76 8.50 -7.03
C LEU A 104 1.30 8.57 -6.58
N THR A 105 1.01 7.99 -5.42
CA THR A 105 -0.36 8.01 -4.91
C THR A 105 -0.38 7.95 -3.38
N THR A 106 -1.03 8.94 -2.77
CA THR A 106 -1.14 9.03 -1.33
C THR A 106 -2.61 8.99 -0.91
N LYS A 107 -3.04 7.85 -0.36
CA LYS A 107 -4.42 7.69 0.09
C LYS A 107 -4.47 7.22 1.54
N VAL A 108 -5.39 7.79 2.29
CA VAL A 108 -5.55 7.44 3.71
C VAL A 108 -6.74 6.51 3.90
N VAL A 109 -6.48 5.35 4.51
CA VAL A 109 -7.53 4.37 4.75
C VAL A 109 -7.70 4.10 6.25
N GLY A 110 -8.92 4.28 6.74
CA GLY A 110 -9.17 4.07 8.15
C GLY A 110 -8.54 5.12 9.04
N GLY A 111 -7.22 5.16 9.06
CA GLY A 111 -6.51 6.13 9.88
C GLY A 111 -5.01 6.05 9.71
N SER A 112 -4.56 5.85 8.47
CA SER A 112 -3.14 5.75 8.18
C SER A 112 -2.83 6.36 6.82
N ARG A 113 -1.61 6.90 6.69
CA ARG A 113 -1.17 7.52 5.43
C ARG A 113 -0.46 6.51 4.55
N CYS A 114 -1.10 6.13 3.45
CA CYS A 114 -0.51 5.16 2.53
C CYS A 114 -0.12 5.83 1.21
N THR A 115 1.19 5.97 0.99
CA THR A 115 1.70 6.57 -0.24
C THR A 115 2.40 5.53 -1.10
N ILE A 116 2.25 5.67 -2.41
CA ILE A 116 2.88 4.77 -3.35
C ILE A 116 3.81 5.55 -4.28
N CYS A 117 5.01 5.05 -4.50
CA CYS A 117 5.98 5.77 -5.33
C CYS A 117 6.58 4.89 -6.42
N ASP A 118 6.77 5.48 -7.59
CA ASP A 118 7.37 4.79 -8.71
C ASP A 118 8.88 4.73 -8.54
N VAL A 119 9.47 3.56 -8.73
CA VAL A 119 10.89 3.39 -8.56
C VAL A 119 11.63 3.86 -9.82
N VAL A 120 12.41 4.93 -9.67
CA VAL A 120 13.14 5.49 -10.80
C VAL A 120 14.61 5.72 -10.43
N LYS A 121 15.49 5.52 -11.42
CA LYS A 121 16.91 5.71 -11.21
C LYS A 121 17.27 7.19 -11.14
N GLU A 122 18.25 7.52 -10.30
CA GLU A 122 18.67 8.91 -10.14
C GLU A 122 19.93 9.18 -10.95
N GLU A 123 19.81 10.08 -11.93
CA GLU A 123 20.94 10.43 -12.79
C GLU A 123 20.84 11.87 -13.26
N GLY A 1 -17.19 0.49 9.25
CA GLY A 1 -16.71 1.72 8.56
C GLY A 1 -17.72 2.85 8.61
N LEU A 2 -17.23 4.07 8.81
CA LEU A 2 -18.10 5.24 8.87
C LEU A 2 -17.63 6.32 7.90
N THR A 3 -16.61 7.08 8.32
CA THR A 3 -16.06 8.13 7.48
C THR A 3 -14.97 7.57 6.58
N ALA A 4 -14.23 6.59 7.10
CA ALA A 4 -13.16 5.96 6.35
C ALA A 4 -13.72 5.08 5.23
N THR A 5 -14.95 4.61 5.42
CA THR A 5 -15.61 3.76 4.43
C THR A 5 -16.75 4.51 3.75
N LEU A 6 -17.38 5.41 4.49
CA LEU A 6 -18.49 6.20 3.95
C LEU A 6 -19.66 5.29 3.56
N ALA A 7 -19.67 4.08 4.10
CA ALA A 7 -20.74 3.11 3.80
C ALA A 7 -20.76 2.75 2.32
N ALA A 8 -19.69 3.07 1.61
CA ALA A 8 -19.60 2.78 0.18
C ALA A 8 -18.41 3.49 -0.46
N LEU A 9 -17.30 2.78 -0.63
CA LEU A 9 -16.11 3.35 -1.22
C LEU A 9 -16.16 3.28 -2.74
N THR A 10 -15.71 4.34 -3.39
CA THR A 10 -15.70 4.40 -4.85
C THR A 10 -14.70 3.42 -5.43
N ASP A 11 -14.81 3.16 -6.74
CA ASP A 11 -13.91 2.23 -7.41
C ASP A 11 -12.45 2.65 -7.23
N ASP A 12 -12.23 3.95 -7.09
CA ASP A 12 -10.89 4.48 -6.90
C ASP A 12 -10.24 3.91 -5.63
N ASP A 13 -11.05 3.77 -4.59
CA ASP A 13 -10.56 3.24 -3.31
C ASP A 13 -10.06 1.81 -3.48
N PHE A 14 -10.91 0.97 -4.08
CA PHE A 14 -10.55 -0.43 -4.32
C PHE A 14 -9.48 -0.55 -5.40
N GLN A 15 -9.44 0.42 -6.31
CA GLN A 15 -8.45 0.42 -7.36
C GLN A 15 -7.09 0.75 -6.79
N PHE A 16 -7.08 1.67 -5.83
CA PHE A 16 -5.85 2.07 -5.17
C PHE A 16 -5.21 0.87 -4.48
N LEU A 17 -6.06 0.00 -3.94
CA LEU A 17 -5.59 -1.20 -3.25
C LEU A 17 -4.91 -2.14 -4.22
N SER A 18 -5.43 -2.22 -5.44
CA SER A 18 -4.85 -3.08 -6.46
C SER A 18 -3.37 -2.75 -6.63
N ASP A 19 -3.06 -1.46 -6.53
CA ASP A 19 -1.69 -1.00 -6.65
C ASP A 19 -0.91 -1.23 -5.35
N VAL A 20 -1.49 -0.85 -4.22
CA VAL A 20 -0.83 -1.05 -2.93
C VAL A 20 -0.57 -2.52 -2.68
N LEU A 21 -1.49 -3.35 -3.15
CA LEU A 21 -1.36 -4.79 -3.00
C LEU A 21 -0.30 -5.31 -3.98
N ASP A 22 -0.11 -4.56 -5.07
CA ASP A 22 0.87 -4.92 -6.09
C ASP A 22 2.28 -4.52 -5.63
N CYS A 23 2.36 -3.50 -4.78
CA CYS A 23 3.64 -3.02 -4.28
C CYS A 23 4.50 -4.18 -3.79
N ARG A 24 5.81 -3.95 -3.73
CA ARG A 24 6.75 -4.97 -3.28
C ARG A 24 7.20 -4.71 -1.85
N ALA A 25 7.35 -3.44 -1.49
CA ALA A 25 7.76 -3.06 -0.15
C ALA A 25 6.68 -2.27 0.56
N VAL A 26 6.50 -2.55 1.85
CA VAL A 26 5.49 -1.86 2.64
C VAL A 26 6.02 -1.50 4.03
N ARG A 27 6.27 -0.22 4.24
CA ARG A 27 6.77 0.26 5.53
C ARG A 27 6.56 1.76 5.69
N SER A 28 6.25 2.16 6.93
CA SER A 28 6.03 3.57 7.23
C SER A 28 7.33 4.36 7.13
N ALA A 29 7.25 5.55 6.57
CA ALA A 29 8.41 6.41 6.42
C ALA A 29 9.13 6.60 7.76
N MET A 30 8.39 6.44 8.85
CA MET A 30 8.95 6.58 10.19
C MET A 30 10.21 5.73 10.35
N ASN A 31 10.31 4.66 9.58
CA ASN A 31 11.46 3.77 9.64
C ASN A 31 11.38 2.70 8.55
N LEU A 32 11.54 3.13 7.30
CA LEU A 32 11.49 2.22 6.16
C LEU A 32 12.61 1.18 6.21
N ARG A 33 13.64 1.46 7.01
CA ARG A 33 14.78 0.56 7.13
C ARG A 33 14.51 -0.57 8.13
N ALA A 34 13.26 -0.74 8.55
CA ALA A 34 12.92 -1.79 9.51
C ALA A 34 11.41 -2.03 9.57
N ALA A 35 11.03 -3.24 9.94
CA ALA A 35 9.62 -3.60 10.05
C ALA A 35 9.11 -3.32 11.46
N LEU A 36 7.81 -3.56 11.68
CA LEU A 36 7.22 -3.32 12.99
C LEU A 36 7.07 -4.62 13.76
N THR A 37 6.19 -5.49 13.27
CA THR A 37 5.97 -6.79 13.91
C THR A 37 4.76 -7.49 13.28
N SER A 38 4.75 -8.82 13.34
CA SER A 38 3.66 -9.62 12.79
C SER A 38 2.30 -9.04 13.17
N PHE A 39 2.19 -8.57 14.40
CA PHE A 39 0.94 -7.98 14.88
C PHE A 39 0.72 -6.60 14.25
N GLN A 40 1.81 -5.88 14.03
CA GLN A 40 1.74 -4.55 13.45
C GLN A 40 1.34 -4.61 11.97
N VAL A 41 2.09 -5.38 11.20
CA VAL A 41 1.82 -5.53 9.77
C VAL A 41 0.38 -6.03 9.54
N ALA A 42 -0.06 -6.94 10.40
CA ALA A 42 -1.40 -7.49 10.31
C ALA A 42 -2.46 -6.42 10.56
N GLN A 43 -2.16 -5.51 11.49
CA GLN A 43 -3.08 -4.42 11.81
C GLN A 43 -3.40 -3.61 10.56
N TYR A 44 -2.37 -3.10 9.92
CA TYR A 44 -2.53 -2.30 8.71
C TYR A 44 -3.19 -3.16 7.62
N ARG A 45 -2.85 -4.44 7.60
CA ARG A 45 -3.42 -5.36 6.64
C ARG A 45 -4.90 -5.58 6.90
N ASN A 46 -5.28 -5.58 8.17
CA ASN A 46 -6.67 -5.79 8.56
C ASN A 46 -7.53 -4.62 8.08
N ILE A 47 -6.99 -3.42 8.14
CA ILE A 47 -7.70 -2.22 7.71
C ILE A 47 -8.15 -2.35 6.25
N LEU A 48 -7.19 -2.56 5.36
CA LEU A 48 -7.49 -2.71 3.95
C LEU A 48 -8.35 -3.94 3.70
N ASN A 49 -7.96 -5.05 4.32
CA ASN A 49 -8.70 -6.30 4.17
C ASN A 49 -10.15 -6.12 4.60
N ALA A 50 -10.36 -5.25 5.58
CA ALA A 50 -11.70 -4.99 6.09
C ALA A 50 -12.56 -4.25 5.06
N SER A 51 -11.91 -3.49 4.19
CA SER A 51 -12.61 -2.74 3.16
C SER A 51 -13.18 -3.68 2.09
N LEU A 52 -12.46 -4.77 1.84
CA LEU A 52 -12.89 -5.74 0.83
C LEU A 52 -14.21 -6.41 1.20
N GLN A 53 -14.26 -7.01 2.38
CA GLN A 53 -15.47 -7.69 2.84
C GLN A 53 -16.69 -6.77 2.83
N VAL A 54 -16.44 -5.46 2.82
CA VAL A 54 -17.52 -4.49 2.79
C VAL A 54 -17.72 -3.92 1.38
N ASP A 55 -17.26 -4.66 0.39
CA ASP A 55 -17.39 -4.22 -1.00
C ASP A 55 -18.62 -4.84 -1.65
N ARG A 56 -19.05 -4.25 -2.76
CA ARG A 56 -20.22 -4.73 -3.49
C ARG A 56 -19.86 -5.92 -4.37
N ASP A 57 -18.62 -5.93 -4.87
CA ASP A 57 -18.15 -7.01 -5.73
C ASP A 57 -17.46 -8.09 -4.92
N ALA A 58 -18.19 -9.15 -4.60
CA ALA A 58 -17.63 -10.25 -3.82
C ALA A 58 -16.57 -11.00 -4.61
N ALA A 59 -16.79 -11.16 -5.91
CA ALA A 59 -15.85 -11.85 -6.78
C ALA A 59 -14.49 -11.15 -6.77
N ARG A 60 -14.51 -9.83 -6.94
CA ARG A 60 -13.27 -9.05 -6.96
C ARG A 60 -12.63 -9.03 -5.58
N SER A 61 -13.45 -9.07 -4.54
CA SER A 61 -12.96 -9.05 -3.17
C SER A 61 -12.01 -10.22 -2.91
N ARG A 62 -12.45 -11.41 -3.29
CA ARG A 62 -11.64 -12.62 -3.10
C ARG A 62 -10.25 -12.45 -3.71
N ARG A 63 -10.19 -11.72 -4.82
CA ARG A 63 -8.92 -11.49 -5.50
C ARG A 63 -8.00 -10.60 -4.67
N LEU A 64 -8.57 -9.56 -4.07
CA LEU A 64 -7.80 -8.64 -3.25
C LEU A 64 -7.35 -9.32 -1.96
N MET A 65 -8.27 -10.03 -1.31
CA MET A 65 -7.98 -10.72 -0.06
C MET A 65 -6.76 -11.62 -0.22
N ALA A 66 -6.59 -12.17 -1.42
CA ALA A 66 -5.45 -13.03 -1.70
C ALA A 66 -4.19 -12.18 -1.90
N LYS A 67 -4.39 -10.97 -2.40
CA LYS A 67 -3.28 -10.05 -2.64
C LYS A 67 -2.66 -9.59 -1.33
N LEU A 68 -3.49 -9.38 -0.32
CA LEU A 68 -3.00 -8.94 0.99
C LEU A 68 -2.35 -10.10 1.74
N ALA A 69 -2.72 -11.32 1.38
CA ALA A 69 -2.16 -12.51 2.02
C ALA A 69 -0.63 -12.48 1.95
N ASP A 70 -0.10 -11.77 0.95
CA ASP A 70 1.35 -11.66 0.77
C ASP A 70 1.82 -10.23 1.00
N PHE A 71 0.97 -9.43 1.65
CA PHE A 71 1.30 -8.03 1.93
C PHE A 71 2.55 -7.92 2.80
N ALA A 72 3.39 -6.93 2.50
CA ALA A 72 4.61 -6.71 3.26
C ALA A 72 5.46 -7.97 3.33
N VAL A 73 5.94 -8.43 2.17
CA VAL A 73 6.76 -9.63 2.10
C VAL A 73 8.23 -9.27 1.82
N GLU A 74 9.12 -10.17 2.23
CA GLU A 74 10.55 -9.96 2.01
C GLU A 74 10.92 -10.14 0.54
N GLN A 75 10.98 -9.03 -0.19
CA GLN A 75 11.31 -9.07 -1.61
C GLN A 75 11.97 -7.78 -2.05
N GLU A 76 12.75 -7.85 -3.13
CA GLU A 76 13.44 -6.67 -3.65
C GLU A 76 12.58 -5.93 -4.66
N VAL A 77 12.48 -4.62 -4.50
CA VAL A 77 11.69 -3.80 -5.42
C VAL A 77 12.48 -3.49 -6.68
N THR A 78 11.78 -3.12 -7.74
CA THR A 78 12.42 -2.82 -9.00
C THR A 78 11.73 -1.67 -9.72
N ALA A 79 12.42 -1.09 -10.70
CA ALA A 79 11.86 0.02 -11.46
C ALA A 79 10.61 -0.44 -12.19
N GLY A 80 9.65 0.48 -12.33
CA GLY A 80 8.40 0.14 -12.97
C GLY A 80 7.35 -0.26 -11.96
N ASP A 81 7.82 -0.87 -10.86
CA ASP A 81 6.93 -1.29 -9.79
C ASP A 81 6.61 -0.10 -8.88
N ARG A 82 6.20 -0.37 -7.65
CA ARG A 82 5.88 0.70 -6.71
C ARG A 82 6.11 0.27 -5.27
N VAL A 83 6.16 1.25 -4.38
CA VAL A 83 6.36 0.99 -2.96
C VAL A 83 5.39 1.80 -2.12
N VAL A 84 4.60 1.11 -1.30
CA VAL A 84 3.62 1.77 -0.45
C VAL A 84 4.17 2.02 0.95
N VAL A 85 4.35 3.28 1.30
CA VAL A 85 4.85 3.63 2.62
C VAL A 85 3.70 3.84 3.60
N ILE A 86 3.65 2.97 4.62
CA ILE A 86 2.59 3.01 5.63
C ILE A 86 2.39 4.40 6.22
N ASP A 87 3.38 5.28 6.06
CA ASP A 87 3.29 6.64 6.57
C ASP A 87 3.01 7.60 5.42
N GLY A 88 3.71 7.37 4.32
CA GLY A 88 3.54 8.19 3.14
C GLY A 88 4.87 8.57 2.52
N LEU A 89 4.84 9.43 1.52
CA LEU A 89 6.07 9.86 0.86
C LEU A 89 5.79 10.88 -0.23
N ASP A 90 6.12 12.13 0.04
CA ASP A 90 5.92 13.22 -0.92
C ASP A 90 7.26 13.76 -1.39
N ARG A 91 8.18 12.87 -1.70
CA ARG A 91 9.51 13.27 -2.16
C ARG A 91 10.30 12.08 -2.71
N MET A 92 11.18 12.34 -3.67
CA MET A 92 12.00 11.30 -4.27
C MET A 92 12.93 10.70 -3.23
N ALA A 93 12.72 9.42 -2.92
CA ALA A 93 13.54 8.74 -1.92
C ALA A 93 14.22 7.50 -2.48
N HIS A 94 15.54 7.44 -2.32
CA HIS A 94 16.32 6.31 -2.80
C HIS A 94 15.90 5.02 -2.10
N PHE A 95 15.96 3.92 -2.84
CA PHE A 95 15.58 2.62 -2.31
C PHE A 95 16.71 1.60 -2.43
N LYS A 96 17.60 1.80 -3.41
CA LYS A 96 18.73 0.89 -3.62
C LYS A 96 19.59 1.35 -4.78
N ASP A 97 20.90 1.18 -4.65
CA ASP A 97 21.84 1.58 -5.70
C ASP A 97 21.54 3.00 -6.20
N ASP A 98 20.70 3.10 -7.23
CA ASP A 98 20.32 4.40 -7.77
C ASP A 98 18.83 4.47 -8.04
N LEU A 99 18.08 3.43 -7.64
CA LEU A 99 16.65 3.41 -7.83
C LEU A 99 15.94 4.11 -6.68
N VAL A 100 15.19 5.16 -7.01
CA VAL A 100 14.48 5.92 -5.99
C VAL A 100 12.98 5.75 -6.10
N LEU A 101 12.27 6.31 -5.14
CA LEU A 101 10.82 6.25 -5.10
C LEU A 101 10.24 7.66 -5.23
N VAL A 102 9.39 7.86 -6.22
CA VAL A 102 8.78 9.17 -6.44
C VAL A 102 7.31 9.16 -6.04
N PRO A 103 6.85 10.20 -5.33
CA PRO A 103 5.45 10.31 -4.90
C PRO A 103 4.48 10.00 -6.04
N LEU A 104 3.61 9.03 -5.81
CA LEU A 104 2.65 8.63 -6.84
C LEU A 104 1.20 8.76 -6.35
N THR A 105 0.90 8.19 -5.18
CA THR A 105 -0.45 8.26 -4.64
C THR A 105 -0.46 8.20 -3.12
N THR A 106 -1.05 9.21 -2.50
CA THR A 106 -1.14 9.28 -1.05
C THR A 106 -2.59 9.18 -0.59
N LYS A 107 -2.92 8.08 0.07
CA LYS A 107 -4.29 7.88 0.57
C LYS A 107 -4.27 7.36 2.00
N VAL A 108 -5.30 7.70 2.76
CA VAL A 108 -5.41 7.27 4.16
C VAL A 108 -6.56 6.28 4.33
N VAL A 109 -6.29 5.19 5.06
CA VAL A 109 -7.30 4.18 5.30
C VAL A 109 -7.31 3.76 6.77
N GLY A 110 -8.46 3.89 7.41
CA GLY A 110 -8.59 3.52 8.81
C GLY A 110 -7.96 4.55 9.73
N GLY A 111 -6.65 4.74 9.59
CA GLY A 111 -5.95 5.70 10.43
C GLY A 111 -4.45 5.69 10.19
N SER A 112 -4.05 5.72 8.92
CA SER A 112 -2.64 5.72 8.57
C SER A 112 -2.44 6.16 7.11
N ARG A 113 -1.54 7.11 6.91
CA ARG A 113 -1.25 7.61 5.57
C ARG A 113 -0.46 6.59 4.76
N CYS A 114 -1.06 6.11 3.68
CA CYS A 114 -0.41 5.12 2.83
C CYS A 114 -0.14 5.68 1.44
N THR A 115 1.09 6.17 1.23
CA THR A 115 1.47 6.73 -0.06
C THR A 115 2.22 5.68 -0.88
N ILE A 116 2.12 5.81 -2.20
CA ILE A 116 2.80 4.90 -3.11
C ILE A 116 3.72 5.68 -4.04
N CYS A 117 4.88 5.12 -4.34
CA CYS A 117 5.84 5.81 -5.20
C CYS A 117 6.42 4.90 -6.28
N ASP A 118 6.56 5.46 -7.48
CA ASP A 118 7.12 4.72 -8.60
C ASP A 118 8.62 4.59 -8.42
N VAL A 119 9.14 3.39 -8.68
CA VAL A 119 10.57 3.14 -8.55
C VAL A 119 11.30 3.53 -9.83
N VAL A 120 12.13 4.56 -9.74
CA VAL A 120 12.86 5.04 -10.91
C VAL A 120 14.34 5.20 -10.62
N LYS A 121 15.18 4.92 -11.62
CA LYS A 121 16.62 5.04 -11.48
C LYS A 121 17.05 6.50 -11.48
N GLU A 122 18.17 6.77 -10.82
CA GLU A 122 18.70 8.13 -10.74
C GLU A 122 19.66 8.40 -11.89
N GLU A 123 19.66 9.65 -12.37
CA GLU A 123 20.52 10.05 -13.49
C GLU A 123 20.66 11.56 -13.54
N GLY A 1 -14.56 10.74 4.81
CA GLY A 1 -14.40 9.41 5.47
C GLY A 1 -13.69 8.41 4.58
N LEU A 2 -13.79 7.13 4.92
CA LEU A 2 -13.14 6.07 4.15
C LEU A 2 -14.16 5.06 3.65
N THR A 3 -13.68 3.90 3.20
CA THR A 3 -14.55 2.85 2.69
C THR A 3 -15.65 2.52 3.70
N ALA A 4 -15.24 2.23 4.93
CA ALA A 4 -16.19 1.90 6.00
C ALA A 4 -17.20 3.02 6.19
N THR A 5 -16.77 4.25 5.91
CA THR A 5 -17.62 5.42 6.05
C THR A 5 -18.65 5.48 4.93
N LEU A 6 -18.30 4.92 3.78
CA LEU A 6 -19.18 4.92 2.62
C LEU A 6 -19.52 6.34 2.18
N ALA A 7 -19.88 6.50 0.91
CA ALA A 7 -20.22 7.80 0.36
C ALA A 7 -19.05 8.78 0.51
N ALA A 8 -17.84 8.25 0.52
CA ALA A 8 -16.65 9.07 0.65
C ALA A 8 -15.69 8.86 -0.52
N LEU A 9 -15.53 7.60 -0.92
CA LEU A 9 -14.65 7.26 -2.03
C LEU A 9 -15.34 6.34 -3.03
N THR A 10 -14.98 6.48 -4.30
CA THR A 10 -15.58 5.66 -5.36
C THR A 10 -14.79 4.37 -5.54
N ASP A 11 -15.23 3.55 -6.49
CA ASP A 11 -14.57 2.27 -6.77
C ASP A 11 -13.07 2.47 -7.01
N ASP A 12 -12.69 3.67 -7.43
CA ASP A 12 -11.29 3.99 -7.69
C ASP A 12 -10.44 3.76 -6.45
N ASP A 13 -11.05 3.96 -5.27
CA ASP A 13 -10.35 3.77 -4.02
C ASP A 13 -9.97 2.31 -3.83
N PHE A 14 -10.87 1.41 -4.21
CA PHE A 14 -10.62 -0.02 -4.09
C PHE A 14 -9.57 -0.46 -5.10
N GLN A 15 -9.52 0.23 -6.23
CA GLN A 15 -8.55 -0.08 -7.28
C GLN A 15 -7.17 0.39 -6.84
N PHE A 16 -7.14 1.44 -6.04
CA PHE A 16 -5.89 1.98 -5.53
C PHE A 16 -5.19 0.96 -4.65
N LEU A 17 -5.94 0.38 -3.72
CA LEU A 17 -5.40 -0.62 -2.81
C LEU A 17 -4.92 -1.85 -3.59
N SER A 18 -5.62 -2.15 -4.68
CA SER A 18 -5.27 -3.30 -5.52
C SER A 18 -3.83 -3.16 -6.02
N ASP A 19 -3.43 -1.92 -6.25
CA ASP A 19 -2.08 -1.64 -6.73
C ASP A 19 -1.08 -1.78 -5.57
N VAL A 20 -1.56 -1.59 -4.36
CA VAL A 20 -0.70 -1.71 -3.17
C VAL A 20 -0.29 -3.16 -2.97
N LEU A 21 -1.27 -4.05 -3.03
CA LEU A 21 -0.99 -5.47 -2.88
C LEU A 21 -0.06 -5.93 -4.00
N ASP A 22 -0.10 -5.21 -5.11
CA ASP A 22 0.74 -5.51 -6.26
C ASP A 22 2.19 -5.15 -5.96
N CYS A 23 2.38 -4.16 -5.08
CA CYS A 23 3.72 -3.71 -4.70
C CYS A 23 4.57 -4.90 -4.26
N ARG A 24 5.87 -4.65 -4.05
CA ARG A 24 6.78 -5.70 -3.64
C ARG A 24 7.28 -5.49 -2.21
N ALA A 25 7.54 -4.22 -1.87
CA ALA A 25 8.02 -3.90 -0.53
C ALA A 25 7.03 -3.02 0.22
N VAL A 26 6.87 -3.30 1.51
CA VAL A 26 5.95 -2.54 2.35
C VAL A 26 6.67 -1.99 3.58
N ARG A 27 6.91 -0.68 3.58
CA ARG A 27 7.59 -0.03 4.69
C ARG A 27 6.90 1.28 5.06
N SER A 28 7.34 1.88 6.16
CA SER A 28 6.76 3.14 6.61
C SER A 28 7.74 4.29 6.43
N ALA A 29 7.22 5.46 6.09
CA ALA A 29 8.06 6.63 5.89
C ALA A 29 8.83 6.97 7.15
N MET A 30 8.17 6.82 8.29
CA MET A 30 8.80 7.10 9.58
C MET A 30 10.05 6.24 9.77
N ASN A 31 10.06 5.08 9.12
CA ASN A 31 11.19 4.17 9.21
C ASN A 31 11.22 3.23 8.01
N LEU A 32 11.50 3.79 6.84
CA LEU A 32 11.55 3.01 5.61
C LEU A 32 12.65 1.94 5.68
N ARG A 33 13.64 2.17 6.52
CA ARG A 33 14.75 1.23 6.67
C ARG A 33 14.51 0.28 7.85
N ALA A 34 13.29 0.28 8.38
CA ALA A 34 12.96 -0.59 9.51
C ALA A 34 11.45 -0.72 9.69
N ALA A 35 10.95 -1.95 9.58
CA ALA A 35 9.53 -2.21 9.73
C ALA A 35 9.12 -2.06 11.20
N LEU A 36 7.83 -2.23 11.46
CA LEU A 36 7.32 -2.10 12.83
C LEU A 36 7.45 -3.42 13.58
N THR A 37 6.69 -4.42 13.15
CA THR A 37 6.73 -5.73 13.77
C THR A 37 5.77 -6.69 13.07
N SER A 38 6.06 -7.99 13.16
CA SER A 38 5.22 -9.01 12.53
C SER A 38 3.75 -8.79 12.90
N PHE A 39 3.50 -8.47 14.16
CA PHE A 39 2.14 -8.24 14.64
C PHE A 39 1.64 -6.87 14.17
N GLN A 40 2.55 -5.90 14.10
CA GLN A 40 2.20 -4.56 13.66
C GLN A 40 1.69 -4.57 12.23
N VAL A 41 2.51 -5.08 11.32
CA VAL A 41 2.13 -5.14 9.91
C VAL A 41 0.81 -5.90 9.73
N ALA A 42 0.56 -6.87 10.62
CA ALA A 42 -0.66 -7.64 10.57
C ALA A 42 -1.88 -6.74 10.76
N GLN A 43 -1.76 -5.79 11.66
CA GLN A 43 -2.86 -4.86 11.93
C GLN A 43 -3.26 -4.13 10.66
N TYR A 44 -2.27 -3.51 10.00
CA TYR A 44 -2.52 -2.80 8.76
C TYR A 44 -3.11 -3.74 7.72
N ARG A 45 -2.68 -5.00 7.77
CA ARG A 45 -3.17 -6.01 6.84
C ARG A 45 -4.68 -6.21 7.01
N ASN A 46 -5.14 -6.08 8.25
CA ASN A 46 -6.56 -6.25 8.56
C ASN A 46 -7.34 -5.01 8.16
N ILE A 47 -6.69 -3.85 8.20
CA ILE A 47 -7.33 -2.60 7.83
C ILE A 47 -7.90 -2.66 6.42
N LEU A 48 -7.03 -2.88 5.43
CA LEU A 48 -7.46 -2.97 4.05
C LEU A 48 -8.28 -4.23 3.83
N ASN A 49 -7.83 -5.33 4.44
CA ASN A 49 -8.52 -6.61 4.31
C ASN A 49 -9.96 -6.49 4.81
N ALA A 50 -10.14 -5.76 5.90
CA ALA A 50 -11.47 -5.56 6.48
C ALA A 50 -12.34 -4.73 5.55
N SER A 51 -11.71 -3.88 4.75
CA SER A 51 -12.44 -3.03 3.81
C SER A 51 -13.11 -3.85 2.72
N LEU A 52 -12.48 -4.95 2.34
CA LEU A 52 -12.99 -5.82 1.29
C LEU A 52 -14.33 -6.47 1.69
N GLN A 53 -14.33 -7.17 2.82
CA GLN A 53 -15.55 -7.84 3.29
C GLN A 53 -16.77 -6.92 3.27
N VAL A 54 -16.53 -5.62 3.38
CA VAL A 54 -17.62 -4.64 3.37
C VAL A 54 -17.72 -3.93 2.02
N ASP A 55 -17.19 -4.55 0.98
CA ASP A 55 -17.24 -3.97 -0.36
C ASP A 55 -18.55 -4.33 -1.05
N ARG A 56 -18.95 -3.48 -2.00
CA ARG A 56 -20.19 -3.70 -2.73
C ARG A 56 -20.08 -4.92 -3.65
N ASP A 57 -19.09 -4.89 -4.53
CA ASP A 57 -18.87 -5.99 -5.47
C ASP A 57 -17.92 -7.03 -4.87
N ALA A 58 -18.49 -8.11 -4.35
CA ALA A 58 -17.70 -9.18 -3.75
C ALA A 58 -16.75 -9.80 -4.77
N ALA A 59 -17.12 -9.72 -6.04
CA ALA A 59 -16.29 -10.28 -7.11
C ALA A 59 -14.88 -9.70 -7.08
N ARG A 60 -14.79 -8.41 -6.78
CA ARG A 60 -13.49 -7.74 -6.72
C ARG A 60 -12.75 -8.11 -5.44
N SER A 61 -13.50 -8.26 -4.35
CA SER A 61 -12.92 -8.61 -3.06
C SER A 61 -12.10 -9.90 -3.16
N ARG A 62 -12.58 -10.84 -3.97
CA ARG A 62 -11.91 -12.12 -4.15
C ARG A 62 -10.49 -11.91 -4.67
N ARG A 63 -10.31 -10.92 -5.54
CA ARG A 63 -9.00 -10.63 -6.11
C ARG A 63 -8.08 -9.97 -5.09
N LEU A 64 -8.59 -8.95 -4.41
CA LEU A 64 -7.81 -8.24 -3.40
C LEU A 64 -7.59 -9.11 -2.17
N MET A 65 -8.61 -9.90 -1.82
CA MET A 65 -8.54 -10.78 -0.66
C MET A 65 -7.35 -11.74 -0.76
N ALA A 66 -7.07 -12.19 -1.98
CA ALA A 66 -5.95 -13.10 -2.20
C ALA A 66 -4.65 -12.32 -2.21
N LYS A 67 -4.68 -11.14 -2.84
CA LYS A 67 -3.51 -10.28 -2.89
C LYS A 67 -3.13 -9.84 -1.49
N LEU A 68 -4.13 -9.80 -0.61
CA LEU A 68 -3.92 -9.42 0.78
C LEU A 68 -3.22 -10.54 1.53
N ALA A 69 -3.48 -11.76 1.10
CA ALA A 69 -2.88 -12.94 1.72
C ALA A 69 -1.35 -12.90 1.64
N ASP A 70 -0.82 -12.10 0.73
CA ASP A 70 0.62 -11.98 0.56
C ASP A 70 1.12 -10.58 0.90
N PHE A 71 0.29 -9.80 1.60
CA PHE A 71 0.66 -8.44 1.99
C PHE A 71 1.95 -8.44 2.80
N ALA A 72 2.83 -7.48 2.49
CA ALA A 72 4.10 -7.35 3.19
C ALA A 72 4.92 -8.63 3.06
N VAL A 73 5.39 -8.91 1.86
CA VAL A 73 6.19 -10.10 1.60
C VAL A 73 7.65 -9.74 1.39
N GLU A 74 8.55 -10.69 1.64
CA GLU A 74 9.97 -10.47 1.48
C GLU A 74 10.40 -10.65 0.02
N GLN A 75 10.49 -9.55 -0.71
CA GLN A 75 10.88 -9.59 -2.11
C GLN A 75 11.48 -8.26 -2.55
N GLU A 76 12.54 -8.33 -3.35
CA GLU A 76 13.22 -7.13 -3.84
C GLU A 76 12.36 -6.41 -4.88
N VAL A 77 12.47 -5.08 -4.91
CA VAL A 77 11.72 -4.28 -5.87
C VAL A 77 12.63 -3.28 -6.58
N THR A 78 12.63 -3.34 -7.90
CA THR A 78 13.47 -2.45 -8.72
C THR A 78 12.60 -1.48 -9.51
N ALA A 79 13.15 -0.93 -10.58
CA ALA A 79 12.43 -0.02 -11.41
C ALA A 79 11.29 -0.74 -12.13
N GLY A 80 10.21 -0.02 -12.40
CA GLY A 80 9.07 -0.62 -13.06
C GLY A 80 8.03 -1.05 -12.05
N ASP A 81 8.49 -1.44 -10.86
CA ASP A 81 7.59 -1.84 -9.79
C ASP A 81 7.24 -0.63 -8.93
N ARG A 82 6.61 -0.86 -7.79
CA ARG A 82 6.24 0.25 -6.91
C ARG A 82 6.45 -0.11 -5.43
N VAL A 83 6.62 0.92 -4.62
CA VAL A 83 6.82 0.75 -3.19
C VAL A 83 5.75 1.50 -2.40
N VAL A 84 4.97 0.76 -1.61
CA VAL A 84 3.91 1.35 -0.82
C VAL A 84 4.38 1.72 0.57
N VAL A 85 4.31 3.00 0.91
CA VAL A 85 4.74 3.48 2.23
C VAL A 85 3.56 3.54 3.18
N ILE A 86 3.62 2.72 4.24
CA ILE A 86 2.54 2.66 5.24
C ILE A 86 2.26 4.04 5.85
N ASP A 87 3.22 4.95 5.75
CA ASP A 87 3.06 6.29 6.28
C ASP A 87 2.72 7.26 5.16
N GLY A 88 3.42 7.12 4.04
CA GLY A 88 3.17 7.97 2.89
C GLY A 88 4.45 8.45 2.24
N LEU A 89 4.32 9.35 1.27
CA LEU A 89 5.48 9.88 0.57
C LEU A 89 5.06 10.93 -0.46
N ASP A 90 5.59 12.14 -0.33
CA ASP A 90 5.26 13.23 -1.25
C ASP A 90 6.51 13.86 -1.83
N ARG A 91 7.48 13.03 -2.18
CA ARG A 91 8.75 13.51 -2.75
C ARG A 91 9.67 12.35 -3.09
N MET A 92 10.61 12.61 -3.99
CA MET A 92 11.57 11.58 -4.40
C MET A 92 12.39 11.11 -3.20
N ALA A 93 12.51 9.79 -3.05
CA ALA A 93 13.26 9.22 -1.94
C ALA A 93 13.96 7.93 -2.32
N HIS A 94 15.26 7.85 -2.03
CA HIS A 94 16.05 6.68 -2.34
C HIS A 94 15.54 5.45 -1.59
N PHE A 95 15.49 4.32 -2.28
CA PHE A 95 15.03 3.07 -1.69
C PHE A 95 16.05 1.94 -1.90
N LYS A 96 17.14 2.25 -2.61
CA LYS A 96 18.16 1.26 -2.89
C LYS A 96 19.50 1.93 -3.16
N ASP A 97 20.47 1.17 -3.66
CA ASP A 97 21.79 1.69 -3.97
C ASP A 97 21.69 3.02 -4.71
N ASP A 98 20.79 3.08 -5.69
CA ASP A 98 20.58 4.30 -6.47
C ASP A 98 19.12 4.49 -6.87
N LEU A 99 18.33 3.43 -6.76
CA LEU A 99 16.91 3.51 -7.12
C LEU A 99 16.13 4.28 -6.06
N VAL A 100 15.35 5.26 -6.49
CA VAL A 100 14.56 6.06 -5.58
C VAL A 100 13.07 5.80 -5.74
N LEU A 101 12.27 6.53 -4.98
CA LEU A 101 10.83 6.39 -5.02
C LEU A 101 10.18 7.75 -5.24
N VAL A 102 9.37 7.86 -6.28
CA VAL A 102 8.69 9.11 -6.59
C VAL A 102 7.20 9.03 -6.25
N PRO A 103 6.66 10.04 -5.56
CA PRO A 103 5.25 10.07 -5.19
C PRO A 103 4.34 9.73 -6.37
N LEU A 104 3.51 8.70 -6.20
CA LEU A 104 2.61 8.28 -7.26
C LEU A 104 1.15 8.33 -6.82
N THR A 105 0.84 7.72 -5.68
CA THR A 105 -0.53 7.71 -5.18
C THR A 105 -0.58 7.69 -3.66
N THR A 106 -1.25 8.69 -3.08
CA THR A 106 -1.38 8.78 -1.63
C THR A 106 -2.84 8.71 -1.21
N LYS A 107 -3.16 7.72 -0.38
CA LYS A 107 -4.52 7.54 0.11
C LYS A 107 -4.53 6.77 1.43
N VAL A 108 -5.10 7.39 2.46
CA VAL A 108 -5.18 6.75 3.78
C VAL A 108 -6.36 5.78 3.83
N VAL A 109 -6.11 4.61 4.40
CA VAL A 109 -7.15 3.58 4.51
C VAL A 109 -7.27 3.10 5.96
N GLY A 110 -8.43 3.38 6.57
CA GLY A 110 -8.65 2.97 7.94
C GLY A 110 -8.15 3.99 8.95
N GLY A 111 -7.40 4.98 8.47
CA GLY A 111 -6.87 6.00 9.35
C GLY A 111 -5.38 6.22 9.19
N SER A 112 -4.75 5.46 8.30
CA SER A 112 -3.32 5.59 8.07
C SER A 112 -2.99 5.85 6.60
N ARG A 113 -2.18 6.86 6.36
CA ARG A 113 -1.78 7.23 5.00
C ARG A 113 -1.11 6.07 4.28
N CYS A 114 -1.33 6.00 2.97
CA CYS A 114 -0.75 4.94 2.15
C CYS A 114 -0.29 5.51 0.81
N THR A 115 0.98 5.89 0.73
CA THR A 115 1.54 6.44 -0.50
C THR A 115 2.25 5.38 -1.32
N ILE A 116 2.08 5.47 -2.64
CA ILE A 116 2.73 4.54 -3.56
C ILE A 116 3.66 5.33 -4.47
N CYS A 117 4.88 4.84 -4.67
CA CYS A 117 5.84 5.55 -5.50
C CYS A 117 6.49 4.65 -6.53
N ASP A 118 6.67 5.18 -7.74
CA ASP A 118 7.31 4.45 -8.82
C ASP A 118 8.82 4.36 -8.56
N VAL A 119 9.38 3.17 -8.73
CA VAL A 119 10.80 2.97 -8.50
C VAL A 119 11.61 3.41 -9.72
N VAL A 120 12.42 4.44 -9.53
CA VAL A 120 13.23 4.96 -10.62
C VAL A 120 14.67 5.19 -10.18
N LYS A 121 15.60 5.02 -11.11
CA LYS A 121 17.03 5.19 -10.82
C LYS A 121 17.38 6.68 -10.68
N GLU A 122 18.34 6.96 -9.81
CA GLU A 122 18.77 8.34 -9.57
C GLU A 122 20.25 8.51 -9.92
N GLU A 123 20.54 9.50 -10.77
CA GLU A 123 21.91 9.77 -11.18
C GLU A 123 22.20 11.26 -11.19
N GLY A 1 -24.51 7.23 2.05
CA GLY A 1 -23.88 6.87 0.75
C GLY A 1 -22.89 7.92 0.28
N LEU A 2 -23.31 8.76 -0.66
CA LEU A 2 -22.44 9.80 -1.19
C LEU A 2 -21.99 10.75 -0.08
N THR A 3 -22.64 11.92 0.04
CA THR A 3 -22.27 12.89 1.06
C THR A 3 -20.75 12.99 1.17
N ALA A 4 -20.13 13.52 0.13
CA ALA A 4 -18.67 13.62 0.10
C ALA A 4 -18.06 12.23 0.10
N THR A 5 -18.85 11.25 -0.34
CA THR A 5 -18.41 9.85 -0.40
C THR A 5 -17.72 9.47 0.91
N LEU A 6 -18.26 9.96 2.02
CA LEU A 6 -17.69 9.66 3.34
C LEU A 6 -18.22 8.33 3.86
N ALA A 7 -19.54 8.20 3.91
CA ALA A 7 -20.17 6.98 4.40
C ALA A 7 -19.87 5.80 3.48
N ALA A 8 -19.77 6.08 2.18
CA ALA A 8 -19.49 5.05 1.19
C ALA A 8 -18.16 5.32 0.48
N LEU A 9 -17.67 4.32 -0.24
CA LEU A 9 -16.41 4.45 -0.97
C LEU A 9 -16.58 4.04 -2.42
N THR A 10 -16.15 4.91 -3.34
CA THR A 10 -16.25 4.63 -4.76
C THR A 10 -15.27 3.54 -5.18
N ASP A 11 -15.37 3.12 -6.44
CA ASP A 11 -14.49 2.08 -6.96
C ASP A 11 -13.03 2.49 -6.86
N ASP A 12 -12.78 3.80 -6.82
CA ASP A 12 -11.42 4.31 -6.71
C ASP A 12 -10.72 3.78 -5.47
N ASP A 13 -11.48 3.64 -4.39
CA ASP A 13 -10.91 3.13 -3.13
C ASP A 13 -10.36 1.72 -3.32
N PHE A 14 -11.18 0.84 -3.86
CA PHE A 14 -10.78 -0.54 -4.11
C PHE A 14 -9.75 -0.61 -5.24
N GLN A 15 -9.81 0.37 -6.15
CA GLN A 15 -8.88 0.42 -7.26
C GLN A 15 -7.49 0.76 -6.76
N PHE A 16 -7.44 1.56 -5.70
CA PHE A 16 -6.17 1.95 -5.11
C PHE A 16 -5.47 0.74 -4.53
N LEU A 17 -6.25 -0.15 -3.91
CA LEU A 17 -5.71 -1.36 -3.32
C LEU A 17 -5.05 -2.23 -4.39
N SER A 18 -5.68 -2.29 -5.56
CA SER A 18 -5.14 -3.06 -6.67
C SER A 18 -3.71 -2.62 -6.96
N ASP A 19 -3.47 -1.32 -6.84
CA ASP A 19 -2.16 -0.76 -7.07
C ASP A 19 -1.24 -1.04 -5.88
N VAL A 20 -1.81 -0.95 -4.67
CA VAL A 20 -1.05 -1.21 -3.46
C VAL A 20 -0.60 -2.67 -3.42
N LEU A 21 -1.57 -3.58 -3.44
CA LEU A 21 -1.26 -5.00 -3.44
C LEU A 21 -0.36 -5.34 -4.62
N ASP A 22 -0.40 -4.50 -5.65
CA ASP A 22 0.41 -4.69 -6.84
C ASP A 22 1.88 -4.38 -6.54
N CYS A 23 2.11 -3.43 -5.64
CA CYS A 23 3.48 -3.04 -5.28
C CYS A 23 4.36 -4.27 -5.07
N ARG A 24 5.67 -4.06 -5.06
CA ARG A 24 6.62 -5.15 -4.87
C ARG A 24 7.09 -5.24 -3.43
N ALA A 25 7.06 -4.11 -2.73
CA ALA A 25 7.46 -4.06 -1.33
C ALA A 25 6.76 -2.93 -0.60
N VAL A 26 6.41 -3.18 0.67
CA VAL A 26 5.73 -2.18 1.48
C VAL A 26 6.44 -2.00 2.83
N ARG A 27 6.57 -0.76 3.26
CA ARG A 27 7.22 -0.42 4.52
C ARG A 27 6.66 0.87 5.09
N SER A 28 7.24 1.32 6.20
CA SER A 28 6.79 2.54 6.84
C SER A 28 7.76 3.69 6.58
N ALA A 29 7.23 4.83 6.17
CA ALA A 29 8.06 6.00 5.89
C ALA A 29 8.85 6.39 7.12
N MET A 30 8.18 6.39 8.27
CA MET A 30 8.83 6.73 9.53
C MET A 30 10.08 5.90 9.74
N ASN A 31 10.12 4.71 9.13
CA ASN A 31 11.26 3.82 9.24
C ASN A 31 11.17 2.72 8.17
N LEU A 32 11.45 3.09 6.93
CA LEU A 32 11.39 2.15 5.82
C LEU A 32 12.49 1.10 5.92
N ARG A 33 13.52 1.38 6.72
CA ARG A 33 14.63 0.46 6.90
C ARG A 33 14.35 -0.56 8.00
N ALA A 34 13.10 -0.64 8.43
CA ALA A 34 12.72 -1.59 9.48
C ALA A 34 11.20 -1.60 9.69
N ALA A 35 10.63 -2.80 9.75
CA ALA A 35 9.19 -2.95 9.95
C ALA A 35 8.80 -2.60 11.37
N LEU A 36 7.50 -2.66 11.67
CA LEU A 36 7.01 -2.34 13.00
C LEU A 36 6.92 -3.60 13.86
N THR A 37 6.02 -4.49 13.49
CA THR A 37 5.83 -5.75 14.22
C THR A 37 4.66 -6.53 13.65
N SER A 38 4.70 -7.85 13.82
CA SER A 38 3.64 -8.73 13.32
C SER A 38 2.26 -8.18 13.64
N PHE A 39 2.14 -7.57 14.82
CA PHE A 39 0.87 -7.00 15.25
C PHE A 39 0.58 -5.69 14.52
N GLN A 40 1.62 -4.94 14.22
CA GLN A 40 1.47 -3.66 13.53
C GLN A 40 1.05 -3.88 12.08
N VAL A 41 1.87 -4.61 11.33
CA VAL A 41 1.58 -4.89 9.93
C VAL A 41 0.21 -5.56 9.79
N ALA A 42 -0.08 -6.48 10.69
CA ALA A 42 -1.35 -7.19 10.68
C ALA A 42 -2.51 -6.25 10.94
N GLN A 43 -2.33 -5.35 11.91
CA GLN A 43 -3.36 -4.38 12.25
C GLN A 43 -3.74 -3.55 11.03
N TYR A 44 -2.73 -3.11 10.29
CA TYR A 44 -2.95 -2.32 9.08
C TYR A 44 -3.55 -3.18 7.98
N ARG A 45 -3.14 -4.44 7.94
CA ARG A 45 -3.63 -5.39 6.95
C ARG A 45 -5.11 -5.67 7.17
N ASN A 46 -5.52 -5.71 8.44
CA ASN A 46 -6.91 -5.98 8.80
C ASN A 46 -7.82 -4.85 8.30
N ILE A 47 -7.30 -3.63 8.30
CA ILE A 47 -8.06 -2.47 7.84
C ILE A 47 -8.46 -2.63 6.37
N LEU A 48 -7.45 -2.73 5.50
CA LEU A 48 -7.70 -2.89 4.08
C LEU A 48 -8.44 -4.19 3.80
N ASN A 49 -7.93 -5.29 4.36
CA ASN A 49 -8.55 -6.60 4.17
C ASN A 49 -10.02 -6.56 4.58
N ALA A 50 -10.34 -5.73 5.56
CA ALA A 50 -11.72 -5.61 6.03
C ALA A 50 -12.60 -4.95 4.99
N SER A 51 -12.01 -4.10 4.16
CA SER A 51 -12.74 -3.39 3.12
C SER A 51 -13.22 -4.36 2.03
N LEU A 52 -12.41 -5.38 1.78
CA LEU A 52 -12.73 -6.39 0.75
C LEU A 52 -13.99 -7.17 1.10
N GLN A 53 -13.99 -7.80 2.27
CA GLN A 53 -15.13 -8.61 2.70
C GLN A 53 -16.42 -7.79 2.70
N VAL A 54 -16.30 -6.51 3.00
CA VAL A 54 -17.46 -5.62 3.04
C VAL A 54 -17.64 -4.88 1.72
N ASP A 55 -17.08 -5.45 0.65
CA ASP A 55 -17.19 -4.85 -0.67
C ASP A 55 -18.42 -5.37 -1.41
N ARG A 56 -18.85 -4.64 -2.44
CA ARG A 56 -20.01 -5.04 -3.22
C ARG A 56 -19.66 -6.13 -4.22
N ASP A 57 -18.41 -6.10 -4.70
CA ASP A 57 -17.95 -7.10 -5.67
C ASP A 57 -17.31 -8.27 -4.96
N ALA A 58 -18.06 -9.36 -4.82
CA ALA A 58 -17.56 -10.56 -4.16
C ALA A 58 -16.44 -11.21 -4.97
N ALA A 59 -16.60 -11.19 -6.28
CA ALA A 59 -15.59 -11.78 -7.18
C ALA A 59 -14.26 -11.06 -7.05
N ARG A 60 -14.32 -9.73 -6.92
CA ARG A 60 -13.12 -8.92 -6.79
C ARG A 60 -12.45 -9.14 -5.44
N SER A 61 -13.27 -9.28 -4.40
CA SER A 61 -12.76 -9.49 -3.04
C SER A 61 -11.76 -10.64 -3.01
N ARG A 62 -12.18 -11.79 -3.50
CA ARG A 62 -11.32 -12.98 -3.51
C ARG A 62 -9.96 -12.67 -4.15
N ARG A 63 -9.96 -11.77 -5.13
CA ARG A 63 -8.73 -11.38 -5.81
C ARG A 63 -7.83 -10.56 -4.89
N LEU A 64 -8.38 -9.51 -4.31
CA LEU A 64 -7.61 -8.64 -3.42
C LEU A 64 -7.29 -9.36 -2.11
N MET A 65 -8.24 -10.14 -1.62
CA MET A 65 -8.06 -10.89 -0.38
C MET A 65 -6.82 -11.77 -0.44
N ALA A 66 -6.51 -12.27 -1.63
CA ALA A 66 -5.34 -13.11 -1.82
C ALA A 66 -4.09 -12.25 -1.92
N LYS A 67 -4.21 -11.14 -2.65
CA LYS A 67 -3.10 -10.22 -2.81
C LYS A 67 -2.73 -9.61 -1.46
N LEU A 68 -3.72 -9.54 -0.58
CA LEU A 68 -3.53 -8.99 0.76
C LEU A 68 -2.76 -9.99 1.62
N ALA A 69 -2.96 -11.27 1.33
CA ALA A 69 -2.30 -12.34 2.08
C ALA A 69 -0.78 -12.17 2.05
N ASP A 70 -0.29 -11.50 1.01
CA ASP A 70 1.15 -11.27 0.86
C ASP A 70 1.53 -9.82 1.17
N PHE A 71 0.63 -9.12 1.85
CA PHE A 71 0.87 -7.72 2.19
C PHE A 71 2.04 -7.58 3.17
N ALA A 72 2.98 -6.70 2.84
CA ALA A 72 4.15 -6.46 3.69
C ALA A 72 5.12 -7.64 3.64
N VAL A 73 5.28 -8.22 2.46
CA VAL A 73 6.19 -9.36 2.29
C VAL A 73 7.45 -8.93 1.53
N GLU A 74 8.57 -9.55 1.89
CA GLU A 74 9.85 -9.24 1.25
C GLU A 74 9.86 -9.72 -0.20
N GLN A 75 9.70 -8.79 -1.14
CA GLN A 75 9.69 -9.11 -2.56
C GLN A 75 10.72 -8.26 -3.31
N GLU A 76 11.37 -8.86 -4.30
CA GLU A 76 12.37 -8.15 -5.09
C GLU A 76 11.73 -7.01 -5.87
N VAL A 77 12.05 -5.78 -5.47
CA VAL A 77 11.51 -4.60 -6.14
C VAL A 77 12.50 -4.07 -7.18
N THR A 78 11.97 -3.66 -8.33
CA THR A 78 12.81 -3.13 -9.40
C THR A 78 12.21 -1.85 -9.98
N ALA A 79 12.63 -1.51 -11.18
CA ALA A 79 12.11 -0.32 -11.85
C ALA A 79 10.80 -0.63 -12.53
N GLY A 80 9.92 0.37 -12.60
CA GLY A 80 8.62 0.18 -13.22
C GLY A 80 7.57 -0.14 -12.18
N ASP A 81 7.98 -0.80 -11.10
CA ASP A 81 7.07 -1.15 -10.02
C ASP A 81 6.90 0.05 -9.08
N ARG A 82 6.32 -0.19 -7.92
CA ARG A 82 6.11 0.88 -6.95
C ARG A 82 6.22 0.37 -5.52
N VAL A 83 6.55 1.28 -4.61
CA VAL A 83 6.68 0.94 -3.20
C VAL A 83 5.57 1.63 -2.39
N VAL A 84 4.70 0.83 -1.79
CA VAL A 84 3.60 1.39 -1.01
C VAL A 84 4.00 1.52 0.45
N VAL A 85 4.12 2.78 0.90
CA VAL A 85 4.50 3.06 2.27
C VAL A 85 3.28 3.15 3.17
N ILE A 86 3.37 2.55 4.36
CA ILE A 86 2.26 2.56 5.30
C ILE A 86 2.08 3.93 5.95
N ASP A 87 3.09 4.79 5.85
CA ASP A 87 3.00 6.13 6.42
C ASP A 87 2.76 7.15 5.30
N GLY A 88 3.50 7.00 4.21
CA GLY A 88 3.35 7.89 3.08
C GLY A 88 4.68 8.33 2.52
N LEU A 89 4.66 9.26 1.56
CA LEU A 89 5.87 9.78 0.95
C LEU A 89 5.55 10.87 -0.08
N ASP A 90 5.83 12.12 0.28
CA ASP A 90 5.57 13.25 -0.60
C ASP A 90 6.87 13.89 -1.08
N ARG A 91 7.82 13.05 -1.47
CA ARG A 91 9.11 13.52 -1.96
C ARG A 91 10.01 12.36 -2.37
N MET A 92 10.97 12.64 -3.24
CA MET A 92 11.90 11.61 -3.71
C MET A 92 12.65 10.98 -2.54
N ALA A 93 12.89 9.67 -2.64
CA ALA A 93 13.58 8.96 -1.58
C ALA A 93 14.25 7.69 -2.12
N HIS A 94 15.57 7.59 -1.94
CA HIS A 94 16.31 6.42 -2.40
C HIS A 94 15.85 5.17 -1.67
N PHE A 95 15.99 4.03 -2.34
CA PHE A 95 15.59 2.76 -1.75
C PHE A 95 16.81 1.85 -1.57
N LYS A 96 17.76 1.96 -2.50
CA LYS A 96 18.97 1.14 -2.42
C LYS A 96 19.88 1.43 -3.62
N ASP A 97 21.18 1.40 -3.38
CA ASP A 97 22.16 1.66 -4.43
C ASP A 97 21.87 2.97 -5.15
N ASP A 98 20.99 2.92 -6.16
CA ASP A 98 20.64 4.12 -6.92
C ASP A 98 19.14 4.18 -7.23
N LEU A 99 18.38 3.20 -6.76
CA LEU A 99 16.95 3.19 -7.00
C LEU A 99 16.28 4.24 -6.12
N VAL A 100 15.62 5.21 -6.73
CA VAL A 100 14.95 6.27 -5.99
C VAL A 100 13.44 6.21 -6.16
N LEU A 101 12.73 6.40 -5.07
CA LEU A 101 11.27 6.37 -5.08
C LEU A 101 10.70 7.79 -5.14
N VAL A 102 9.87 8.04 -6.16
CA VAL A 102 9.25 9.34 -6.33
C VAL A 102 7.75 9.28 -6.05
N PRO A 103 7.21 10.27 -5.32
CA PRO A 103 5.78 10.33 -5.00
C PRO A 103 4.91 10.08 -6.22
N LEU A 104 4.04 9.08 -6.13
CA LEU A 104 3.16 8.72 -7.23
C LEU A 104 1.69 8.83 -6.82
N THR A 105 1.36 8.31 -5.63
CA THR A 105 -0.02 8.35 -5.16
C THR A 105 -0.11 8.16 -3.66
N THR A 106 -0.90 9.01 -3.01
CA THR A 106 -1.08 8.95 -1.56
C THR A 106 -2.56 8.83 -1.21
N LYS A 107 -2.91 7.76 -0.51
CA LYS A 107 -4.30 7.54 -0.10
C LYS A 107 -4.37 6.99 1.32
N VAL A 108 -5.22 7.59 2.13
CA VAL A 108 -5.38 7.15 3.52
C VAL A 108 -6.53 6.16 3.66
N VAL A 109 -6.32 5.14 4.48
CA VAL A 109 -7.34 4.13 4.71
C VAL A 109 -7.36 3.68 6.16
N GLY A 110 -8.47 3.96 6.85
CA GLY A 110 -8.59 3.58 8.24
C GLY A 110 -7.70 4.39 9.15
N GLY A 111 -7.53 5.67 8.82
CA GLY A 111 -6.69 6.53 9.63
C GLY A 111 -5.20 6.26 9.43
N SER A 112 -4.85 5.76 8.25
CA SER A 112 -3.46 5.45 7.94
C SER A 112 -3.13 5.84 6.50
N ARG A 113 -2.17 6.76 6.36
CA ARG A 113 -1.75 7.23 5.05
C ARG A 113 -1.11 6.10 4.25
N CYS A 114 -1.28 6.15 2.93
CA CYS A 114 -0.71 5.13 2.06
C CYS A 114 -0.18 5.75 0.77
N THR A 115 1.12 6.01 0.73
CA THR A 115 1.76 6.60 -0.45
C THR A 115 2.55 5.56 -1.23
N ILE A 116 2.47 5.65 -2.56
CA ILE A 116 3.21 4.76 -3.43
C ILE A 116 4.12 5.56 -4.33
N CYS A 117 5.30 5.05 -4.59
CA CYS A 117 6.26 5.75 -5.42
C CYS A 117 6.88 4.85 -6.48
N ASP A 118 7.02 5.39 -7.69
CA ASP A 118 7.63 4.64 -8.78
C ASP A 118 9.11 4.44 -8.52
N VAL A 119 9.63 3.26 -8.87
CA VAL A 119 11.04 2.97 -8.66
C VAL A 119 11.87 3.39 -9.85
N VAL A 120 12.55 4.52 -9.72
CA VAL A 120 13.37 5.05 -10.79
C VAL A 120 14.82 5.21 -10.32
N LYS A 121 15.76 4.85 -11.19
CA LYS A 121 17.18 4.95 -10.86
C LYS A 121 17.65 6.39 -10.88
N GLU A 122 18.44 6.76 -9.86
CA GLU A 122 18.97 8.12 -9.76
C GLU A 122 20.18 8.30 -10.66
N GLU A 123 20.46 9.55 -11.02
CA GLU A 123 21.61 9.86 -11.87
C GLU A 123 22.22 11.21 -11.51
N GLY A 1 -20.45 1.47 8.42
CA GLY A 1 -19.20 1.65 7.62
C GLY A 1 -18.35 2.80 8.14
N LEU A 2 -17.08 2.50 8.41
CA LEU A 2 -16.16 3.52 8.91
C LEU A 2 -14.95 3.63 7.99
N THR A 3 -13.95 2.77 8.20
CA THR A 3 -12.75 2.78 7.37
C THR A 3 -13.07 2.27 5.97
N ALA A 4 -13.85 1.19 5.91
CA ALA A 4 -14.24 0.61 4.65
C ALA A 4 -15.01 1.62 3.81
N THR A 5 -15.61 2.59 4.48
CA THR A 5 -16.37 3.64 3.81
C THR A 5 -15.90 5.02 4.26
N LEU A 6 -14.58 5.21 4.25
CA LEU A 6 -13.99 6.48 4.66
C LEU A 6 -14.68 7.67 3.98
N ALA A 7 -15.68 8.23 4.65
CA ALA A 7 -16.42 9.37 4.11
C ALA A 7 -16.96 9.07 2.71
N ALA A 8 -17.41 7.83 2.51
CA ALA A 8 -17.95 7.41 1.23
C ALA A 8 -16.87 7.39 0.16
N LEU A 9 -15.90 6.50 0.31
CA LEU A 9 -14.80 6.38 -0.63
C LEU A 9 -15.31 5.98 -2.02
N THR A 10 -14.72 6.55 -3.06
CA THR A 10 -15.12 6.26 -4.42
C THR A 10 -14.51 4.93 -4.89
N ASP A 11 -14.91 4.48 -6.08
CA ASP A 11 -14.41 3.24 -6.63
C ASP A 11 -12.89 3.26 -6.77
N ASP A 12 -12.33 4.47 -6.91
CA ASP A 12 -10.89 4.65 -7.05
C ASP A 12 -10.15 4.05 -5.85
N ASP A 13 -10.79 4.10 -4.68
CA ASP A 13 -10.18 3.57 -3.47
C ASP A 13 -9.86 2.09 -3.61
N PHE A 14 -10.82 1.33 -4.14
CA PHE A 14 -10.64 -0.11 -4.33
C PHE A 14 -9.53 -0.40 -5.33
N GLN A 15 -9.30 0.54 -6.25
CA GLN A 15 -8.25 0.36 -7.25
C GLN A 15 -6.90 0.72 -6.66
N PHE A 16 -6.89 1.74 -5.81
CA PHE A 16 -5.66 2.17 -5.16
C PHE A 16 -5.10 1.06 -4.28
N LEU A 17 -5.94 0.55 -3.38
CA LEU A 17 -5.54 -0.54 -2.50
C LEU A 17 -5.14 -1.76 -3.32
N SER A 18 -5.84 -1.98 -4.43
CA SER A 18 -5.54 -3.10 -5.30
C SER A 18 -4.15 -2.91 -5.89
N ASP A 19 -3.77 -1.64 -6.06
CA ASP A 19 -2.46 -1.29 -6.59
C ASP A 19 -1.38 -1.44 -5.53
N VAL A 20 -1.77 -1.32 -4.26
CA VAL A 20 -0.80 -1.45 -3.18
C VAL A 20 -0.33 -2.89 -3.07
N LEU A 21 -1.22 -3.82 -3.42
CA LEU A 21 -0.90 -5.23 -3.40
C LEU A 21 0.10 -5.53 -4.53
N ASP A 22 0.09 -4.65 -5.54
CA ASP A 22 1.00 -4.78 -6.67
C ASP A 22 2.42 -4.46 -6.25
N CYS A 23 2.57 -3.49 -5.34
CA CYS A 23 3.89 -3.09 -4.85
C CYS A 23 4.72 -4.31 -4.48
N ARG A 24 6.02 -4.10 -4.23
CA ARG A 24 6.91 -5.19 -3.87
C ARG A 24 7.27 -5.16 -2.39
N ALA A 25 7.60 -3.98 -1.89
CA ALA A 25 7.98 -3.83 -0.48
C ALA A 25 6.98 -2.95 0.26
N VAL A 26 6.67 -3.32 1.50
CA VAL A 26 5.74 -2.57 2.31
C VAL A 26 6.42 -2.05 3.58
N ARG A 27 6.67 -0.75 3.62
CA ARG A 27 7.32 -0.13 4.77
C ARG A 27 6.70 1.24 5.05
N SER A 28 7.21 1.92 6.06
CA SER A 28 6.70 3.24 6.43
C SER A 28 7.82 4.29 6.40
N ALA A 29 7.44 5.54 6.17
CA ALA A 29 8.40 6.63 6.13
C ALA A 29 9.14 6.76 7.46
N MET A 30 8.40 6.68 8.55
CA MET A 30 8.98 6.79 9.89
C MET A 30 10.06 5.73 10.09
N ASN A 31 9.95 4.62 9.37
CA ASN A 31 10.92 3.54 9.46
C ASN A 31 10.92 2.70 8.19
N LEU A 32 11.44 3.27 7.11
CA LEU A 32 11.50 2.58 5.83
C LEU A 32 12.48 1.42 5.88
N ARG A 33 13.37 1.42 6.86
CA ARG A 33 14.36 0.36 7.00
C ARG A 33 14.11 -0.47 8.27
N ALA A 34 12.93 -0.30 8.87
CA ALA A 34 12.60 -1.03 10.08
C ALA A 34 11.09 -1.27 10.18
N ALA A 35 10.70 -2.54 10.13
CA ALA A 35 9.28 -2.90 10.22
C ALA A 35 8.75 -2.68 11.63
N LEU A 36 7.46 -2.92 11.82
CA LEU A 36 6.83 -2.74 13.12
C LEU A 36 6.83 -4.05 13.90
N THR A 37 6.05 -5.02 13.42
CA THR A 37 5.96 -6.33 14.06
C THR A 37 4.86 -7.16 13.41
N SER A 38 4.94 -8.47 13.60
CA SER A 38 3.96 -9.40 13.03
C SER A 38 2.54 -8.91 13.25
N PHE A 39 2.22 -8.56 14.49
CA PHE A 39 0.89 -8.06 14.82
C PHE A 39 0.62 -6.73 14.15
N GLN A 40 1.66 -5.91 14.01
CA GLN A 40 1.52 -4.60 13.38
C GLN A 40 1.21 -4.74 11.90
N VAL A 41 2.07 -5.46 11.18
CA VAL A 41 1.88 -5.66 9.75
C VAL A 41 0.55 -6.34 9.48
N ALA A 42 0.23 -7.35 10.28
CA ALA A 42 -1.02 -8.08 10.13
C ALA A 42 -2.22 -7.18 10.42
N GLN A 43 -2.07 -6.32 11.43
CA GLN A 43 -3.13 -5.39 11.80
C GLN A 43 -3.51 -4.52 10.61
N TYR A 44 -2.51 -3.91 10.00
CA TYR A 44 -2.73 -3.06 8.83
C TYR A 44 -3.33 -3.87 7.69
N ARG A 45 -2.89 -5.13 7.59
CA ARG A 45 -3.39 -6.02 6.55
C ARG A 45 -4.87 -6.29 6.72
N ASN A 46 -5.31 -6.35 7.98
CA ASN A 46 -6.71 -6.60 8.29
C ASN A 46 -7.58 -5.38 7.96
N ILE A 47 -6.97 -4.20 7.98
CA ILE A 47 -7.69 -2.97 7.68
C ILE A 47 -8.19 -2.97 6.25
N LEU A 48 -7.26 -3.04 5.30
CA LEU A 48 -7.61 -3.06 3.88
C LEU A 48 -8.43 -4.31 3.55
N ASN A 49 -7.95 -5.45 4.00
CA ASN A 49 -8.64 -6.72 3.76
C ASN A 49 -10.06 -6.68 4.30
N ALA A 50 -10.26 -5.91 5.37
CA ALA A 50 -11.57 -5.79 5.99
C ALA A 50 -12.53 -5.02 5.09
N SER A 51 -11.98 -4.13 4.27
CA SER A 51 -12.79 -3.33 3.35
C SER A 51 -13.36 -4.19 2.22
N LEU A 52 -12.60 -5.20 1.82
CA LEU A 52 -13.02 -6.09 0.74
C LEU A 52 -14.27 -6.88 1.10
N GLN A 53 -14.21 -7.62 2.21
CA GLN A 53 -15.34 -8.42 2.67
C GLN A 53 -16.62 -7.60 2.78
N VAL A 54 -16.48 -6.28 2.90
CA VAL A 54 -17.64 -5.41 3.00
C VAL A 54 -17.93 -4.71 1.67
N ASP A 55 -17.46 -5.30 0.58
CA ASP A 55 -17.66 -4.75 -0.75
C ASP A 55 -18.94 -5.31 -1.38
N ARG A 56 -19.39 -4.68 -2.46
CA ARG A 56 -20.59 -5.12 -3.16
C ARG A 56 -20.28 -6.26 -4.12
N ASP A 57 -19.06 -6.28 -4.63
CA ASP A 57 -18.64 -7.32 -5.57
C ASP A 57 -17.84 -8.39 -4.85
N ALA A 58 -18.50 -9.50 -4.52
CA ALA A 58 -17.84 -10.61 -3.83
C ALA A 58 -16.67 -11.14 -4.64
N ALA A 59 -16.90 -11.36 -5.94
CA ALA A 59 -15.86 -11.88 -6.83
C ALA A 59 -14.66 -10.95 -6.86
N ARG A 60 -14.92 -9.66 -6.96
CA ARG A 60 -13.84 -8.66 -7.00
C ARG A 60 -13.10 -8.60 -5.67
N SER A 61 -13.86 -8.67 -4.58
CA SER A 61 -13.27 -8.63 -3.24
C SER A 61 -12.29 -9.78 -3.04
N ARG A 62 -12.78 -11.00 -3.22
CA ARG A 62 -11.95 -12.20 -3.05
C ARG A 62 -10.66 -12.09 -3.85
N ARG A 63 -10.72 -11.43 -5.00
CA ARG A 63 -9.55 -11.26 -5.85
C ARG A 63 -8.47 -10.47 -5.12
N LEU A 64 -8.87 -9.39 -4.47
CA LEU A 64 -7.95 -8.55 -3.72
C LEU A 64 -7.44 -9.28 -2.47
N MET A 65 -8.34 -10.05 -1.86
CA MET A 65 -8.00 -10.80 -0.65
C MET A 65 -6.78 -11.70 -0.88
N ALA A 66 -6.69 -12.26 -2.08
CA ALA A 66 -5.56 -13.12 -2.43
C ALA A 66 -4.32 -12.28 -2.70
N LYS A 67 -4.55 -11.08 -3.23
CA LYS A 67 -3.45 -10.17 -3.53
C LYS A 67 -2.83 -9.63 -2.24
N LEU A 68 -3.65 -9.52 -1.21
CA LEU A 68 -3.20 -9.02 0.09
C LEU A 68 -2.43 -10.11 0.83
N ALA A 69 -2.70 -11.37 0.49
CA ALA A 69 -2.02 -12.49 1.13
C ALA A 69 -0.51 -12.36 1.03
N ASP A 70 -0.05 -11.62 0.01
CA ASP A 70 1.38 -11.41 -0.20
C ASP A 70 1.82 -10.05 0.33
N PHE A 71 0.99 -9.44 1.18
CA PHE A 71 1.30 -8.13 1.75
C PHE A 71 2.45 -8.23 2.76
N ALA A 72 3.41 -7.33 2.64
CA ALA A 72 4.56 -7.30 3.53
C ALA A 72 5.35 -8.61 3.48
N VAL A 73 5.77 -8.99 2.29
CA VAL A 73 6.53 -10.22 2.11
C VAL A 73 8.00 -9.91 1.82
N GLU A 74 8.87 -10.85 2.15
CA GLU A 74 10.31 -10.67 1.93
C GLU A 74 10.63 -10.71 0.44
N GLN A 75 10.98 -9.55 -0.10
CA GLN A 75 11.32 -9.46 -1.53
C GLN A 75 11.92 -8.08 -1.85
N GLU A 76 12.87 -8.07 -2.77
CA GLU A 76 13.53 -6.83 -3.16
C GLU A 76 12.73 -6.11 -4.23
N VAL A 77 12.68 -4.78 -4.13
CA VAL A 77 11.96 -3.98 -5.11
C VAL A 77 12.78 -3.77 -6.36
N THR A 78 12.11 -3.53 -7.48
CA THR A 78 12.79 -3.33 -8.75
C THR A 78 12.16 -2.21 -9.55
N ALA A 79 12.88 -1.74 -10.57
CA ALA A 79 12.37 -0.67 -11.42
C ALA A 79 11.10 -1.12 -12.13
N GLY A 80 10.17 -0.19 -12.30
CA GLY A 80 8.91 -0.53 -12.93
C GLY A 80 7.85 -0.85 -11.90
N ASP A 81 8.29 -1.40 -10.77
CA ASP A 81 7.37 -1.74 -9.69
C ASP A 81 7.07 -0.49 -8.86
N ARG A 82 6.59 -0.67 -7.63
CA ARG A 82 6.27 0.46 -6.77
C ARG A 82 6.54 0.15 -5.31
N VAL A 83 6.78 1.20 -4.53
CA VAL A 83 7.03 1.06 -3.10
C VAL A 83 5.96 1.79 -2.30
N VAL A 84 5.23 1.04 -1.48
CA VAL A 84 4.16 1.63 -0.67
C VAL A 84 4.67 2.03 0.71
N VAL A 85 4.50 3.31 1.03
CA VAL A 85 4.93 3.82 2.33
C VAL A 85 3.73 3.96 3.26
N ILE A 86 3.73 3.19 4.34
CA ILE A 86 2.64 3.22 5.30
C ILE A 86 2.42 4.64 5.87
N ASP A 87 3.41 5.49 5.72
CA ASP A 87 3.31 6.87 6.20
C ASP A 87 2.99 7.80 5.04
N GLY A 88 3.70 7.60 3.93
CA GLY A 88 3.49 8.41 2.74
C GLY A 88 4.79 8.83 2.10
N LEU A 89 4.73 9.84 1.23
CA LEU A 89 5.93 10.35 0.56
C LEU A 89 5.59 11.53 -0.34
N ASP A 90 5.96 12.73 0.09
CA ASP A 90 5.70 13.94 -0.68
C ASP A 90 6.97 14.44 -1.37
N ARG A 91 7.79 13.50 -1.82
CA ARG A 91 9.04 13.85 -2.50
C ARG A 91 9.76 12.60 -2.98
N MET A 92 10.82 12.79 -3.74
CA MET A 92 11.61 11.67 -4.27
C MET A 92 12.63 11.20 -3.24
N ALA A 93 12.67 9.90 -3.01
CA ALA A 93 13.60 9.31 -2.04
C ALA A 93 14.22 8.03 -2.59
N HIS A 94 15.48 7.78 -2.25
CA HIS A 94 16.18 6.59 -2.71
C HIS A 94 15.71 5.37 -1.94
N PHE A 95 15.80 4.20 -2.58
CA PHE A 95 15.38 2.95 -1.96
C PHE A 95 16.48 1.90 -2.01
N LYS A 96 17.47 2.08 -2.88
CA LYS A 96 18.56 1.13 -3.01
C LYS A 96 19.84 1.81 -3.48
N ASP A 97 20.82 1.01 -3.87
CA ASP A 97 22.10 1.53 -4.34
C ASP A 97 21.90 2.70 -5.30
N ASP A 98 20.91 2.56 -6.20
CA ASP A 98 20.62 3.61 -7.16
C ASP A 98 19.13 3.70 -7.48
N LEU A 99 18.33 2.76 -6.97
CA LEU A 99 16.90 2.78 -7.21
C LEU A 99 16.23 3.87 -6.39
N VAL A 100 15.59 4.82 -7.07
CA VAL A 100 14.92 5.92 -6.39
C VAL A 100 13.40 5.79 -6.51
N LEU A 101 12.69 6.39 -5.56
CA LEU A 101 11.24 6.35 -5.55
C LEU A 101 10.66 7.74 -5.72
N VAL A 102 9.81 7.91 -6.74
CA VAL A 102 9.17 9.18 -7.01
C VAL A 102 7.68 9.14 -6.68
N PRO A 103 7.16 10.20 -6.04
CA PRO A 103 5.74 10.28 -5.68
C PRO A 103 4.83 9.89 -6.83
N LEU A 104 3.97 8.90 -6.60
CA LEU A 104 3.06 8.43 -7.64
C LEU A 104 1.60 8.56 -7.19
N THR A 105 1.32 8.15 -5.95
CA THR A 105 -0.05 8.22 -5.43
C THR A 105 -0.07 8.16 -3.91
N THR A 106 -0.76 9.12 -3.30
CA THR A 106 -0.89 9.19 -1.85
C THR A 106 -2.36 9.16 -1.43
N LYS A 107 -2.73 8.15 -0.67
CA LYS A 107 -4.10 8.01 -0.21
C LYS A 107 -4.14 7.53 1.24
N VAL A 108 -5.04 8.12 2.03
CA VAL A 108 -5.18 7.75 3.44
C VAL A 108 -6.23 6.67 3.63
N VAL A 109 -5.93 5.69 4.46
CA VAL A 109 -6.86 4.60 4.73
C VAL A 109 -6.80 4.18 6.19
N GLY A 110 -7.91 4.39 6.91
CA GLY A 110 -7.96 4.02 8.31
C GLY A 110 -7.04 4.89 9.17
N GLY A 111 -7.15 6.21 8.99
CA GLY A 111 -6.32 7.12 9.76
C GLY A 111 -4.84 6.90 9.52
N SER A 112 -4.50 6.41 8.33
CA SER A 112 -3.11 6.16 7.97
C SER A 112 -2.86 6.50 6.51
N ARG A 113 -1.86 7.34 6.28
CA ARG A 113 -1.51 7.76 4.93
C ARG A 113 -0.86 6.61 4.16
N CYS A 114 -1.07 6.58 2.85
CA CYS A 114 -0.50 5.52 2.01
C CYS A 114 -0.01 6.09 0.67
N THR A 115 1.29 6.29 0.57
CA THR A 115 1.88 6.82 -0.66
C THR A 115 2.66 5.74 -1.41
N ILE A 116 2.56 5.77 -2.74
CA ILE A 116 3.29 4.83 -3.58
C ILE A 116 4.16 5.58 -4.55
N CYS A 117 5.35 5.07 -4.79
CA CYS A 117 6.27 5.73 -5.69
C CYS A 117 6.89 4.75 -6.69
N ASP A 118 6.98 5.18 -7.94
CA ASP A 118 7.57 4.36 -8.99
C ASP A 118 9.05 4.15 -8.72
N VAL A 119 9.55 2.96 -9.04
CA VAL A 119 10.95 2.65 -8.81
C VAL A 119 11.78 2.98 -10.03
N VAL A 120 12.51 4.09 -9.95
CA VAL A 120 13.35 4.53 -11.06
C VAL A 120 14.77 4.81 -10.59
N LYS A 121 15.75 4.42 -11.40
CA LYS A 121 17.16 4.62 -11.05
C LYS A 121 17.56 6.09 -11.22
N GLU A 122 18.08 6.67 -10.14
CA GLU A 122 18.50 8.06 -10.15
C GLU A 122 19.73 8.25 -11.04
N GLU A 123 19.52 8.75 -12.24
CA GLU A 123 20.61 8.98 -13.18
C GLU A 123 20.37 10.23 -14.01
#